data_8OWN
#
_entry.id   8OWN
#
_cell.length_a   1.00
_cell.length_b   1.00
_cell.length_c   1.00
_cell.angle_alpha   90.00
_cell.angle_beta   90.00
_cell.angle_gamma   90.00
#
_symmetry.space_group_name_H-M   'P 1'
#
loop_
_entity.id
_entity.type
_entity.pdbx_description
1 polymer 'Glutamate dehydrogenase 2'
2 non-polymer 'CALCIUM ION'
#
_entity_poly.entity_id   1
_entity_poly.type   'polypeptide(L)'
_entity_poly.pdbx_seq_one_letter_code
;SNAMNALAATNRNFRHASRILGLDSKIERSLMIPFREIKVECTIPKDDGTLVSYIGFRVQHDNARGPMKGGIRYHPEVDP
DEVNALAQLMTWKTAVADIPYGGAKGGIGCSPRDLSLSELERLTRVFTQKIHDLIGIHTDVPAPDMGTNAQTMAWILDEY
SKFHGHSPAVVTGKPIDLGGSLGREAATGRGVVFATEALLAEYGKSIQGLTFVIQGFGNVGTWAAKLIHEKGGKVVAVSD
ITGAIRNPEGIDINALIKHKDATGSLNDFNGGDAMNSDELLIHECDVLIPCALGGVLNKENAGDVKAKFIVEAANHPTDP
DADEILSKKGVIILPDIYANAGGVTVSYFEWVQNIQGFMWEEEKVNLELQKYMTRAFHNIKTMCHTHSCNLRMGAFTLGV
NRVARATQLRGWEA
;
_entity_poly.pdbx_strand_id   A,B,C,D,E,F
#
loop_
_chem_comp.id
_chem_comp.type
_chem_comp.name
_chem_comp.formula
CA non-polymer 'CALCIUM ION' 'Ca 2'
#
# COMPACT_ATOMS: atom_id res chain seq x y z
N ASN A 5 33.44 28.50 -11.46
CA ASN A 5 34.48 28.72 -10.47
C ASN A 5 34.13 28.03 -9.16
N ALA A 6 32.85 28.10 -8.79
CA ALA A 6 32.40 27.45 -7.56
C ALA A 6 32.16 25.96 -7.76
N LEU A 7 32.09 25.49 -9.01
CA LEU A 7 31.90 24.06 -9.25
C LEU A 7 33.22 23.33 -9.43
N ALA A 8 34.32 24.05 -9.71
CA ALA A 8 35.61 23.40 -9.87
C ALA A 8 36.30 23.19 -8.53
N ALA A 9 36.01 24.02 -7.53
CA ALA A 9 36.63 23.84 -6.23
C ALA A 9 36.27 22.48 -5.63
N THR A 10 34.98 22.13 -5.68
CA THR A 10 34.53 20.90 -5.05
C THR A 10 35.14 19.66 -5.73
N ASN A 11 35.18 19.63 -7.06
CA ASN A 11 35.69 18.43 -7.69
C ASN A 11 37.21 18.36 -7.62
N ARG A 12 37.91 19.49 -7.67
CA ARG A 12 39.36 19.45 -7.44
C ARG A 12 39.68 18.93 -6.05
N ASN A 13 38.93 19.42 -5.04
CA ASN A 13 39.15 18.93 -3.68
C ASN A 13 38.85 17.45 -3.59
N PHE A 14 37.82 16.97 -4.29
CA PHE A 14 37.54 15.54 -4.25
C PHE A 14 38.69 14.74 -4.85
N ARG A 15 39.24 15.18 -5.98
CA ARG A 15 40.36 14.45 -6.58
C ARG A 15 41.54 14.40 -5.63
N HIS A 16 41.86 15.54 -5.00
CA HIS A 16 42.98 15.54 -4.07
C HIS A 16 42.74 14.61 -2.89
N ALA A 17 41.51 14.63 -2.34
CA ALA A 17 41.20 13.78 -1.20
C ALA A 17 41.25 12.30 -1.58
N SER A 18 40.82 11.96 -2.79
CA SER A 18 40.91 10.58 -3.24
C SER A 18 42.36 10.17 -3.43
N ARG A 19 43.22 11.08 -3.92
CA ARG A 19 44.63 10.77 -4.04
C ARG A 19 45.26 10.51 -2.68
N ILE A 20 44.89 11.31 -1.67
CA ILE A 20 45.47 11.13 -0.34
C ILE A 20 45.06 9.78 0.26
N LEU A 21 43.79 9.42 0.10
CA LEU A 21 43.26 8.20 0.71
C LEU A 21 43.66 6.94 -0.03
N GLY A 22 44.15 7.04 -1.25
CA GLY A 22 44.46 5.85 -2.03
C GLY A 22 43.24 5.02 -2.34
N LEU A 23 42.17 5.66 -2.78
CA LEU A 23 40.93 4.95 -3.07
C LEU A 23 41.04 4.18 -4.38
N ASP A 24 40.27 3.12 -4.48
CA ASP A 24 40.15 2.36 -5.72
C ASP A 24 39.49 3.23 -6.79
N SER A 25 39.86 2.96 -8.05
CA SER A 25 39.29 3.75 -9.15
C SER A 25 37.82 3.42 -9.35
N LYS A 26 37.44 2.16 -9.18
CA LYS A 26 36.04 1.76 -9.35
C LYS A 26 35.15 2.47 -8.35
N ILE A 27 35.59 2.55 -7.09
CA ILE A 27 34.78 3.21 -6.06
C ILE A 27 34.64 4.70 -6.37
N GLU A 28 35.70 5.33 -6.86
CA GLU A 28 35.61 6.74 -7.21
C GLU A 28 34.64 6.96 -8.37
N ARG A 29 34.71 6.10 -9.38
CA ARG A 29 33.76 6.20 -10.48
C ARG A 29 32.32 6.03 -9.98
N SER A 30 32.11 5.10 -9.05
CA SER A 30 30.77 4.92 -8.50
C SER A 30 30.32 6.11 -7.67
N LEU A 31 31.26 6.80 -7.01
CA LEU A 31 30.91 7.98 -6.25
C LEU A 31 30.69 9.21 -7.12
N MET A 32 31.12 9.17 -8.38
CA MET A 32 30.78 10.25 -9.31
C MET A 32 29.32 10.20 -9.75
N ILE A 33 28.80 9.02 -10.06
CA ILE A 33 27.49 8.93 -10.69
C ILE A 33 26.41 9.18 -9.63
N PRO A 34 25.51 10.13 -9.85
CA PRO A 34 24.44 10.37 -8.87
C PRO A 34 23.46 9.21 -8.83
N PHE A 35 22.80 9.08 -7.67
CA PHE A 35 21.84 8.00 -7.50
C PHE A 35 20.66 8.16 -8.45
N ARG A 36 20.18 9.38 -8.66
CA ARG A 36 19.02 9.57 -9.52
C ARG A 36 18.90 11.03 -9.93
N GLU A 37 18.35 11.25 -11.12
CA GLU A 37 18.03 12.59 -11.62
C GLU A 37 16.65 12.58 -12.25
N ILE A 38 15.88 13.64 -12.02
CA ILE A 38 14.50 13.71 -12.45
C ILE A 38 14.22 15.07 -13.05
N LYS A 39 13.50 15.10 -14.18
CA LYS A 39 12.95 16.31 -14.76
C LYS A 39 11.46 16.10 -15.01
N VAL A 40 10.65 17.10 -14.62
CA VAL A 40 9.21 17.03 -14.80
C VAL A 40 8.71 18.36 -15.36
N GLU A 41 7.51 18.33 -15.92
CA GLU A 41 6.88 19.51 -16.50
C GLU A 41 5.79 20.03 -15.57
N CYS A 42 5.82 21.33 -15.26
CA CYS A 42 4.85 21.94 -14.36
C CYS A 42 4.12 23.03 -15.13
N THR A 43 2.84 22.80 -15.42
CA THR A 43 2.05 23.72 -16.22
C THR A 43 0.87 24.22 -15.38
N ILE A 44 0.74 25.54 -15.27
CA ILE A 44 -0.31 26.13 -14.45
C ILE A 44 -1.07 27.20 -15.24
N PRO A 45 -2.34 27.45 -14.91
CA PRO A 45 -3.03 28.61 -15.48
C PRO A 45 -2.80 29.86 -14.64
N LYS A 46 -2.51 30.97 -15.31
CA LYS A 46 -2.25 32.23 -14.62
C LYS A 46 -3.56 32.81 -14.09
N ASP A 47 -3.49 34.00 -13.49
CA ASP A 47 -4.70 34.65 -13.00
C ASP A 47 -5.61 35.05 -14.15
N ASP A 48 -5.04 35.39 -15.31
CA ASP A 48 -5.85 35.72 -16.48
C ASP A 48 -6.62 34.50 -16.96
N GLY A 49 -5.94 33.36 -17.06
CA GLY A 49 -6.54 32.15 -17.60
C GLY A 49 -5.60 31.42 -18.52
N THR A 50 -4.58 32.12 -19.01
CA THR A 50 -3.62 31.53 -19.94
C THR A 50 -2.66 30.60 -19.22
N LEU A 51 -2.08 29.69 -19.99
CA LEU A 51 -1.21 28.65 -19.45
C LEU A 51 0.25 29.09 -19.49
N VAL A 52 1.02 28.61 -18.50
CA VAL A 52 2.46 28.79 -18.47
C VAL A 52 3.09 27.48 -18.05
N SER A 53 4.16 27.08 -18.73
CA SER A 53 4.83 25.81 -18.48
C SER A 53 6.28 26.07 -18.08
N TYR A 54 6.71 25.44 -16.99
CA TYR A 54 8.10 25.44 -16.57
C TYR A 54 8.58 23.99 -16.43
N ILE A 55 9.88 23.85 -16.18
CA ILE A 55 10.52 22.55 -16.04
C ILE A 55 11.16 22.48 -14.67
N GLY A 56 10.73 21.53 -13.85
CA GLY A 56 11.30 21.32 -12.53
C GLY A 56 12.27 20.15 -12.53
N PHE A 57 13.27 20.22 -11.66
CA PHE A 57 14.32 19.22 -11.64
C PHE A 57 14.68 18.85 -10.21
N ARG A 58 15.24 17.66 -10.06
CA ARG A 58 15.66 17.16 -8.76
C ARG A 58 16.81 16.17 -8.95
N VAL A 59 17.92 16.39 -8.26
CA VAL A 59 19.09 15.52 -8.33
C VAL A 59 19.34 14.95 -6.94
N GLN A 60 19.57 13.64 -6.88
CA GLN A 60 19.77 12.93 -5.62
C GLN A 60 21.08 12.14 -5.73
N HIS A 61 22.09 12.55 -4.97
CA HIS A 61 23.44 12.04 -5.19
C HIS A 61 23.66 10.68 -4.54
N ASP A 62 23.63 10.62 -3.21
CA ASP A 62 23.89 9.38 -2.50
C ASP A 62 22.90 9.22 -1.35
N ASN A 63 22.66 7.97 -0.97
CA ASN A 63 21.84 7.64 0.19
C ASN A 63 22.45 6.50 0.98
N ALA A 64 23.78 6.41 0.99
CA ALA A 64 24.44 5.31 1.68
C ALA A 64 24.38 5.45 3.20
N ARG A 65 24.10 6.64 3.71
CA ARG A 65 24.11 6.89 5.15
C ARG A 65 22.75 7.22 5.73
N GLY A 66 21.73 7.37 4.91
CA GLY A 66 20.40 7.68 5.40
C GLY A 66 19.56 8.40 4.38
N PRO A 67 18.60 9.18 4.83
CA PRO A 67 17.79 9.98 3.91
C PRO A 67 18.63 11.01 3.19
N MET A 68 18.04 11.62 2.17
CA MET A 68 18.69 12.65 1.39
C MET A 68 18.20 14.01 1.85
N LYS A 69 19.09 15.00 1.80
CA LYS A 69 18.79 16.34 2.27
C LYS A 69 19.26 17.35 1.22
N GLY A 70 18.45 18.37 0.97
CA GLY A 70 18.82 19.35 -0.02
C GLY A 70 17.76 20.40 -0.18
N GLY A 71 18.13 21.48 -0.86
CA GLY A 71 17.27 22.65 -0.98
C GLY A 71 16.56 22.75 -2.32
N ILE A 72 15.45 23.50 -2.29
CA ILE A 72 14.64 23.79 -3.46
C ILE A 72 14.91 25.22 -3.88
N ARG A 73 15.30 25.42 -5.14
CA ARG A 73 15.73 26.72 -5.64
C ARG A 73 14.81 27.21 -6.74
N TYR A 74 14.38 28.46 -6.63
CA TYR A 74 13.52 29.12 -7.62
C TYR A 74 14.35 30.19 -8.32
N HIS A 75 15.07 29.81 -9.36
CA HIS A 75 15.90 30.75 -10.10
C HIS A 75 15.74 30.53 -11.59
N PRO A 76 15.67 31.60 -12.38
CA PRO A 76 15.43 31.43 -13.82
C PRO A 76 16.49 30.65 -14.56
N GLU A 77 17.76 30.77 -14.18
CA GLU A 77 18.85 30.15 -14.93
C GLU A 77 19.38 28.94 -14.17
N VAL A 78 19.50 27.82 -14.89
CA VAL A 78 19.91 26.55 -14.30
C VAL A 78 21.02 25.95 -15.15
N ASP A 79 21.77 25.04 -14.55
CA ASP A 79 22.84 24.33 -15.23
C ASP A 79 23.05 22.97 -14.58
N PRO A 80 23.00 21.88 -15.35
CA PRO A 80 23.13 20.55 -14.74
C PRO A 80 24.45 20.35 -14.01
N ASP A 81 25.55 20.91 -14.51
CA ASP A 81 26.84 20.75 -13.86
C ASP A 81 26.85 21.42 -12.49
N GLU A 82 26.31 22.63 -12.41
CA GLU A 82 26.25 23.33 -11.13
C GLU A 82 25.38 22.57 -10.13
N VAL A 83 24.25 22.03 -10.58
CA VAL A 83 23.35 21.30 -9.69
C VAL A 83 24.02 20.03 -9.18
N ASN A 84 24.70 19.30 -10.06
CA ASN A 84 25.41 18.10 -9.64
C ASN A 84 26.50 18.44 -8.64
N ALA A 85 27.24 19.51 -8.88
CA ALA A 85 28.30 19.91 -7.95
C ALA A 85 27.72 20.27 -6.59
N LEU A 86 26.60 20.99 -6.57
CA LEU A 86 25.99 21.37 -5.31
C LEU A 86 25.50 20.15 -4.54
N ALA A 87 24.90 19.18 -5.25
CA ALA A 87 24.46 17.96 -4.57
C ALA A 87 25.63 17.21 -3.97
N GLN A 88 26.72 17.07 -4.72
CA GLN A 88 27.90 16.40 -4.21
C GLN A 88 28.48 17.12 -3.00
N LEU A 89 28.53 18.45 -3.06
CA LEU A 89 29.03 19.21 -1.92
C LEU A 89 28.17 19.00 -0.69
N MET A 90 26.85 18.94 -0.87
CA MET A 90 25.98 18.68 0.28
C MET A 90 26.26 17.30 0.86
N THR A 91 26.51 16.31 0.01
CA THR A 91 26.87 14.98 0.51
C THR A 91 28.11 15.04 1.40
N TRP A 92 29.17 15.66 0.90
CA TRP A 92 30.40 15.72 1.71
C TRP A 92 30.20 16.52 2.99
N LYS A 93 29.49 17.64 2.90
CA LYS A 93 29.28 18.49 4.09
C LYS A 93 28.51 17.75 5.15
N THR A 94 27.47 17.02 4.76
CA THR A 94 26.73 16.21 5.72
C THR A 94 27.60 15.12 6.32
N ALA A 95 28.47 14.51 5.51
CA ALA A 95 29.37 13.50 6.05
C ALA A 95 30.32 14.09 7.08
N VAL A 96 30.76 15.33 6.87
CA VAL A 96 31.69 15.95 7.81
C VAL A 96 31.01 16.21 9.15
N ALA A 97 29.82 16.82 9.13
CA ALA A 97 29.14 17.18 10.36
C ALA A 97 28.65 15.98 11.14
N ASP A 98 28.68 14.78 10.56
CA ASP A 98 28.29 13.53 11.21
C ASP A 98 26.81 13.53 11.61
N ILE A 99 25.96 13.77 10.62
CA ILE A 99 24.52 13.60 10.78
C ILE A 99 24.08 12.59 9.74
N PRO A 100 23.08 11.75 10.03
CA PRO A 100 22.76 10.65 9.11
C PRO A 100 21.89 11.07 7.93
N TYR A 101 22.52 11.73 6.96
CA TYR A 101 21.84 12.24 5.78
C TYR A 101 22.68 11.98 4.53
N GLY A 102 22.09 12.27 3.38
CA GLY A 102 22.79 12.21 2.11
C GLY A 102 22.82 13.56 1.43
N GLY A 103 22.78 13.60 0.12
CA GLY A 103 22.80 14.87 -0.58
C GLY A 103 21.83 14.97 -1.75
N ALA A 104 21.22 16.14 -1.91
CA ALA A 104 20.29 16.36 -3.00
C ALA A 104 20.19 17.84 -3.29
N LYS A 105 19.54 18.15 -4.40
CA LYS A 105 19.31 19.55 -4.79
C LYS A 105 18.26 19.63 -5.89
N GLY A 106 17.29 20.52 -5.77
CA GLY A 106 16.26 20.59 -6.79
C GLY A 106 15.78 22.01 -6.96
N GLY A 107 14.84 22.18 -7.88
CA GLY A 107 14.27 23.50 -8.06
C GLY A 107 13.39 23.58 -9.28
N ILE A 108 12.97 24.82 -9.56
CA ILE A 108 12.13 25.15 -10.72
C ILE A 108 12.79 26.29 -11.45
N GLY A 109 12.80 26.22 -12.78
CA GLY A 109 13.38 27.28 -13.58
C GLY A 109 12.42 28.41 -13.88
N CYS A 110 12.09 29.20 -12.86
CA CYS A 110 11.16 30.31 -13.02
C CYS A 110 11.67 31.50 -12.22
N SER A 111 11.13 32.67 -12.54
CA SER A 111 11.47 33.89 -11.81
C SER A 111 10.33 34.27 -10.89
N PRO A 112 10.49 34.14 -9.57
CA PRO A 112 9.37 34.39 -8.66
C PRO A 112 8.99 35.84 -8.50
N ARG A 113 9.73 36.77 -9.10
CA ARG A 113 9.39 38.18 -8.99
C ARG A 113 8.30 38.60 -9.97
N ASP A 114 7.89 37.70 -10.86
CA ASP A 114 6.86 38.00 -11.85
C ASP A 114 5.53 37.33 -11.55
N LEU A 115 5.48 36.42 -10.59
CA LEU A 115 4.26 35.70 -10.25
C LEU A 115 3.66 36.27 -8.97
N SER A 116 2.34 36.35 -8.93
CA SER A 116 1.66 36.79 -7.72
C SER A 116 1.73 35.69 -6.66
N LEU A 117 1.04 35.90 -5.55
CA LEU A 117 1.06 34.92 -4.48
C LEU A 117 0.30 33.66 -4.86
N SER A 118 -0.90 33.83 -5.44
CA SER A 118 -1.72 32.68 -5.80
C SER A 118 -1.04 31.82 -6.86
N GLU A 119 -0.45 32.45 -7.87
CA GLU A 119 0.24 31.69 -8.91
C GLU A 119 1.43 30.94 -8.32
N LEU A 120 2.12 31.56 -7.37
CA LEU A 120 3.27 30.90 -6.76
C LEU A 120 2.83 29.68 -5.96
N GLU A 121 1.72 29.80 -5.25
CA GLU A 121 1.17 28.65 -4.52
C GLU A 121 0.77 27.53 -5.48
N ARG A 122 0.11 27.88 -6.59
CA ARG A 122 -0.27 26.88 -7.57
C ARG A 122 0.94 26.15 -8.13
N LEU A 123 2.00 26.91 -8.43
CA LEU A 123 3.22 26.30 -8.95
C LEU A 123 3.82 25.32 -7.95
N THR A 124 3.89 25.73 -6.67
CA THR A 124 4.45 24.85 -5.66
C THR A 124 3.64 23.57 -5.52
N ARG A 125 2.31 23.70 -5.49
CA ARG A 125 1.46 22.52 -5.32
C ARG A 125 1.59 21.58 -6.51
N VAL A 126 1.64 22.12 -7.73
CA VAL A 126 1.77 21.25 -8.90
C VAL A 126 3.12 20.53 -8.90
N PHE A 127 4.20 21.24 -8.56
CA PHE A 127 5.50 20.59 -8.45
C PHE A 127 5.46 19.45 -7.45
N THR A 128 4.84 19.68 -6.29
CA THR A 128 4.75 18.63 -5.28
C THR A 128 3.95 17.44 -5.80
N GLN A 129 2.84 17.69 -6.49
CA GLN A 129 2.06 16.59 -7.06
C GLN A 129 2.89 15.78 -8.04
N LYS A 130 3.77 16.44 -8.80
CA LYS A 130 4.55 15.70 -9.79
C LYS A 130 5.69 14.92 -9.16
N ILE A 131 6.26 15.37 -8.04
CA ILE A 131 7.39 14.62 -7.48
C ILE A 131 7.03 13.96 -6.15
N HIS A 132 5.76 13.65 -5.93
CA HIS A 132 5.35 13.21 -4.59
C HIS A 132 5.87 11.82 -4.25
N ASP A 133 6.05 10.96 -5.23
CA ASP A 133 6.44 9.59 -4.97
C ASP A 133 7.95 9.39 -4.94
N LEU A 134 8.73 10.47 -5.05
CA LEU A 134 10.18 10.38 -5.00
C LEU A 134 10.77 11.06 -3.78
N ILE A 135 9.94 11.60 -2.88
CA ILE A 135 10.39 12.17 -1.63
C ILE A 135 9.66 11.45 -0.50
N GLY A 136 10.06 11.76 0.73
CA GLY A 136 9.43 11.12 1.87
C GLY A 136 10.19 11.42 3.14
N ILE A 137 9.69 10.85 4.23
CA ILE A 137 10.30 11.08 5.54
C ILE A 137 11.66 10.40 5.63
N HIS A 138 11.76 9.17 5.15
CA HIS A 138 13.01 8.42 5.17
C HIS A 138 13.60 8.26 3.77
N THR A 139 13.19 9.09 2.82
CA THR A 139 13.68 9.03 1.45
C THR A 139 14.38 10.30 1.03
N ASP A 140 13.73 11.46 1.19
CA ASP A 140 14.29 12.73 0.73
C ASP A 140 13.54 13.89 1.36
N VAL A 141 14.25 14.80 2.01
CA VAL A 141 13.66 15.86 2.82
C VAL A 141 14.04 17.20 2.22
N PRO A 142 13.13 17.86 1.52
CA PRO A 142 13.44 19.19 0.96
C PRO A 142 13.61 20.25 2.04
N ALA A 143 14.32 21.30 1.69
CA ALA A 143 14.57 22.44 2.56
C ALA A 143 14.48 23.71 1.73
N PRO A 144 14.24 24.85 2.37
CA PRO A 144 14.18 26.11 1.62
C PRO A 144 15.56 26.60 1.20
N ASP A 145 15.56 27.41 0.15
CA ASP A 145 16.79 27.95 -0.41
C ASP A 145 16.46 29.34 -0.95
N MET A 146 17.33 29.88 -1.80
CA MET A 146 17.11 31.23 -2.31
C MET A 146 15.95 31.23 -3.29
N GLY A 147 15.11 32.24 -3.20
CA GLY A 147 13.84 32.26 -3.90
C GLY A 147 12.73 31.51 -3.19
N THR A 148 13.00 30.95 -2.02
CA THR A 148 12.05 30.13 -1.29
C THR A 148 12.12 30.50 0.19
N ASN A 149 10.98 30.37 0.88
CA ASN A 149 10.90 30.68 2.30
C ASN A 149 9.99 29.66 2.98
N ALA A 150 9.58 29.96 4.22
CA ALA A 150 8.86 28.99 5.02
C ALA A 150 7.45 28.73 4.49
N GLN A 151 6.83 29.72 3.86
CA GLN A 151 5.49 29.54 3.32
C GLN A 151 5.48 28.46 2.25
N THR A 152 6.52 28.40 1.42
CA THR A 152 6.60 27.35 0.41
C THR A 152 6.68 25.98 1.05
N MET A 153 7.44 25.85 2.13
CA MET A 153 7.46 24.59 2.86
C MET A 153 6.09 24.24 3.44
N ALA A 154 5.34 25.23 3.89
CA ALA A 154 3.98 24.95 4.36
C ALA A 154 3.11 24.40 3.23
N TRP A 155 3.21 24.98 2.04
CA TRP A 155 2.41 24.48 0.91
C TRP A 155 2.83 23.07 0.50
N ILE A 156 4.13 22.80 0.48
CA ILE A 156 4.61 21.47 0.15
C ILE A 156 4.10 20.46 1.17
N LEU A 157 4.16 20.81 2.45
CA LEU A 157 3.65 19.93 3.50
C LEU A 157 2.18 19.65 3.30
N ASP A 158 1.40 20.68 2.96
CA ASP A 158 -0.03 20.49 2.77
C ASP A 158 -0.32 19.49 1.66
N GLU A 159 0.33 19.66 0.50
CA GLU A 159 0.05 18.77 -0.62
C GLU A 159 0.51 17.34 -0.32
N TYR A 160 1.71 17.18 0.22
CA TYR A 160 2.19 15.85 0.53
C TYR A 160 1.29 15.17 1.57
N SER A 161 0.75 15.95 2.51
CA SER A 161 -0.19 15.38 3.47
C SER A 161 -1.47 14.93 2.79
N LYS A 162 -1.96 15.70 1.81
CA LYS A 162 -3.10 15.24 1.03
C LYS A 162 -2.82 13.88 0.42
N PHE A 163 -1.58 13.64 -0.01
CA PHE A 163 -1.30 12.37 -0.67
C PHE A 163 -1.08 11.22 0.31
N HIS A 164 -0.20 11.40 1.30
CA HIS A 164 0.26 10.31 2.15
C HIS A 164 -0.17 10.46 3.61
N GLY A 165 -1.13 11.31 3.91
CA GLY A 165 -1.52 11.56 5.28
C GLY A 165 -0.57 12.52 5.98
N HIS A 166 -0.94 12.90 7.20
CA HIS A 166 -0.20 13.92 7.93
C HIS A 166 1.24 13.49 8.20
N SER A 167 2.19 14.15 7.52
CA SER A 167 3.61 13.84 7.63
C SER A 167 4.38 15.13 7.88
N PRO A 168 4.42 15.60 9.13
CA PRO A 168 5.08 16.88 9.40
C PRO A 168 6.58 16.86 9.19
N ALA A 169 7.22 15.70 9.13
CA ALA A 169 8.66 15.60 9.08
C ALA A 169 9.19 15.48 7.65
N VAL A 170 8.35 15.71 6.65
CA VAL A 170 8.79 15.60 5.26
C VAL A 170 9.61 16.81 4.82
N VAL A 171 9.43 17.97 5.46
CA VAL A 171 10.16 19.17 5.13
C VAL A 171 10.73 19.77 6.40
N THR A 172 11.75 20.59 6.24
CA THR A 172 12.34 21.34 7.33
C THR A 172 12.33 22.82 6.99
N GLY A 173 12.29 23.65 8.02
CA GLY A 173 12.15 25.08 7.83
C GLY A 173 10.73 25.59 7.88
N LYS A 174 9.81 24.81 8.45
CA LYS A 174 8.42 25.21 8.53
C LYS A 174 8.25 26.35 9.52
N PRO A 175 7.12 27.07 9.45
CA PRO A 175 6.82 28.07 10.48
C PRO A 175 6.76 27.44 11.86
N ILE A 176 6.80 28.29 12.88
CA ILE A 176 6.87 27.81 14.25
C ILE A 176 5.58 27.10 14.64
N ASP A 177 4.43 27.62 14.21
CA ASP A 177 3.16 27.04 14.59
C ASP A 177 2.75 25.84 13.75
N LEU A 178 3.52 25.51 12.71
CA LEU A 178 3.29 24.30 11.94
C LEU A 178 4.27 23.19 12.28
N GLY A 179 5.09 23.37 13.31
CA GLY A 179 6.02 22.34 13.71
C GLY A 179 7.47 22.72 13.55
N GLY A 180 7.76 24.02 13.52
CA GLY A 180 9.12 24.49 13.38
C GLY A 180 9.91 24.33 14.66
N SER A 181 11.20 24.66 14.55
CA SER A 181 12.14 24.50 15.66
C SER A 181 12.62 25.85 16.14
N LEU A 182 12.89 25.93 17.44
CA LEU A 182 13.41 27.15 18.03
C LEU A 182 14.92 27.24 17.82
N GLY A 183 15.41 28.47 17.66
CA GLY A 183 16.82 28.69 17.46
C GLY A 183 17.30 28.56 16.04
N ARG A 184 16.41 28.71 15.05
CA ARG A 184 16.83 28.59 13.67
C ARG A 184 17.56 29.82 13.17
N GLU A 185 17.13 31.01 13.61
CA GLU A 185 17.67 32.24 13.04
C GLU A 185 19.12 32.46 13.44
N ALA A 186 19.50 32.00 14.62
CA ALA A 186 20.84 32.24 15.15
C ALA A 186 21.75 31.03 15.04
N ALA A 187 21.38 30.04 14.23
CA ALA A 187 22.13 28.78 14.19
C ALA A 187 23.52 28.98 13.60
N THR A 188 23.62 29.71 12.49
CA THR A 188 24.90 29.81 11.80
C THR A 188 25.91 30.63 12.59
N GLY A 189 25.47 31.74 13.19
CA GLY A 189 26.37 32.51 14.03
C GLY A 189 26.84 31.74 15.25
N ARG A 190 25.92 31.03 15.90
CA ARG A 190 26.30 30.15 17.00
C ARG A 190 27.35 29.15 16.56
N GLY A 191 27.14 28.54 15.38
CA GLY A 191 28.10 27.56 14.89
C GLY A 191 29.47 28.18 14.63
N VAL A 192 29.49 29.37 14.02
CA VAL A 192 30.77 30.02 13.75
C VAL A 192 31.50 30.34 15.05
N VAL A 193 30.77 30.82 16.05
CA VAL A 193 31.40 31.13 17.33
C VAL A 193 31.96 29.86 17.98
N PHE A 194 31.20 28.77 17.96
CA PHE A 194 31.67 27.53 18.56
C PHE A 194 32.92 27.00 17.84
N ALA A 195 32.91 27.06 16.52
CA ALA A 195 34.08 26.61 15.76
C ALA A 195 35.31 27.47 16.05
N THR A 196 35.12 28.79 16.12
CA THR A 196 36.24 29.67 16.44
C THR A 196 36.78 29.40 17.83
N GLU A 197 35.88 29.18 18.80
CA GLU A 197 36.33 28.87 20.15
C GLU A 197 37.15 27.59 20.18
N ALA A 198 36.70 26.55 19.48
CA ALA A 198 37.44 25.29 19.46
C ALA A 198 38.81 25.48 18.80
N LEU A 199 38.85 26.20 17.68
CA LEU A 199 40.12 26.43 17.00
C LEU A 199 41.10 27.19 17.88
N LEU A 200 40.61 28.22 18.57
CA LEU A 200 41.49 28.97 19.47
C LEU A 200 41.98 28.11 20.61
N ALA A 201 41.08 27.35 21.24
CA ALA A 201 41.46 26.52 22.37
C ALA A 201 42.42 25.41 21.95
N GLU A 202 42.47 25.08 20.66
CA GLU A 202 43.46 24.12 20.19
C GLU A 202 44.88 24.59 20.51
N TYR A 203 45.17 25.87 20.27
CA TYR A 203 46.51 26.41 20.45
C TYR A 203 46.77 26.95 21.84
N GLY A 204 45.77 26.94 22.72
CA GLY A 204 45.93 27.38 24.09
C GLY A 204 45.40 28.76 24.40
N LYS A 205 44.98 29.52 23.39
CA LYS A 205 44.43 30.84 23.62
C LYS A 205 42.95 30.74 23.98
N SER A 206 42.27 31.88 24.01
CA SER A 206 40.84 31.93 24.27
C SER A 206 40.28 33.19 23.64
N ILE A 207 38.95 33.22 23.50
CA ILE A 207 38.29 34.35 22.86
C ILE A 207 38.44 35.61 23.70
N GLN A 208 38.39 35.47 25.02
CA GLN A 208 38.48 36.62 25.91
C GLN A 208 39.82 37.32 25.76
N GLY A 209 39.80 38.52 25.18
CA GLY A 209 41.01 39.31 25.06
C GLY A 209 41.72 39.21 23.73
N LEU A 210 40.97 39.07 22.64
CA LEU A 210 41.54 39.01 21.30
C LEU A 210 40.85 40.05 20.41
N THR A 211 41.32 40.16 19.18
CA THR A 211 40.86 41.18 18.24
C THR A 211 40.24 40.52 17.03
N PHE A 212 39.05 41.00 16.65
CA PHE A 212 38.26 40.39 15.59
C PHE A 212 37.89 41.44 14.55
N VAL A 213 37.96 41.07 13.28
CA VAL A 213 37.54 41.91 12.17
C VAL A 213 36.51 41.15 11.36
N ILE A 214 35.28 41.67 11.31
CA ILE A 214 34.14 40.97 10.73
C ILE A 214 33.68 41.74 9.50
N GLN A 215 33.51 41.02 8.39
CA GLN A 215 33.11 41.64 7.12
C GLN A 215 31.66 41.29 6.83
N GLY A 216 30.76 42.19 7.19
CA GLY A 216 29.36 42.07 6.80
C GLY A 216 28.38 41.93 7.96
N PHE A 217 27.16 42.41 7.74
CA PHE A 217 26.04 42.23 8.66
C PHE A 217 24.82 41.56 8.05
N GLY A 218 25.01 40.41 7.41
CA GLY A 218 23.89 39.52 7.21
C GLY A 218 23.51 38.90 8.54
N ASN A 219 22.66 37.88 8.56
CA ASN A 219 22.32 37.23 9.82
C ASN A 219 23.57 36.67 10.49
N VAL A 220 24.42 36.01 9.69
CA VAL A 220 25.64 35.38 10.22
C VAL A 220 26.52 36.42 10.88
N GLY A 221 26.76 37.54 10.18
CA GLY A 221 27.69 38.54 10.70
C GLY A 221 27.21 39.17 11.98
N THR A 222 25.95 39.61 12.01
CA THR A 222 25.44 40.27 13.21
C THR A 222 25.40 39.31 14.39
N TRP A 223 24.97 38.06 14.16
CA TRP A 223 24.88 37.13 15.28
C TRP A 223 26.27 36.76 15.81
N ALA A 224 27.23 36.55 14.89
CA ALA A 224 28.59 36.24 15.34
C ALA A 224 29.19 37.40 16.11
N ALA A 225 28.97 38.64 15.62
CA ALA A 225 29.51 39.80 16.32
C ALA A 225 28.91 39.93 17.72
N LYS A 226 27.59 39.76 17.83
CA LYS A 226 26.95 39.89 19.13
C LYS A 226 27.44 38.83 20.10
N LEU A 227 27.52 37.58 19.63
CA LEU A 227 27.98 36.50 20.50
C LEU A 227 29.43 36.70 20.92
N ILE A 228 30.28 37.12 19.99
CA ILE A 228 31.69 37.35 20.33
C ILE A 228 31.82 38.47 21.35
N HIS A 229 31.10 39.58 21.16
CA HIS A 229 31.17 40.66 22.12
C HIS A 229 30.66 40.23 23.49
N GLU A 230 29.61 39.41 23.52
CA GLU A 230 29.12 38.90 24.79
C GLU A 230 30.16 38.01 25.47
N LYS A 231 30.88 37.20 24.69
CA LYS A 231 31.83 36.25 25.28
C LYS A 231 32.95 36.98 26.01
N GLY A 232 33.40 38.11 25.49
CA GLY A 232 34.46 38.86 26.13
C GLY A 232 35.50 39.42 25.19
N GLY A 233 35.32 39.21 23.88
CA GLY A 233 36.24 39.77 22.91
C GLY A 233 35.88 41.18 22.51
N LYS A 234 36.77 41.78 21.73
CA LYS A 234 36.58 43.15 21.23
C LYS A 234 36.70 43.16 19.72
N VAL A 235 35.74 43.78 19.06
CA VAL A 235 35.72 43.91 17.60
C VAL A 235 36.15 45.32 17.24
N VAL A 236 37.02 45.44 16.24
CA VAL A 236 37.66 46.72 15.92
C VAL A 236 37.37 47.19 14.51
N ALA A 237 36.64 46.45 13.70
CA ALA A 237 36.34 46.88 12.35
C ALA A 237 35.09 46.17 11.86
N VAL A 238 34.22 46.92 11.20
CA VAL A 238 32.95 46.38 10.69
C VAL A 238 32.71 46.95 9.30
N SER A 239 32.25 46.09 8.39
CA SER A 239 31.93 46.49 7.03
C SER A 239 30.44 46.33 6.77
N ASP A 240 30.05 46.62 5.54
CA ASP A 240 28.70 46.47 5.04
C ASP A 240 28.73 46.67 3.53
N ILE A 241 27.56 46.58 2.90
CA ILE A 241 27.49 46.91 1.48
C ILE A 241 27.71 48.41 1.28
N THR A 242 27.33 49.22 2.26
CA THR A 242 27.44 50.67 2.17
C THR A 242 28.07 51.19 3.46
N GLY A 243 29.39 51.32 3.47
CA GLY A 243 30.07 51.93 4.59
C GLY A 243 30.88 50.92 5.40
N ALA A 244 31.77 51.46 6.23
CA ALA A 244 32.64 50.64 7.07
C ALA A 244 33.21 51.53 8.17
N ILE A 245 33.26 51.00 9.40
CA ILE A 245 33.70 51.77 10.55
C ILE A 245 34.78 51.00 11.30
N ARG A 246 35.51 51.74 12.14
CA ARG A 246 36.64 51.21 12.88
C ARG A 246 36.67 51.83 14.27
N ASN A 247 37.19 51.07 15.23
CA ASN A 247 37.45 51.58 16.57
C ASN A 247 38.54 50.73 17.23
N PRO A 248 39.70 51.33 17.56
CA PRO A 248 40.81 50.52 18.07
C PRO A 248 40.56 49.85 19.41
N GLU A 249 39.63 50.36 20.22
CA GLU A 249 39.40 49.81 21.55
C GLU A 249 38.08 49.04 21.66
N GLY A 250 37.40 48.78 20.56
CA GLY A 250 36.20 47.98 20.61
C GLY A 250 34.96 48.80 20.27
N ILE A 251 34.03 48.17 19.56
CA ILE A 251 32.80 48.81 19.11
C ILE A 251 31.64 48.21 19.91
N ASP A 252 30.78 49.08 20.42
CA ASP A 252 29.58 48.62 21.12
C ASP A 252 28.61 48.04 20.11
N ILE A 253 28.60 46.70 20.00
CA ILE A 253 27.74 46.05 19.03
C ILE A 253 26.27 46.24 19.40
N ASN A 254 25.96 46.18 20.70
CA ASN A 254 24.56 46.33 21.12
C ASN A 254 24.01 47.69 20.73
N ALA A 255 24.84 48.73 20.75
CA ALA A 255 24.40 50.04 20.27
C ALA A 255 24.38 50.10 18.74
N LEU A 256 25.32 49.43 18.09
CA LEU A 256 25.39 49.50 16.64
C LEU A 256 24.19 48.82 16.00
N ILE A 257 23.68 47.75 16.61
CA ILE A 257 22.54 47.05 16.07
C ILE A 257 21.31 47.96 16.04
N LYS A 258 21.06 48.68 17.12
CA LYS A 258 19.92 49.60 17.13
C LYS A 258 20.19 50.83 16.29
N HIS A 259 21.45 51.23 16.13
CA HIS A 259 21.76 52.31 15.20
C HIS A 259 21.40 51.92 13.76
N LYS A 260 21.75 50.70 13.36
CA LYS A 260 21.41 50.25 12.02
C LYS A 260 19.91 50.08 11.84
N ASP A 261 19.18 49.85 12.93
CA ASP A 261 17.74 49.68 12.85
C ASP A 261 17.06 50.95 12.34
N ALA A 262 17.50 52.12 12.84
CA ALA A 262 16.87 53.37 12.47
C ALA A 262 17.54 54.00 11.25
N THR A 263 18.84 54.27 11.34
CA THR A 263 19.55 54.91 10.23
C THR A 263 19.55 54.03 8.99
N GLY A 264 19.75 52.73 9.16
CA GLY A 264 19.85 51.83 8.02
C GLY A 264 21.23 51.75 7.40
N SER A 265 22.24 52.33 8.05
CA SER A 265 23.60 52.30 7.52
C SER A 265 24.56 52.26 8.70
N LEU A 266 25.85 52.42 8.41
CA LEU A 266 26.87 52.53 9.44
C LEU A 266 27.52 53.91 9.46
N ASN A 267 26.94 54.89 8.78
CA ASN A 267 27.51 56.21 8.74
C ASN A 267 27.13 57.02 9.98
N ASP A 268 28.05 57.87 10.42
CA ASP A 268 27.84 58.75 11.57
C ASP A 268 27.53 57.96 12.84
N PHE A 269 28.27 56.89 13.07
CA PHE A 269 28.17 56.18 14.33
C PHE A 269 28.87 56.96 15.44
N ASN A 270 28.52 56.64 16.68
CA ASN A 270 29.07 57.35 17.83
C ASN A 270 30.46 56.82 18.20
N GLY A 271 30.56 55.55 18.55
CA GLY A 271 31.82 54.98 19.00
C GLY A 271 32.66 54.35 17.93
N GLY A 272 33.04 55.13 16.92
CA GLY A 272 33.86 54.62 15.84
C GLY A 272 33.94 55.57 14.66
N ASP A 273 35.08 55.61 14.00
CA ASP A 273 35.29 56.52 12.88
C ASP A 273 35.21 55.76 11.56
N ALA A 274 34.68 56.43 10.54
CA ALA A 274 34.52 55.82 9.23
C ALA A 274 35.88 55.50 8.62
N MET A 275 35.91 54.46 7.79
CA MET A 275 37.13 54.01 7.16
C MET A 275 36.85 53.58 5.73
N ASN A 276 37.90 53.55 4.93
CA ASN A 276 37.76 53.10 3.55
C ASN A 276 37.34 51.63 3.51
N SER A 277 36.46 51.31 2.57
CA SER A 277 35.85 49.99 2.48
C SER A 277 36.73 48.98 1.77
N ASP A 278 38.02 49.25 1.61
CA ASP A 278 38.94 48.33 0.96
C ASP A 278 40.21 48.10 1.77
N GLU A 279 40.26 48.57 3.01
CA GLU A 279 41.45 48.46 3.83
C GLU A 279 41.25 47.59 5.07
N LEU A 280 40.00 47.37 5.50
CA LEU A 280 39.76 46.63 6.73
C LEU A 280 40.27 45.19 6.63
N LEU A 281 40.34 44.64 5.43
CA LEU A 281 40.89 43.30 5.26
C LEU A 281 42.37 43.24 5.59
N ILE A 282 43.04 44.39 5.71
CA ILE A 282 44.46 44.44 6.03
C ILE A 282 44.71 45.00 7.43
N HIS A 283 43.67 45.15 8.25
CA HIS A 283 43.85 45.66 9.60
C HIS A 283 44.64 44.68 10.46
N GLU A 284 45.33 45.21 11.46
CA GLU A 284 45.90 44.38 12.50
C GLU A 284 44.77 43.74 13.32
N CYS A 285 44.82 42.42 13.44
CA CYS A 285 43.77 41.70 14.16
C CYS A 285 44.26 40.30 14.48
N ASP A 286 43.49 39.62 15.32
CA ASP A 286 43.79 38.22 15.63
C ASP A 286 42.98 37.28 14.76
N VAL A 287 41.70 37.57 14.55
CA VAL A 287 40.80 36.73 13.78
C VAL A 287 40.11 37.58 12.73
N LEU A 288 40.04 37.07 11.51
CA LEU A 288 39.35 37.72 10.41
C LEU A 288 38.22 36.83 9.93
N ILE A 289 37.01 37.38 9.88
CA ILE A 289 35.81 36.61 9.58
C ILE A 289 35.07 37.24 8.39
N PRO A 290 35.29 36.77 7.18
CA PRO A 290 34.46 37.21 6.05
C PRO A 290 33.11 36.50 6.05
N CYS A 291 32.03 37.26 5.94
CA CYS A 291 30.69 36.71 6.03
C CYS A 291 29.76 37.09 4.89
N ALA A 292 30.23 37.83 3.89
CA ALA A 292 29.34 38.38 2.87
C ALA A 292 29.55 37.76 1.50
N LEU A 293 30.76 37.82 0.96
CA LEU A 293 31.01 37.41 -0.41
C LEU A 293 32.13 36.37 -0.46
N GLY A 294 32.24 35.71 -1.61
CA GLY A 294 33.27 34.71 -1.84
C GLY A 294 34.29 35.20 -2.84
N GLY A 295 35.51 34.67 -2.74
CA GLY A 295 36.59 35.07 -3.61
C GLY A 295 37.21 36.41 -3.28
N VAL A 296 36.93 36.97 -2.09
CA VAL A 296 37.44 38.28 -1.75
C VAL A 296 38.93 38.28 -1.45
N LEU A 297 39.54 37.11 -1.34
CA LEU A 297 40.98 36.99 -1.11
C LEU A 297 41.62 36.39 -2.36
N ASN A 298 42.62 37.07 -2.90
CA ASN A 298 43.28 36.66 -4.13
C ASN A 298 44.74 37.11 -4.08
N LYS A 299 45.41 37.10 -5.24
CA LYS A 299 46.85 37.31 -5.27
C LYS A 299 47.25 38.68 -4.72
N GLU A 300 46.51 39.72 -5.10
CA GLU A 300 46.85 41.07 -4.68
C GLU A 300 46.74 41.22 -3.17
N ASN A 301 45.68 40.70 -2.57
CA ASN A 301 45.47 40.85 -1.13
C ASN A 301 46.25 39.83 -0.31
N ALA A 302 46.76 38.77 -0.94
CA ALA A 302 47.35 37.67 -0.19
C ALA A 302 48.59 38.11 0.58
N GLY A 303 49.45 38.91 -0.06
CA GLY A 303 50.68 39.31 0.61
C GLY A 303 50.49 40.37 1.68
N ASP A 304 49.40 41.12 1.63
CA ASP A 304 49.21 42.24 2.54
C ASP A 304 48.59 41.86 3.87
N VAL A 305 47.77 40.81 3.90
CA VAL A 305 47.07 40.46 5.13
C VAL A 305 48.06 40.10 6.23
N LYS A 306 47.71 40.47 7.46
CA LYS A 306 48.56 40.22 8.63
C LYS A 306 47.74 39.66 9.79
N ALA A 307 46.74 38.84 9.48
CA ALA A 307 45.97 38.17 10.51
C ALA A 307 46.64 36.85 10.89
N LYS A 308 46.21 36.29 12.02
CA LYS A 308 46.73 35.02 12.49
C LYS A 308 45.74 33.86 12.37
N PHE A 309 44.46 34.13 12.18
CA PHE A 309 43.45 33.11 12.03
C PHE A 309 42.37 33.62 11.09
N ILE A 310 41.97 32.80 10.13
CA ILE A 310 40.91 33.12 9.20
C ILE A 310 39.82 32.08 9.33
N VAL A 311 38.59 32.52 9.52
CA VAL A 311 37.43 31.64 9.67
C VAL A 311 36.50 31.93 8.49
N GLU A 312 36.33 30.95 7.60
CA GLU A 312 35.58 31.14 6.37
C GLU A 312 34.11 30.86 6.64
N ALA A 313 33.39 31.88 7.09
CA ALA A 313 31.97 31.76 7.34
C ALA A 313 31.11 31.95 6.09
N ALA A 314 31.73 32.33 4.98
CA ALA A 314 31.03 32.53 3.72
C ALA A 314 31.26 31.31 2.81
N ASN A 315 30.83 31.42 1.56
CA ASN A 315 30.96 30.33 0.60
C ASN A 315 32.12 30.64 -0.33
N HIS A 316 33.19 29.85 -0.22
CA HIS A 316 34.39 29.95 -1.05
C HIS A 316 35.00 31.34 -1.05
N PRO A 317 35.55 31.81 0.07
CA PRO A 317 36.15 33.15 0.09
C PRO A 317 37.63 33.16 -0.29
N THR A 318 38.24 32.00 -0.45
CA THR A 318 39.68 31.89 -0.65
C THR A 318 39.99 31.16 -1.95
N ASP A 319 40.90 31.72 -2.74
CA ASP A 319 41.43 31.14 -3.97
C ASP A 319 42.63 30.25 -3.68
N PRO A 320 42.93 29.28 -4.55
CA PRO A 320 44.02 28.33 -4.24
C PRO A 320 45.39 28.97 -4.12
N ASP A 321 45.75 29.87 -5.04
CA ASP A 321 47.05 30.53 -4.97
C ASP A 321 47.17 31.37 -3.71
N ALA A 322 46.10 32.08 -3.35
CA ALA A 322 46.09 32.80 -2.08
C ALA A 322 46.24 31.83 -0.92
N ASP A 323 45.64 30.64 -1.02
CA ASP A 323 45.76 29.66 0.04
C ASP A 323 47.21 29.21 0.22
N GLU A 324 47.91 28.97 -0.88
CA GLU A 324 49.32 28.57 -0.76
C GLU A 324 50.19 29.71 -0.26
N ILE A 325 49.91 30.94 -0.70
CA ILE A 325 50.64 32.09 -0.19
C ILE A 325 50.47 32.20 1.31
N LEU A 326 49.23 32.06 1.79
CA LEU A 326 48.96 32.14 3.21
C LEU A 326 49.59 30.99 3.98
N SER A 327 49.62 29.79 3.39
CA SER A 327 50.29 28.67 4.03
C SER A 327 51.77 28.96 4.21
N LYS A 328 52.42 29.53 3.18
CA LYS A 328 53.82 29.90 3.32
C LYS A 328 54.01 31.02 4.34
N LYS A 329 53.05 31.93 4.45
CA LYS A 329 53.13 32.96 5.49
C LYS A 329 53.11 32.33 6.88
N GLY A 330 52.23 31.37 7.10
CA GLY A 330 52.09 30.72 8.38
C GLY A 330 50.78 30.94 9.11
N VAL A 331 49.69 31.23 8.39
CA VAL A 331 48.40 31.46 9.02
C VAL A 331 47.57 30.20 8.91
N ILE A 332 46.47 30.15 9.67
CA ILE A 332 45.61 28.98 9.76
C ILE A 332 44.23 29.36 9.25
N ILE A 333 43.69 28.53 8.36
CA ILE A 333 42.41 28.80 7.72
C ILE A 333 41.45 27.65 8.05
N LEU A 334 40.33 27.99 8.67
CA LEU A 334 39.28 27.01 8.93
C LEU A 334 38.40 26.87 7.69
N PRO A 335 38.24 25.68 7.14
CA PRO A 335 37.50 25.54 5.89
C PRO A 335 36.02 25.87 6.06
N ASP A 336 35.42 26.35 4.96
CA ASP A 336 34.00 26.71 5.00
C ASP A 336 33.10 25.48 4.99
N ILE A 337 33.61 24.30 4.63
CA ILE A 337 32.81 23.09 4.67
C ILE A 337 32.40 22.76 6.09
N TYR A 338 33.14 23.25 7.08
CA TYR A 338 32.86 22.97 8.48
C TYR A 338 32.41 24.18 9.27
N ALA A 339 32.86 25.38 8.92
CA ALA A 339 32.60 26.55 9.76
C ALA A 339 31.11 26.88 9.81
N ASN A 340 30.42 26.84 8.66
CA ASN A 340 29.02 27.26 8.59
C ASN A 340 28.06 26.08 8.56
N ALA A 341 28.33 25.04 9.33
CA ALA A 341 27.49 23.85 9.36
C ALA A 341 26.43 23.90 10.45
N GLY A 342 26.17 25.07 11.03
CA GLY A 342 25.14 25.16 12.05
C GLY A 342 23.74 24.95 11.50
N GLY A 343 23.48 25.45 10.28
CA GLY A 343 22.15 25.37 9.74
C GLY A 343 21.68 23.94 9.51
N VAL A 344 22.53 23.12 8.91
CA VAL A 344 22.14 21.74 8.65
C VAL A 344 21.96 20.97 9.95
N THR A 345 22.79 21.25 10.95
CA THR A 345 22.64 20.57 12.23
C THR A 345 21.31 20.92 12.89
N VAL A 346 20.94 22.21 12.86
CA VAL A 346 19.65 22.57 13.47
C VAL A 346 18.49 22.00 12.67
N SER A 347 18.62 21.92 11.34
CA SER A 347 17.57 21.28 10.55
C SER A 347 17.44 19.80 10.92
N TYR A 348 18.56 19.13 11.15
CA TYR A 348 18.51 17.75 11.61
C TYR A 348 17.81 17.64 12.95
N PHE A 349 18.08 18.60 13.85
CA PHE A 349 17.40 18.59 15.15
C PHE A 349 15.90 18.76 14.99
N GLU A 350 15.47 19.63 14.07
CA GLU A 350 14.05 19.82 13.82
C GLU A 350 13.42 18.55 13.27
N TRP A 351 14.13 17.87 12.36
CA TRP A 351 13.65 16.59 11.84
C TRP A 351 13.47 15.57 12.96
N VAL A 352 14.44 15.51 13.87
CA VAL A 352 14.34 14.58 15.00
C VAL A 352 13.14 14.91 15.87
N GLN A 353 12.95 16.20 16.18
CA GLN A 353 11.83 16.61 17.02
C GLN A 353 10.50 16.26 16.38
N ASN A 354 10.39 16.41 15.06
CA ASN A 354 9.14 16.05 14.39
C ASN A 354 8.95 14.55 14.34
N ILE A 355 10.02 13.78 14.22
CA ILE A 355 9.88 12.32 14.26
C ILE A 355 9.40 11.87 15.63
N GLN A 356 9.92 12.47 16.69
CA GLN A 356 9.56 12.07 18.05
C GLN A 356 8.19 12.57 18.49
N GLY A 357 7.66 13.62 17.86
CA GLY A 357 6.38 14.17 18.25
C GLY A 357 6.42 15.12 19.43
N PHE A 358 7.60 15.46 19.94
CA PHE A 358 7.75 16.25 21.14
C PHE A 358 8.81 17.31 20.90
N MET A 359 8.50 18.57 21.22
CA MET A 359 9.39 19.68 20.94
C MET A 359 10.36 19.92 22.09
N TRP A 360 11.58 20.33 21.75
CA TRP A 360 12.61 20.66 22.71
C TRP A 360 12.54 22.14 23.08
N GLU A 361 13.25 22.51 24.13
CA GLU A 361 13.47 23.91 24.48
C GLU A 361 14.75 24.41 23.82
N GLU A 362 14.97 25.72 23.90
CA GLU A 362 16.10 26.32 23.21
C GLU A 362 17.43 25.91 23.83
N GLU A 363 17.48 25.74 25.15
CA GLU A 363 18.72 25.35 25.81
C GLU A 363 19.21 24.00 25.32
N LYS A 364 18.29 23.04 25.17
CA LYS A 364 18.69 21.72 24.69
C LYS A 364 19.26 21.80 23.28
N VAL A 365 18.64 22.62 22.43
CA VAL A 365 19.13 22.79 21.08
C VAL A 365 20.54 23.35 21.09
N ASN A 366 20.78 24.38 21.89
CA ASN A 366 22.10 25.00 21.92
C ASN A 366 23.16 24.05 22.47
N LEU A 367 22.85 23.31 23.52
CA LEU A 367 23.81 22.33 24.04
C LEU A 367 24.13 21.26 23.02
N GLU A 368 23.12 20.73 22.34
CA GLU A 368 23.40 19.70 21.33
C GLU A 368 24.24 20.26 20.19
N LEU A 369 23.95 21.49 19.77
CA LEU A 369 24.73 22.11 18.71
C LEU A 369 26.19 22.25 19.12
N GLN A 370 26.42 22.70 20.35
CA GLN A 370 27.79 22.86 20.83
C GLN A 370 28.52 21.52 20.86
N LYS A 371 27.86 20.48 21.35
CA LYS A 371 28.48 19.17 21.41
C LYS A 371 28.86 18.67 20.03
N TYR A 372 27.94 18.81 19.06
CA TYR A 372 28.21 18.31 17.72
C TYR A 372 29.37 19.05 17.07
N MET A 373 29.42 20.38 17.22
CA MET A 373 30.52 21.12 16.59
C MET A 373 31.86 20.77 17.23
N THR A 374 31.91 20.66 18.56
CA THR A 374 33.17 20.30 19.20
C THR A 374 33.64 18.92 18.77
N ARG A 375 32.74 17.94 18.73
CA ARG A 375 33.13 16.60 18.32
C ARG A 375 33.62 16.58 16.88
N ALA A 376 32.95 17.33 16.01
CA ALA A 376 33.38 17.39 14.62
C ALA A 376 34.79 17.96 14.51
N PHE A 377 35.09 19.02 15.26
CA PHE A 377 36.44 19.58 15.18
C PHE A 377 37.48 18.60 15.69
N HIS A 378 37.18 17.88 16.78
CA HIS A 378 38.16 16.93 17.27
C HIS A 378 38.43 15.83 16.25
N ASN A 379 37.37 15.34 15.59
CA ASN A 379 37.57 14.33 14.54
C ASN A 379 38.40 14.87 13.40
N ILE A 380 38.13 16.10 12.97
CA ILE A 380 38.87 16.66 11.84
C ILE A 380 40.34 16.86 12.20
N LYS A 381 40.60 17.26 13.44
CA LYS A 381 41.99 17.44 13.88
C LYS A 381 42.73 16.11 13.90
N THR A 382 42.08 15.05 14.41
CA THR A 382 42.72 13.74 14.41
C THR A 382 43.02 13.28 13.00
N MET A 383 42.07 13.44 12.08
CA MET A 383 42.28 12.96 10.72
C MET A 383 43.36 13.78 10.02
N CYS A 384 43.45 15.07 10.35
CA CYS A 384 44.50 15.92 9.80
C CYS A 384 45.86 15.51 10.32
N HIS A 385 45.94 15.11 11.59
CA HIS A 385 47.21 14.66 12.16
C HIS A 385 47.63 13.32 11.57
N THR A 386 46.68 12.46 11.24
CA THR A 386 47.03 11.13 10.74
C THR A 386 47.77 11.19 9.40
N HIS A 387 47.30 12.03 8.48
CA HIS A 387 47.82 12.05 7.12
C HIS A 387 48.78 13.19 6.84
N SER A 388 49.02 14.07 7.81
CA SER A 388 49.98 15.17 7.67
C SER A 388 49.61 16.09 6.52
N CYS A 389 48.46 16.75 6.65
CA CYS A 389 47.99 17.73 5.69
C CYS A 389 47.47 18.94 6.45
N ASN A 390 46.77 19.84 5.77
CA ASN A 390 46.17 20.99 6.42
C ASN A 390 44.71 20.68 6.79
N LEU A 391 43.98 21.71 7.21
CA LEU A 391 42.63 21.50 7.73
C LEU A 391 41.63 21.18 6.62
N ARG A 392 41.72 21.88 5.48
CA ARG A 392 40.76 21.68 4.41
C ARG A 392 40.79 20.25 3.89
N MET A 393 42.00 19.75 3.60
CA MET A 393 42.11 18.39 3.10
C MET A 393 41.78 17.38 4.18
N GLY A 394 42.00 17.73 5.44
CA GLY A 394 41.53 16.87 6.52
C GLY A 394 40.03 16.71 6.51
N ALA A 395 39.30 17.83 6.36
CA ALA A 395 37.84 17.77 6.30
C ALA A 395 37.37 16.91 5.13
N PHE A 396 37.91 17.17 3.94
CA PHE A 396 37.45 16.44 2.77
C PHE A 396 37.81 14.97 2.85
N THR A 397 39.00 14.66 3.38
CA THR A 397 39.38 13.27 3.57
C THR A 397 38.44 12.57 4.53
N LEU A 398 38.08 13.23 5.63
CA LEU A 398 37.17 12.62 6.58
C LEU A 398 35.81 12.31 5.95
N GLY A 399 35.26 13.29 5.23
CA GLY A 399 33.97 13.07 4.59
C GLY A 399 33.99 11.94 3.58
N VAL A 400 34.99 11.96 2.69
CA VAL A 400 35.06 10.94 1.64
C VAL A 400 35.28 9.56 2.26
N ASN A 401 36.11 9.49 3.30
CA ASN A 401 36.36 8.21 3.96
C ASN A 401 35.09 7.65 4.59
N ARG A 402 34.32 8.51 5.27
CA ARG A 402 33.07 8.02 5.86
C ARG A 402 32.12 7.48 4.79
N VAL A 403 31.94 8.24 3.70
CA VAL A 403 30.98 7.82 2.68
C VAL A 403 31.43 6.53 2.02
N ALA A 404 32.72 6.44 1.67
CA ALA A 404 33.22 5.23 1.02
C ALA A 404 33.10 4.02 1.95
N ARG A 405 33.42 4.21 3.23
CA ARG A 405 33.32 3.10 4.17
C ARG A 405 31.89 2.59 4.27
N ALA A 406 30.92 3.49 4.37
CA ALA A 406 29.52 3.05 4.43
C ALA A 406 29.12 2.34 3.14
N THR A 407 29.53 2.87 1.99
CA THR A 407 29.16 2.26 0.71
C THR A 407 29.70 0.85 0.60
N GLN A 408 30.97 0.64 0.95
CA GLN A 408 31.54 -0.70 0.85
C GLN A 408 30.98 -1.63 1.90
N LEU A 409 30.62 -1.11 3.07
CA LEU A 409 30.04 -1.96 4.11
C LEU A 409 28.65 -2.42 3.74
N ARG A 410 27.90 -1.60 2.99
CA ARG A 410 26.51 -1.91 2.71
C ARG A 410 26.37 -3.06 1.73
N GLY A 411 27.27 -3.16 0.75
CA GLY A 411 27.26 -4.30 -0.15
C GLY A 411 27.21 -3.94 -1.62
N TRP A 412 27.56 -4.89 -2.48
CA TRP A 412 27.63 -4.68 -3.92
C TRP A 412 26.84 -5.71 -4.73
N GLU A 413 25.83 -6.35 -4.12
CA GLU A 413 25.14 -7.48 -4.72
C GLU A 413 26.13 -8.59 -5.10
N ALA A 414 26.85 -9.03 -4.08
CA ALA A 414 27.94 -10.01 -4.24
C ALA A 414 29.01 -9.50 -5.19
N ASN B 5 18.49 -32.37 26.15
CA ASN B 5 18.73 -32.02 27.55
C ASN B 5 18.42 -30.55 27.79
N ALA B 6 18.82 -29.70 26.84
CA ALA B 6 18.54 -28.27 26.97
C ALA B 6 17.12 -27.92 26.57
N LEU B 7 16.42 -28.83 25.89
CA LEU B 7 15.03 -28.55 25.51
C LEU B 7 14.03 -29.06 26.55
N ALA B 8 14.46 -29.97 27.43
CA ALA B 8 13.56 -30.49 28.46
C ALA B 8 13.51 -29.57 29.67
N ALA B 9 14.58 -28.83 29.94
CA ALA B 9 14.58 -27.93 31.08
C ALA B 9 13.49 -26.87 30.94
N THR B 10 13.39 -26.26 29.76
CA THR B 10 12.42 -25.18 29.57
C THR B 10 10.99 -25.68 29.71
N ASN B 11 10.65 -26.83 29.12
CA ASN B 11 9.26 -27.25 29.20
C ASN B 11 8.92 -27.81 30.58
N ARG B 12 9.86 -28.48 31.25
CA ARG B 12 9.60 -28.90 32.63
C ARG B 12 9.35 -27.69 33.52
N ASN B 13 10.18 -26.65 33.36
CA ASN B 13 9.97 -25.44 34.15
C ASN B 13 8.63 -24.80 33.83
N PHE B 14 8.21 -24.83 32.57
CA PHE B 14 6.90 -24.28 32.23
C PHE B 14 5.79 -25.05 32.92
N ARG B 15 5.86 -26.39 32.91
CA ARG B 15 4.81 -27.17 33.56
C ARG B 15 4.75 -26.85 35.05
N HIS B 16 5.91 -26.77 35.71
CA HIS B 16 5.91 -26.45 37.13
C HIS B 16 5.34 -25.07 37.39
N ALA B 17 5.71 -24.08 36.57
CA ALA B 17 5.19 -22.72 36.76
C ALA B 17 3.69 -22.66 36.54
N SER B 18 3.18 -23.42 35.56
CA SER B 18 1.75 -23.45 35.34
C SER B 18 1.03 -24.12 36.52
N ARG B 19 1.64 -25.15 37.10
CA ARG B 19 1.05 -25.79 38.28
C ARG B 19 0.98 -24.81 39.44
N ILE B 20 2.03 -24.02 39.64
CA ILE B 20 2.04 -23.07 40.76
C ILE B 20 0.97 -22.01 40.58
N LEU B 21 0.82 -21.49 39.36
CA LEU B 21 -0.11 -20.40 39.09
C LEU B 21 -1.56 -20.85 39.02
N GLY B 22 -1.81 -22.14 38.89
CA GLY B 22 -3.19 -22.60 38.72
C GLY B 22 -3.83 -22.12 37.44
N LEU B 23 -3.10 -22.20 36.33
CA LEU B 23 -3.61 -21.72 35.06
C LEU B 23 -4.65 -22.68 34.49
N ASP B 24 -5.55 -22.12 33.69
CA ASP B 24 -6.52 -22.92 32.97
C ASP B 24 -5.81 -23.81 31.94
N SER B 25 -6.40 -24.97 31.66
CA SER B 25 -5.79 -25.89 30.71
C SER B 25 -5.87 -25.34 29.28
N LYS B 26 -6.96 -24.67 28.95
CA LYS B 26 -7.12 -24.11 27.61
C LYS B 26 -6.05 -23.06 27.33
N ILE B 27 -5.77 -22.20 28.31
CA ILE B 27 -4.77 -21.16 28.12
C ILE B 27 -3.39 -21.78 27.96
N GLU B 28 -3.08 -22.83 28.71
CA GLU B 28 -1.80 -23.49 28.56
C GLU B 28 -1.66 -24.13 27.18
N ARG B 29 -2.72 -24.79 26.71
CA ARG B 29 -2.69 -25.35 25.36
C ARG B 29 -2.47 -24.27 24.32
N SER B 30 -3.11 -23.11 24.50
CA SER B 30 -2.91 -22.00 23.57
C SER B 30 -1.50 -21.44 23.64
N LEU B 31 -0.87 -21.47 24.81
CA LEU B 31 0.50 -20.99 24.95
C LEU B 31 1.52 -22.00 24.43
N MET B 32 1.13 -23.26 24.22
CA MET B 32 2.02 -24.21 23.56
C MET B 32 2.15 -23.95 22.07
N ILE B 33 1.06 -23.66 21.39
CA ILE B 33 1.08 -23.61 19.92
C ILE B 33 1.75 -22.31 19.47
N PRO B 34 2.79 -22.38 18.64
CA PRO B 34 3.43 -21.15 18.17
C PRO B 34 2.52 -20.35 17.25
N PHE B 35 2.77 -19.05 17.19
CA PHE B 35 1.96 -18.19 16.34
C PHE B 35 2.12 -18.54 14.87
N ARG B 36 3.34 -18.86 14.44
CA ARG B 36 3.55 -19.14 13.03
C ARG B 36 4.88 -19.86 12.83
N GLU B 37 4.93 -20.71 11.81
CA GLU B 37 6.16 -21.38 11.40
C GLU B 37 6.26 -21.33 9.88
N ILE B 38 7.48 -21.10 9.38
CA ILE B 38 7.71 -20.90 7.95
C ILE B 38 8.95 -21.68 7.52
N LYS B 39 8.86 -22.34 6.38
CA LYS B 39 9.99 -22.96 5.69
C LYS B 39 10.02 -22.46 4.26
N VAL B 40 11.20 -22.07 3.79
CA VAL B 40 11.38 -21.58 2.42
C VAL B 40 12.62 -22.22 1.82
N GLU B 41 12.71 -22.17 0.49
CA GLU B 41 13.83 -22.73 -0.25
C GLU B 41 14.73 -21.61 -0.75
N CYS B 42 16.03 -21.74 -0.50
CA CYS B 42 17.00 -20.72 -0.88
C CYS B 42 18.01 -21.37 -1.81
N THR B 43 17.97 -21.01 -3.10
CA THR B 43 18.83 -21.60 -4.10
C THR B 43 19.72 -20.52 -4.71
N ILE B 44 21.03 -20.75 -4.70
CA ILE B 44 21.98 -19.76 -5.21
C ILE B 44 22.97 -20.41 -6.16
N PRO B 45 23.52 -19.66 -7.12
CA PRO B 45 24.64 -20.18 -7.91
C PRO B 45 25.97 -19.90 -7.23
N LYS B 46 26.83 -20.92 -7.21
CA LYS B 46 28.13 -20.80 -6.57
C LYS B 46 29.06 -19.94 -7.44
N ASP B 47 30.32 -19.81 -7.02
CA ASP B 47 31.27 -19.05 -7.82
C ASP B 47 31.58 -19.75 -9.13
N ASP B 48 31.54 -21.09 -9.14
CA ASP B 48 31.75 -21.83 -10.37
C ASP B 48 30.63 -21.57 -11.37
N GLY B 49 29.39 -21.63 -10.90
CA GLY B 49 28.22 -21.49 -11.75
C GLY B 49 27.14 -22.48 -11.40
N THR B 50 27.51 -23.54 -10.68
CA THR B 50 26.57 -24.58 -10.31
C THR B 50 25.64 -24.11 -9.18
N LEU B 51 24.50 -24.76 -9.08
CA LEU B 51 23.45 -24.38 -8.15
C LEU B 51 23.58 -25.15 -6.84
N VAL B 52 23.20 -24.51 -5.75
CA VAL B 52 23.10 -25.16 -4.44
C VAL B 52 21.82 -24.69 -3.78
N SER B 53 21.09 -25.62 -3.18
CA SER B 53 19.80 -25.34 -2.55
C SER B 53 19.86 -25.69 -1.06
N TYR B 54 19.42 -24.76 -0.23
CA TYR B 54 19.25 -24.99 1.19
C TYR B 54 17.80 -24.68 1.58
N ILE B 55 17.48 -24.97 2.84
CA ILE B 55 16.14 -24.76 3.37
C ILE B 55 16.25 -23.84 4.59
N GLY B 56 15.60 -22.68 4.51
CA GLY B 56 15.59 -21.74 5.61
C GLY B 56 14.29 -21.82 6.39
N PHE B 57 14.35 -21.53 7.69
CA PHE B 57 13.20 -21.69 8.55
C PHE B 57 13.10 -20.51 9.51
N ARG B 58 11.88 -20.29 9.99
CA ARG B 58 11.61 -19.20 10.94
C ARG B 58 10.41 -19.58 11.80
N VAL B 59 10.55 -19.52 13.11
CA VAL B 59 9.49 -19.84 14.05
C VAL B 59 9.20 -18.60 14.88
N GLN B 60 7.92 -18.27 15.02
CA GLN B 60 7.47 -17.07 15.74
C GLN B 60 6.45 -17.52 16.78
N HIS B 61 6.83 -17.41 18.06
CA HIS B 61 6.03 -18.03 19.11
C HIS B 61 4.83 -17.19 19.52
N ASP B 62 5.07 -16.01 20.10
CA ASP B 62 3.98 -15.16 20.56
C ASP B 62 4.28 -13.71 20.22
N ASN B 63 3.21 -12.93 20.11
CA ASN B 63 3.30 -11.49 19.89
C ASN B 63 2.28 -10.74 20.72
N ALA B 64 1.94 -11.29 21.90
CA ALA B 64 0.91 -10.66 22.73
C ALA B 64 1.39 -9.37 23.38
N ARG B 65 2.69 -9.16 23.47
CA ARG B 65 3.24 -8.00 24.15
C ARG B 65 3.95 -7.01 23.26
N GLY B 66 4.11 -7.31 21.97
CA GLY B 66 4.77 -6.41 21.06
C GLY B 66 5.38 -7.13 19.88
N PRO B 67 6.42 -6.54 19.30
CA PRO B 67 7.13 -7.22 18.21
C PRO B 67 7.80 -8.50 18.69
N MET B 68 8.28 -9.28 17.73
CA MET B 68 8.96 -10.52 18.02
C MET B 68 10.47 -10.31 17.89
N LYS B 69 11.22 -11.01 18.72
CA LYS B 69 12.67 -10.86 18.77
C LYS B 69 13.31 -12.24 18.75
N GLY B 70 14.39 -12.39 18.00
CA GLY B 70 15.04 -13.69 17.94
C GLY B 70 16.21 -13.66 16.98
N GLY B 71 17.03 -14.71 17.08
CA GLY B 71 18.27 -14.79 16.34
C GLY B 71 18.22 -15.65 15.10
N ILE B 72 19.14 -15.36 14.19
CA ILE B 72 19.31 -16.10 12.94
C ILE B 72 20.55 -16.97 13.08
N ARG B 73 20.39 -18.28 12.85
CA ARG B 73 21.44 -19.26 13.10
C ARG B 73 21.84 -19.95 11.81
N TYR B 74 23.15 -20.03 11.56
CA TYR B 74 23.72 -20.69 10.39
C TYR B 74 24.44 -21.95 10.87
N HIS B 75 23.69 -23.05 11.00
CA HIS B 75 24.27 -24.29 11.45
C HIS B 75 23.76 -25.44 10.60
N PRO B 76 24.63 -26.39 10.24
CA PRO B 76 24.20 -27.49 9.35
C PRO B 76 23.08 -28.35 9.90
N GLU B 77 23.05 -28.61 11.20
CA GLU B 77 22.08 -29.54 11.77
C GLU B 77 20.98 -28.77 12.50
N VAL B 78 19.73 -29.12 12.20
CA VAL B 78 18.57 -28.44 12.75
C VAL B 78 17.60 -29.47 13.29
N ASP B 79 16.71 -29.02 14.17
CA ASP B 79 15.69 -29.86 14.76
C ASP B 79 14.49 -29.01 15.15
N PRO B 80 13.29 -29.34 14.67
CA PRO B 80 12.12 -28.50 14.99
C PRO B 80 11.84 -28.38 16.47
N ASP B 81 12.06 -29.44 17.25
CA ASP B 81 11.80 -29.39 18.68
C ASP B 81 12.74 -28.41 19.37
N GLU B 82 14.03 -28.45 19.02
CA GLU B 82 14.99 -27.52 19.60
C GLU B 82 14.64 -26.08 19.25
N VAL B 83 14.24 -25.84 18.01
CA VAL B 83 13.91 -24.48 17.59
C VAL B 83 12.68 -23.97 18.31
N ASN B 84 11.66 -24.82 18.45
CA ASN B 84 10.47 -24.41 19.19
C ASN B 84 10.80 -24.11 20.65
N ALA B 85 11.64 -24.95 21.26
CA ALA B 85 12.03 -24.71 22.65
C ALA B 85 12.78 -23.41 22.80
N LEU B 86 13.69 -23.11 21.87
CA LEU B 86 14.44 -21.87 21.94
C LEU B 86 13.53 -20.65 21.78
N ALA B 87 12.57 -20.73 20.85
CA ALA B 87 11.63 -19.61 20.70
C ALA B 87 10.82 -19.38 21.96
N GLN B 88 10.33 -20.46 22.57
CA GLN B 88 9.56 -20.34 23.81
C GLN B 88 10.41 -19.76 24.93
N LEU B 89 11.66 -20.19 25.02
CA LEU B 89 12.54 -19.66 26.06
C LEU B 89 12.78 -18.18 25.85
N MET B 90 12.94 -17.74 24.60
CA MET B 90 13.09 -16.31 24.34
C MET B 90 11.86 -15.54 24.78
N THR B 91 10.67 -16.11 24.53
CA THR B 91 9.45 -15.45 24.99
C THR B 91 9.46 -15.24 26.50
N TRP B 92 9.74 -16.29 27.26
CA TRP B 92 9.75 -16.15 28.71
C TRP B 92 10.83 -15.19 29.19
N LYS B 93 12.03 -15.27 28.60
CA LYS B 93 13.13 -14.42 29.02
C LYS B 93 12.80 -12.95 28.78
N THR B 94 12.22 -12.63 27.62
CA THR B 94 11.80 -11.27 27.37
C THR B 94 10.73 -10.83 28.35
N ALA B 95 9.79 -11.72 28.69
CA ALA B 95 8.77 -11.35 29.66
C ALA B 95 9.39 -11.05 31.02
N VAL B 96 10.44 -11.77 31.41
CA VAL B 96 11.08 -11.53 32.70
C VAL B 96 11.74 -10.17 32.74
N ALA B 97 12.54 -9.84 31.72
CA ALA B 97 13.29 -8.60 31.72
C ALA B 97 12.40 -7.37 31.57
N ASP B 98 11.13 -7.55 31.23
CA ASP B 98 10.15 -6.47 31.11
C ASP B 98 10.52 -5.50 30.00
N ILE B 99 10.69 -6.05 28.80
CA ILE B 99 10.84 -5.25 27.59
C ILE B 99 9.72 -5.66 26.64
N PRO B 100 9.17 -4.74 25.85
CA PRO B 100 7.97 -5.08 25.05
C PRO B 100 8.29 -5.83 23.78
N TYR B 101 8.58 -7.13 23.92
CA TYR B 101 8.94 -7.99 22.80
C TYR B 101 8.26 -9.35 22.95
N GLY B 102 8.40 -10.17 21.92
CA GLY B 102 7.93 -11.54 21.95
C GLY B 102 9.06 -12.52 21.74
N GLY B 103 8.81 -13.65 21.10
CA GLY B 103 9.88 -14.61 20.88
C GLY B 103 9.90 -15.21 19.49
N ALA B 104 11.10 -15.43 18.96
CA ALA B 104 11.23 -16.03 17.64
C ALA B 104 12.61 -16.66 17.52
N LYS B 105 12.79 -17.41 16.44
CA LYS B 105 14.08 -18.04 16.16
C LYS B 105 14.11 -18.56 14.73
N GLY B 106 15.19 -18.28 13.99
CA GLY B 106 15.22 -18.74 12.62
C GLY B 106 16.63 -19.09 12.20
N GLY B 107 16.77 -19.51 10.96
CA GLY B 107 18.09 -19.80 10.46
C GLY B 107 18.08 -20.49 9.12
N ILE B 108 19.28 -20.90 8.70
CA ILE B 108 19.50 -21.62 7.46
C ILE B 108 20.31 -22.87 7.77
N GLY B 109 19.95 -23.98 7.15
CA GLY B 109 20.67 -25.22 7.38
C GLY B 109 21.86 -25.38 6.46
N CYS B 110 22.91 -24.59 6.70
CA CYS B 110 24.11 -24.64 5.88
C CYS B 110 25.33 -24.52 6.78
N SER B 111 26.49 -24.89 6.24
CA SER B 111 27.74 -24.76 6.96
C SER B 111 28.53 -23.58 6.41
N PRO B 112 28.66 -22.48 7.15
CA PRO B 112 29.31 -21.28 6.60
C PRO B 112 30.81 -21.40 6.43
N ARG B 113 31.43 -22.49 6.88
CA ARG B 113 32.87 -22.66 6.73
C ARG B 113 33.25 -23.14 5.34
N ASP B 114 32.28 -23.48 4.49
CA ASP B 114 32.54 -23.98 3.15
C ASP B 114 32.23 -22.95 2.07
N LEU B 115 31.57 -21.85 2.40
CA LEU B 115 31.19 -20.82 1.44
C LEU B 115 32.13 -19.64 1.55
N SER B 116 32.47 -19.05 0.40
CA SER B 116 33.28 -17.85 0.40
C SER B 116 32.45 -16.67 0.86
N LEU B 117 33.03 -15.47 0.79
CA LEU B 117 32.32 -14.28 1.25
C LEU B 117 31.18 -13.93 0.30
N SER B 118 31.44 -13.96 -1.01
CA SER B 118 30.41 -13.59 -1.98
C SER B 118 29.23 -14.54 -1.93
N GLU B 119 29.50 -15.85 -1.84
CA GLU B 119 28.41 -16.81 -1.76
C GLU B 119 27.60 -16.62 -0.49
N LEU B 120 28.26 -16.27 0.61
CA LEU B 120 27.56 -16.05 1.86
C LEU B 120 26.65 -14.83 1.76
N GLU B 121 27.13 -13.77 1.11
CA GLU B 121 26.29 -12.60 0.89
C GLU B 121 25.10 -12.93 0.01
N ARG B 122 25.31 -13.70 -1.05
CA ARG B 122 24.20 -14.09 -1.92
C ARG B 122 23.15 -14.88 -1.15
N LEU B 123 23.59 -15.82 -0.31
CA LEU B 123 22.67 -16.61 0.48
C LEU B 123 21.85 -15.73 1.41
N THR B 124 22.51 -14.78 2.09
CA THR B 124 21.78 -13.90 3.01
C THR B 124 20.75 -13.07 2.26
N ARG B 125 21.12 -12.51 1.11
CA ARG B 125 20.19 -11.67 0.36
C ARG B 125 19.01 -12.48 -0.15
N VAL B 126 19.24 -13.70 -0.62
CA VAL B 126 18.14 -14.51 -1.11
C VAL B 126 17.19 -14.88 0.03
N PHE B 127 17.74 -15.27 1.19
CA PHE B 127 16.90 -15.55 2.34
C PHE B 127 16.03 -14.35 2.69
N THR B 128 16.62 -13.16 2.70
CA THR B 128 15.86 -11.95 3.01
C THR B 128 14.75 -11.71 1.99
N GLN B 129 15.06 -11.89 0.70
CA GLN B 129 14.03 -11.74 -0.32
C GLN B 129 12.88 -12.71 -0.10
N LYS B 130 13.18 -13.92 0.36
CA LYS B 130 12.10 -14.89 0.54
C LYS B 130 11.27 -14.64 1.79
N ILE B 131 11.83 -14.05 2.85
CA ILE B 131 11.03 -13.83 4.05
C ILE B 131 10.76 -12.35 4.31
N HIS B 132 10.76 -11.52 3.27
CA HIS B 132 10.72 -10.08 3.50
C HIS B 132 9.36 -9.62 4.02
N ASP B 133 8.29 -10.30 3.66
CA ASP B 133 6.95 -9.85 4.03
C ASP B 133 6.48 -10.42 5.38
N LEU B 134 7.34 -11.15 6.08
CA LEU B 134 7.00 -11.71 7.37
C LEU B 134 7.81 -11.10 8.52
N ILE B 135 8.67 -10.13 8.23
CA ILE B 135 9.42 -9.41 9.26
C ILE B 135 9.12 -7.93 9.09
N GLY B 136 9.60 -7.13 10.03
CA GLY B 136 9.36 -5.70 9.97
C GLY B 136 9.79 -5.03 11.24
N ILE B 137 9.57 -3.71 11.28
CA ILE B 137 9.97 -2.92 12.43
C ILE B 137 9.09 -3.24 13.63
N HIS B 138 7.78 -3.34 13.41
CA HIS B 138 6.83 -3.65 14.47
C HIS B 138 6.26 -5.06 14.34
N THR B 139 6.92 -5.92 13.58
CA THR B 139 6.46 -7.29 13.37
C THR B 139 7.46 -8.32 13.89
N ASP B 140 8.72 -8.23 13.47
CA ASP B 140 9.73 -9.22 13.84
C ASP B 140 11.12 -8.69 13.54
N VAL B 141 12.00 -8.69 14.53
CA VAL B 141 13.30 -8.05 14.45
C VAL B 141 14.38 -9.10 14.61
N PRO B 142 15.04 -9.50 13.52
CA PRO B 142 16.12 -10.48 13.63
C PRO B 142 17.34 -9.92 14.34
N ALA B 143 18.14 -10.84 14.89
CA ALA B 143 19.37 -10.52 15.59
C ALA B 143 20.42 -11.56 15.21
N PRO B 144 21.70 -11.23 15.38
CA PRO B 144 22.75 -12.20 15.06
C PRO B 144 22.85 -13.29 16.11
N ASP B 145 23.39 -14.42 15.69
CA ASP B 145 23.57 -15.59 16.55
C ASP B 145 24.84 -16.29 16.10
N MET B 146 25.00 -17.56 16.50
CA MET B 146 26.23 -18.27 16.17
C MET B 146 26.23 -18.62 14.70
N GLY B 147 27.38 -18.46 14.05
CA GLY B 147 27.48 -18.52 12.62
C GLY B 147 27.13 -17.23 11.91
N THR B 148 26.80 -16.18 12.66
CA THR B 148 26.36 -14.91 12.10
C THR B 148 27.03 -13.77 12.87
N ASN B 149 27.26 -12.66 12.18
CA ASN B 149 27.90 -11.49 12.79
C ASN B 149 27.24 -10.24 12.23
N ALA B 150 27.88 -9.08 12.47
CA ALA B 150 27.26 -7.80 12.13
C ALA B 150 27.16 -7.58 10.62
N GLN B 151 28.09 -8.14 9.85
CA GLN B 151 28.05 -7.98 8.40
C GLN B 151 26.78 -8.58 7.82
N THR B 152 26.35 -9.73 8.35
CA THR B 152 25.11 -10.33 7.89
C THR B 152 23.92 -9.43 8.16
N MET B 153 23.89 -8.78 9.32
CA MET B 153 22.84 -7.82 9.60
C MET B 153 22.89 -6.64 8.64
N ALA B 154 24.09 -6.20 8.24
CA ALA B 154 24.18 -5.14 7.23
C ALA B 154 23.56 -5.58 5.91
N TRP B 155 23.84 -6.81 5.48
CA TRP B 155 23.27 -7.29 4.23
C TRP B 155 21.75 -7.42 4.31
N ILE B 156 21.24 -7.92 5.43
CA ILE B 156 19.80 -8.03 5.62
C ILE B 156 19.15 -6.66 5.56
N LEU B 157 19.76 -5.68 6.24
CA LEU B 157 19.24 -4.32 6.22
C LEU B 157 19.21 -3.77 4.80
N ASP B 158 20.27 -4.02 4.03
CA ASP B 158 20.32 -3.52 2.65
C ASP B 158 19.17 -4.07 1.81
N GLU B 159 18.96 -5.38 1.86
CA GLU B 159 17.91 -5.97 1.04
C GLU B 159 16.52 -5.51 1.48
N TYR B 160 16.26 -5.52 2.79
CA TYR B 160 14.96 -5.07 3.27
C TYR B 160 14.72 -3.61 2.91
N SER B 161 15.77 -2.79 2.92
CA SER B 161 15.62 -1.41 2.50
C SER B 161 15.28 -1.32 1.02
N LYS B 162 15.89 -2.16 0.19
CA LYS B 162 15.50 -2.21 -1.22
C LYS B 162 14.01 -2.47 -1.35
N PHE B 163 13.45 -3.29 -0.47
CA PHE B 163 12.04 -3.62 -0.62
C PHE B 163 11.12 -2.55 -0.05
N HIS B 164 11.33 -2.15 1.21
CA HIS B 164 10.39 -1.29 1.93
C HIS B 164 10.93 0.10 2.25
N GLY B 165 11.99 0.53 1.59
CA GLY B 165 12.61 1.81 1.91
C GLY B 165 13.50 1.72 3.13
N HIS B 166 14.21 2.82 3.40
CA HIS B 166 15.21 2.83 4.47
C HIS B 166 14.58 2.56 5.82
N SER B 167 14.88 1.40 6.40
CA SER B 167 14.33 0.97 7.68
C SER B 167 15.48 0.49 8.56
N PRO B 168 16.19 1.41 9.21
CA PRO B 168 17.36 1.00 10.01
C PRO B 168 17.02 0.17 11.23
N ALA B 169 15.77 0.18 11.68
CA ALA B 169 15.38 -0.46 12.93
C ALA B 169 14.86 -1.88 12.73
N VAL B 170 15.01 -2.44 11.53
CA VAL B 170 14.52 -3.79 11.28
C VAL B 170 15.42 -4.86 11.86
N VAL B 171 16.70 -4.56 12.09
CA VAL B 171 17.64 -5.50 12.67
C VAL B 171 18.39 -4.81 13.80
N THR B 172 18.94 -5.63 14.69
CA THR B 172 19.79 -5.15 15.76
C THR B 172 21.14 -5.86 15.69
N GLY B 173 22.17 -5.20 16.19
CA GLY B 173 23.51 -5.71 16.07
C GLY B 173 24.28 -5.19 14.88
N LYS B 174 23.83 -4.10 14.28
CA LYS B 174 24.51 -3.54 13.12
C LYS B 174 25.85 -2.94 13.50
N PRO B 175 26.73 -2.73 12.53
CA PRO B 175 27.97 -1.99 12.80
C PRO B 175 27.68 -0.60 13.36
N ILE B 176 28.73 0.01 13.92
CA ILE B 176 28.54 1.31 14.58
C ILE B 176 28.20 2.39 13.57
N ASP B 177 28.82 2.36 12.40
CA ASP B 177 28.59 3.41 11.41
C ASP B 177 27.34 3.18 10.58
N LEU B 178 26.64 2.07 10.76
CA LEU B 178 25.35 1.84 10.11
C LEU B 178 24.18 2.03 11.05
N GLY B 179 24.43 2.51 12.27
CA GLY B 179 23.35 2.75 13.21
C GLY B 179 23.41 1.87 14.44
N GLY B 180 24.58 1.36 14.77
CA GLY B 180 24.75 0.53 15.94
C GLY B 180 24.73 1.31 17.22
N SER B 181 24.77 0.59 18.33
CA SER B 181 24.68 1.17 19.66
C SER B 181 26.00 1.01 20.41
N LEU B 182 26.31 1.98 21.25
CA LEU B 182 27.51 1.91 22.07
C LEU B 182 27.26 1.06 23.30
N GLY B 183 28.31 0.37 23.75
CA GLY B 183 28.21 -0.47 24.92
C GLY B 183 27.68 -1.86 24.68
N ARG B 184 27.77 -2.36 23.45
CA ARG B 184 27.26 -3.70 23.16
C ARG B 184 28.21 -4.79 23.66
N GLU B 185 29.51 -4.57 23.57
CA GLU B 185 30.47 -5.63 23.86
C GLU B 185 30.50 -5.98 25.34
N ALA B 186 30.24 -5.00 26.20
CA ALA B 186 30.33 -5.18 27.65
C ALA B 186 28.97 -5.32 28.31
N ALA B 187 27.92 -5.58 27.54
CA ALA B 187 26.57 -5.59 28.09
C ALA B 187 26.36 -6.74 29.07
N THR B 188 26.79 -7.94 28.69
CA THR B 188 26.49 -9.12 29.50
C THR B 188 27.27 -9.10 30.81
N GLY B 189 28.54 -8.70 30.78
CA GLY B 189 29.29 -8.60 32.02
C GLY B 189 28.74 -7.53 32.95
N ARG B 190 28.38 -6.37 32.40
CA ARG B 190 27.71 -5.34 33.18
C ARG B 190 26.44 -5.90 33.83
N GLY B 191 25.64 -6.65 33.06
CA GLY B 191 24.43 -7.20 33.62
C GLY B 191 24.69 -8.19 34.74
N VAL B 192 25.68 -9.05 34.57
CA VAL B 192 26.02 -10.02 35.60
C VAL B 192 26.46 -9.31 36.87
N VAL B 193 27.28 -8.27 36.74
CA VAL B 193 27.74 -7.54 37.91
C VAL B 193 26.57 -6.85 38.62
N PHE B 194 25.66 -6.24 37.85
CA PHE B 194 24.52 -5.58 38.47
C PHE B 194 23.63 -6.58 39.20
N ALA B 195 23.38 -7.74 38.59
CA ALA B 195 22.56 -8.76 39.23
C ALA B 195 23.22 -9.27 40.51
N THR B 196 24.53 -9.50 40.46
CA THR B 196 25.24 -9.97 41.65
C THR B 196 25.18 -8.93 42.76
N GLU B 197 25.35 -7.65 42.41
CA GLU B 197 25.28 -6.60 43.41
C GLU B 197 23.89 -6.56 44.06
N ALA B 198 22.83 -6.67 43.25
CA ALA B 198 21.49 -6.65 43.83
C ALA B 198 21.26 -7.86 44.73
N LEU B 199 21.70 -9.04 44.30
CA LEU B 199 21.52 -10.24 45.12
C LEU B 199 22.26 -10.12 46.45
N LEU B 200 23.49 -9.60 46.42
CA LEU B 200 24.24 -9.43 47.66
C LEU B 200 23.57 -8.40 48.57
N ALA B 201 23.16 -7.27 48.01
CA ALA B 201 22.53 -6.24 48.82
C ALA B 201 21.20 -6.69 49.39
N GLU B 202 20.59 -7.72 48.81
CA GLU B 202 19.38 -8.28 49.41
C GLU B 202 19.63 -8.75 50.84
N TYR B 203 20.75 -9.44 51.07
CA TYR B 203 21.05 -10.02 52.37
C TYR B 203 21.83 -9.08 53.28
N GLY B 204 22.20 -7.89 52.80
CA GLY B 204 22.89 -6.92 53.62
C GLY B 204 24.38 -6.80 53.37
N LYS B 205 24.97 -7.71 52.60
CA LYS B 205 26.39 -7.65 52.31
C LYS B 205 26.64 -6.68 51.15
N SER B 206 27.87 -6.69 50.66
CA SER B 206 28.25 -5.87 49.52
C SER B 206 29.42 -6.51 48.81
N ILE B 207 29.67 -6.07 47.57
CA ILE B 207 30.74 -6.66 46.77
C ILE B 207 32.09 -6.36 47.38
N GLN B 208 32.26 -5.17 47.95
CA GLN B 208 33.55 -4.77 48.51
C GLN B 208 33.94 -5.67 49.67
N GLY B 209 34.95 -6.49 49.47
CA GLY B 209 35.45 -7.34 50.53
C GLY B 209 34.93 -8.77 50.53
N LEU B 210 34.69 -9.33 49.35
CA LEU B 210 34.24 -10.71 49.23
C LEU B 210 35.17 -11.47 48.28
N THR B 211 34.91 -12.76 48.14
CA THR B 211 35.77 -13.66 47.37
C THR B 211 34.99 -14.24 46.20
N PHE B 212 35.58 -14.20 45.01
CA PHE B 212 34.92 -14.60 43.78
C PHE B 212 35.77 -15.62 43.05
N VAL B 213 35.11 -16.64 42.49
CA VAL B 213 35.76 -17.65 41.66
C VAL B 213 35.05 -17.68 40.31
N ILE B 214 35.76 -17.35 39.25
CA ILE B 214 35.19 -17.16 37.93
C ILE B 214 35.73 -18.23 37.00
N GLN B 215 34.84 -18.90 36.28
CA GLN B 215 35.23 -20.00 35.39
C GLN B 215 35.10 -19.53 33.94
N GLY B 216 36.22 -19.09 33.37
CA GLY B 216 36.28 -18.78 31.95
C GLY B 216 36.59 -17.33 31.62
N PHE B 217 37.23 -17.13 30.47
CA PHE B 217 37.47 -15.81 29.89
C PHE B 217 36.93 -15.62 28.49
N GLY B 218 35.65 -15.92 28.27
CA GLY B 218 34.96 -15.36 27.14
C GLY B 218 34.74 -13.88 27.39
N ASN B 219 33.93 -13.22 26.57
CA ASN B 219 33.65 -11.80 26.82
C ASN B 219 33.01 -11.61 28.19
N VAL B 220 32.05 -12.47 28.52
CA VAL B 220 31.34 -12.35 29.79
C VAL B 220 32.32 -12.47 30.96
N GLY B 221 33.18 -13.49 30.92
CA GLY B 221 34.07 -13.73 32.05
C GLY B 221 35.06 -12.59 32.27
N THR B 222 35.72 -12.15 31.20
CA THR B 222 36.71 -11.09 31.35
C THR B 222 36.06 -9.79 31.80
N TRP B 223 34.90 -9.44 31.22
CA TRP B 223 34.27 -8.19 31.61
C TRP B 223 33.77 -8.24 33.04
N ALA B 224 33.18 -9.37 33.46
CA ALA B 224 32.73 -9.49 34.83
C ALA B 224 33.90 -9.42 35.81
N ALA B 225 35.01 -10.08 35.48
CA ALA B 225 36.17 -10.04 36.36
C ALA B 225 36.72 -8.62 36.48
N LYS B 226 36.84 -7.92 35.36
CA LYS B 226 37.37 -6.56 35.40
C LYS B 226 36.47 -5.65 36.21
N LEU B 227 35.16 -5.72 35.98
CA LEU B 227 34.24 -4.86 36.72
C LEU B 227 34.24 -5.18 38.20
N ILE B 228 34.27 -6.47 38.56
CA ILE B 228 34.31 -6.85 39.98
C ILE B 228 35.57 -6.34 40.64
N HIS B 229 36.72 -6.51 39.98
CA HIS B 229 37.97 -6.03 40.57
C HIS B 229 37.95 -4.51 40.73
N GLU B 230 37.38 -3.80 39.76
CA GLU B 230 37.26 -2.35 39.88
C GLU B 230 36.36 -1.97 41.05
N LYS B 231 35.28 -2.70 41.27
CA LYS B 231 34.32 -2.35 42.32
C LYS B 231 34.96 -2.41 43.70
N GLY B 232 35.84 -3.38 43.93
CA GLY B 232 36.50 -3.49 45.22
C GLY B 232 36.63 -4.91 45.73
N GLY B 233 36.18 -5.88 44.95
CA GLY B 233 36.32 -7.27 45.35
C GLY B 233 37.65 -7.86 44.94
N LYS B 234 37.89 -9.08 45.41
CA LYS B 234 39.12 -9.82 45.11
C LYS B 234 38.78 -11.17 44.52
N VAL B 235 39.41 -11.50 43.39
CA VAL B 235 39.20 -12.78 42.72
C VAL B 235 40.40 -13.67 43.01
N VAL B 236 40.13 -14.93 43.33
CA VAL B 236 41.16 -15.83 43.83
C VAL B 236 41.36 -17.06 42.96
N ALA B 237 40.61 -17.23 41.87
CA ALA B 237 40.77 -18.38 41.02
C ALA B 237 40.22 -18.07 39.64
N VAL B 238 40.97 -18.47 38.61
CA VAL B 238 40.58 -18.21 37.23
C VAL B 238 40.87 -19.45 36.40
N SER B 239 39.93 -19.79 35.51
CA SER B 239 40.07 -20.94 34.64
C SER B 239 40.14 -20.47 33.19
N ASP B 240 40.22 -21.46 32.30
CA ASP B 240 40.23 -21.25 30.85
C ASP B 240 40.08 -22.61 30.19
N ILE B 241 40.07 -22.63 28.87
CA ILE B 241 40.09 -23.91 28.16
C ILE B 241 41.43 -24.60 28.36
N THR B 242 42.51 -23.83 28.53
CA THR B 242 43.85 -24.36 28.70
C THR B 242 44.51 -23.67 29.89
N GLY B 243 44.39 -24.27 31.07
CA GLY B 243 45.08 -23.78 32.23
C GLY B 243 44.15 -23.14 33.24
N ALA B 244 44.67 -22.96 34.45
CA ALA B 244 43.92 -22.39 35.56
C ALA B 244 44.90 -21.94 36.63
N ILE B 245 44.66 -20.76 37.21
CA ILE B 245 45.56 -20.18 38.19
C ILE B 245 44.79 -19.77 39.44
N ARG B 246 45.54 -19.59 40.53
CA ARG B 246 44.98 -19.28 41.82
C ARG B 246 45.87 -18.28 42.54
N ASN B 247 45.27 -17.46 43.40
CA ASN B 247 46.00 -16.57 44.29
C ASN B 247 45.14 -16.23 45.50
N PRO B 248 45.55 -16.61 46.71
CA PRO B 248 44.68 -16.42 47.88
C PRO B 248 44.39 -14.98 48.23
N GLU B 249 45.23 -14.03 47.82
CA GLU B 249 45.03 -12.63 48.19
C GLU B 249 44.57 -11.76 47.04
N GLY B 250 44.21 -12.33 45.90
CA GLY B 250 43.68 -11.55 44.81
C GLY B 250 44.61 -11.55 43.61
N ILE B 251 44.04 -11.58 42.42
CA ILE B 251 44.78 -11.61 41.18
C ILE B 251 44.62 -10.26 40.48
N ASP B 252 45.72 -9.69 40.00
CA ASP B 252 45.66 -8.44 39.25
C ASP B 252 45.07 -8.74 37.88
N ILE B 253 43.77 -8.45 37.73
CA ILE B 253 43.09 -8.73 36.47
C ILE B 253 43.62 -7.82 35.36
N ASN B 254 43.92 -6.56 35.68
CA ASN B 254 44.42 -5.65 34.66
C ASN B 254 45.75 -6.13 34.09
N ALA B 255 46.58 -6.77 34.90
CA ALA B 255 47.81 -7.36 34.38
C ALA B 255 47.53 -8.67 33.65
N LEU B 256 46.58 -9.45 34.14
CA LEU B 256 46.31 -10.75 33.53
C LEU B 256 45.75 -10.58 32.12
N ILE B 257 44.95 -9.54 31.89
CA ILE B 257 44.38 -9.31 30.57
C ILE B 257 45.48 -9.07 29.53
N LYS B 258 46.46 -8.23 29.87
CA LYS B 258 47.54 -8.00 28.93
C LYS B 258 48.49 -9.20 28.85
N HIS B 259 48.60 -9.98 29.93
CA HIS B 259 49.37 -11.22 29.85
C HIS B 259 48.75 -12.18 28.84
N LYS B 260 47.43 -12.32 28.86
CA LYS B 260 46.75 -13.21 27.91
C LYS B 260 46.84 -12.66 26.49
N ASP B 261 47.00 -11.35 26.34
CA ASP B 261 47.10 -10.77 25.01
C ASP B 261 48.34 -11.26 24.27
N ALA B 262 49.47 -11.35 24.97
CA ALA B 262 50.72 -11.75 24.33
C ALA B 262 50.91 -13.27 24.40
N THR B 263 50.94 -13.82 25.60
CA THR B 263 51.18 -15.26 25.76
C THR B 263 50.06 -16.08 25.12
N GLY B 264 48.82 -15.65 25.28
CA GLY B 264 47.69 -16.40 24.79
C GLY B 264 47.22 -17.51 25.71
N SER B 265 47.72 -17.57 26.94
CA SER B 265 47.32 -18.59 27.89
C SER B 265 47.36 -17.97 29.30
N LEU B 266 47.20 -18.83 30.31
CA LEU B 266 47.34 -18.41 31.70
C LEU B 266 48.53 -19.06 32.38
N ASN B 267 49.43 -19.66 31.61
CA ASN B 267 50.59 -20.33 32.19
C ASN B 267 51.70 -19.33 32.48
N ASP B 268 52.44 -19.57 33.56
CA ASP B 268 53.58 -18.75 33.96
C ASP B 268 53.17 -17.31 34.23
N PHE B 269 52.04 -17.12 34.92
CA PHE B 269 51.66 -15.80 35.37
C PHE B 269 52.52 -15.38 36.55
N ASN B 270 52.56 -14.07 36.79
CA ASN B 270 53.38 -13.51 37.87
C ASN B 270 52.70 -13.65 39.23
N GLY B 271 51.53 -13.04 39.39
CA GLY B 271 50.86 -13.02 40.67
C GLY B 271 49.85 -14.14 40.87
N GLY B 272 50.31 -15.38 40.79
CA GLY B 272 49.42 -16.52 40.99
C GLY B 272 50.05 -17.83 40.57
N ASP B 273 49.73 -18.90 41.28
CA ASP B 273 50.32 -20.21 40.99
C ASP B 273 49.31 -21.08 40.25
N ALA B 274 49.84 -21.92 39.37
CA ALA B 274 48.99 -22.80 38.58
C ALA B 274 48.29 -23.81 39.47
N MET B 275 47.11 -24.24 39.04
CA MET B 275 46.30 -25.18 39.80
C MET B 275 45.64 -26.16 38.85
N ASN B 276 45.23 -27.31 39.40
CA ASN B 276 44.51 -28.31 38.62
C ASN B 276 43.19 -27.73 38.12
N SER B 277 42.85 -28.08 36.88
CA SER B 277 41.68 -27.52 36.22
C SER B 277 40.38 -28.22 36.59
N ASP B 278 40.35 -28.99 37.68
CA ASP B 278 39.15 -29.68 38.12
C ASP B 278 38.88 -29.46 39.61
N GLU B 279 39.59 -28.55 40.26
CA GLU B 279 39.43 -28.33 41.69
C GLU B 279 38.92 -26.94 42.02
N LEU B 280 39.04 -25.97 41.11
CA LEU B 280 38.65 -24.60 41.42
C LEU B 280 37.16 -24.49 41.72
N LEU B 281 36.35 -25.41 41.18
CA LEU B 281 34.93 -25.41 41.50
C LEU B 281 34.66 -25.75 42.96
N ILE B 282 35.67 -26.25 43.69
CA ILE B 282 35.51 -26.59 45.09
C ILE B 282 36.31 -25.67 46.00
N HIS B 283 36.82 -24.55 45.47
CA HIS B 283 37.58 -23.62 46.29
C HIS B 283 36.68 -22.94 47.32
N GLU B 284 37.29 -22.53 48.43
CA GLU B 284 36.61 -21.64 49.36
C GLU B 284 36.39 -20.29 48.71
N CYS B 285 35.14 -19.82 48.70
CA CYS B 285 34.81 -18.56 48.07
C CYS B 285 33.45 -18.09 48.56
N ASP B 286 33.12 -16.85 48.21
CA ASP B 286 31.81 -16.32 48.53
C ASP B 286 30.86 -16.45 47.35
N VAL B 287 31.34 -16.16 46.14
CA VAL B 287 30.53 -16.20 44.94
C VAL B 287 31.26 -17.05 43.90
N LEU B 288 30.50 -17.92 43.23
CA LEU B 288 31.02 -18.75 42.16
C LEU B 288 30.28 -18.42 40.88
N ILE B 289 31.02 -18.10 39.83
CA ILE B 289 30.44 -17.63 38.56
C ILE B 289 30.92 -18.49 37.41
N PRO B 290 30.16 -19.51 37.00
CA PRO B 290 30.51 -20.24 35.78
C PRO B 290 30.07 -19.47 34.54
N CYS B 291 30.98 -19.32 33.58
CA CYS B 291 30.73 -18.50 32.41
C CYS B 291 31.02 -19.19 31.08
N ALA B 292 31.41 -20.45 31.08
CA ALA B 292 31.89 -21.10 29.86
C ALA B 292 30.95 -22.19 29.37
N LEU B 293 30.66 -23.20 30.19
CA LEU B 293 29.91 -24.36 29.75
C LEU B 293 28.71 -24.58 30.64
N GLY B 294 27.80 -25.43 30.16
CA GLY B 294 26.60 -25.79 30.89
C GLY B 294 26.64 -27.24 31.36
N GLY B 295 25.93 -27.52 32.45
CA GLY B 295 25.92 -28.84 33.02
C GLY B 295 27.15 -29.20 33.82
N VAL B 296 28.00 -28.23 34.17
CA VAL B 296 29.24 -28.51 34.86
C VAL B 296 29.01 -28.89 36.31
N LEU B 297 27.80 -28.73 36.83
CA LEU B 297 27.46 -29.13 38.19
C LEU B 297 26.49 -30.30 38.15
N ASN B 298 26.85 -31.38 38.82
CA ASN B 298 26.05 -32.62 38.80
C ASN B 298 26.21 -33.31 40.14
N LYS B 299 25.82 -34.59 40.19
CA LYS B 299 25.74 -35.31 41.46
C LYS B 299 27.09 -35.39 42.16
N GLU B 300 28.15 -35.68 41.40
CA GLU B 300 29.46 -35.86 41.99
C GLU B 300 29.97 -34.56 42.61
N ASN B 301 29.80 -33.43 41.92
CA ASN B 301 30.31 -32.16 42.42
C ASN B 301 29.36 -31.51 43.40
N ALA B 302 28.12 -31.97 43.50
CA ALA B 302 27.11 -31.27 44.29
C ALA B 302 27.48 -31.26 45.78
N GLY B 303 27.94 -32.40 46.30
CA GLY B 303 28.23 -32.47 47.71
C GLY B 303 29.51 -31.77 48.12
N ASP B 304 30.42 -31.54 47.18
CA ASP B 304 31.74 -31.01 47.51
C ASP B 304 31.78 -29.49 47.55
N VAL B 305 30.93 -28.81 46.78
CA VAL B 305 31.02 -27.36 46.70
C VAL B 305 30.72 -26.74 48.07
N LYS B 306 31.41 -25.64 48.36
CA LYS B 306 31.27 -24.93 49.63
C LYS B 306 31.15 -23.44 49.41
N ALA B 307 30.49 -23.03 48.33
CA ALA B 307 30.21 -21.63 48.08
C ALA B 307 28.91 -21.22 48.75
N LYS B 308 28.70 -19.90 48.86
CA LYS B 308 27.50 -19.36 49.45
C LYS B 308 26.55 -18.72 48.46
N PHE B 309 27.01 -18.42 47.24
CA PHE B 309 26.17 -17.82 46.21
C PHE B 309 26.67 -18.30 44.86
N ILE B 310 25.74 -18.72 44.01
CA ILE B 310 26.06 -19.15 42.64
C ILE B 310 25.29 -18.28 41.69
N VAL B 311 26.00 -17.70 40.71
CA VAL B 311 25.40 -16.84 39.70
C VAL B 311 25.59 -17.53 38.35
N GLU B 312 24.49 -17.95 37.73
CA GLU B 312 24.54 -18.74 36.51
C GLU B 312 24.62 -17.79 35.31
N ALA B 313 25.83 -17.40 34.95
CA ALA B 313 26.04 -16.52 33.80
C ALA B 313 26.11 -17.29 32.49
N ALA B 314 26.12 -18.61 32.53
CA ALA B 314 26.15 -19.45 31.34
C ALA B 314 24.75 -19.97 31.04
N ASN B 315 24.66 -20.89 30.09
CA ASN B 315 23.37 -21.47 29.69
C ASN B 315 23.24 -22.85 30.29
N HIS B 316 22.32 -23.00 31.25
CA HIS B 316 21.99 -24.25 31.92
C HIS B 316 23.21 -24.91 32.55
N PRO B 317 23.80 -24.31 33.60
CA PRO B 317 24.98 -24.93 34.23
C PRO B 317 24.63 -25.89 35.36
N THR B 318 23.36 -25.98 35.75
CA THR B 318 22.94 -26.73 36.92
C THR B 318 21.90 -27.77 36.53
N ASP B 319 22.08 -29.00 37.02
CA ASP B 319 21.15 -30.10 36.86
C ASP B 319 20.14 -30.12 38.00
N PRO B 320 18.96 -30.73 37.80
CA PRO B 320 17.92 -30.66 38.83
C PRO B 320 18.30 -31.33 40.14
N ASP B 321 18.88 -32.52 40.09
CA ASP B 321 19.29 -33.21 41.31
C ASP B 321 20.34 -32.42 42.06
N ALA B 322 21.31 -31.86 41.34
CA ALA B 322 22.27 -30.97 41.97
C ALA B 322 21.58 -29.76 42.58
N ASP B 323 20.53 -29.25 41.92
CA ASP B 323 19.80 -28.12 42.45
C ASP B 323 19.14 -28.45 43.77
N GLU B 324 18.53 -29.63 43.87
CA GLU B 324 17.90 -30.02 45.14
C GLU B 324 18.94 -30.29 46.22
N ILE B 325 20.07 -30.89 45.86
CA ILE B 325 21.15 -31.10 46.82
C ILE B 325 21.62 -29.76 47.38
N LEU B 326 21.83 -28.78 46.49
CA LEU B 326 22.28 -27.47 46.91
C LEU B 326 21.21 -26.75 47.74
N SER B 327 19.93 -26.94 47.42
CA SER B 327 18.88 -26.36 48.24
C SER B 327 18.91 -26.92 49.65
N LYS B 328 19.11 -28.23 49.78
CA LYS B 328 19.23 -28.83 51.11
C LYS B 328 20.48 -28.35 51.82
N LYS B 329 21.56 -28.11 51.09
CA LYS B 329 22.75 -27.53 51.71
C LYS B 329 22.47 -26.17 52.30
N GLY B 330 21.77 -25.32 51.56
CA GLY B 330 21.45 -23.98 51.99
C GLY B 330 22.07 -22.85 51.18
N VAL B 331 22.39 -23.08 49.91
CA VAL B 331 23.01 -22.06 49.08
C VAL B 331 21.92 -21.43 48.20
N ILE B 332 22.26 -20.30 47.58
CA ILE B 332 21.33 -19.52 46.79
C ILE B 332 21.84 -19.47 45.35
N ILE B 333 20.96 -19.77 44.41
CA ILE B 333 21.30 -19.84 42.99
C ILE B 333 20.47 -18.83 42.22
N LEU B 334 21.13 -17.90 41.55
CA LEU B 334 20.46 -16.95 40.68
C LEU B 334 20.22 -17.60 39.32
N PRO B 335 18.98 -17.67 38.83
CA PRO B 335 18.72 -18.38 37.58
C PRO B 335 19.36 -17.71 36.38
N ASP B 336 19.68 -18.51 35.38
CA ASP B 336 20.29 -17.98 34.16
C ASP B 336 19.30 -17.25 33.29
N ILE B 337 18.00 -17.45 33.49
CA ILE B 337 16.99 -16.73 32.72
C ILE B 337 17.07 -15.23 32.99
N TYR B 338 17.62 -14.85 34.14
CA TYR B 338 17.71 -13.45 34.53
C TYR B 338 19.13 -12.92 34.58
N ALA B 339 20.12 -13.75 34.90
CA ALA B 339 21.47 -13.25 35.13
C ALA B 339 22.08 -12.65 33.86
N ASN B 340 21.92 -13.32 32.72
CA ASN B 340 22.57 -12.92 31.48
C ASN B 340 21.62 -12.20 30.54
N ALA B 341 20.74 -11.36 31.06
CA ALA B 341 19.76 -10.63 30.25
C ALA B 341 20.25 -9.26 29.83
N GLY B 342 21.54 -8.98 29.94
CA GLY B 342 22.05 -7.69 29.51
C GLY B 342 21.99 -7.50 28.01
N GLY B 343 22.26 -8.57 27.25
CA GLY B 343 22.32 -8.44 25.80
C GLY B 343 21.00 -8.03 25.20
N VAL B 344 19.90 -8.68 25.62
CA VAL B 344 18.61 -8.35 25.05
C VAL B 344 18.19 -6.94 25.44
N THR B 345 18.52 -6.51 26.66
CA THR B 345 18.18 -5.16 27.08
C THR B 345 18.92 -4.13 26.24
N VAL B 346 20.21 -4.36 25.98
CA VAL B 346 20.93 -3.38 25.16
C VAL B 346 20.43 -3.41 23.71
N SER B 347 20.04 -4.58 23.21
CA SER B 347 19.45 -4.64 21.87
C SER B 347 18.14 -3.85 21.82
N TYR B 348 17.33 -3.93 22.88
CA TYR B 348 16.12 -3.13 22.96
C TYR B 348 16.45 -1.64 22.96
N PHE B 349 17.51 -1.25 23.67
CA PHE B 349 17.92 0.15 23.67
C PHE B 349 18.34 0.61 22.28
N GLU B 350 19.05 -0.24 21.55
CA GLU B 350 19.44 0.10 20.19
C GLU B 350 18.22 0.25 19.29
N TRP B 351 17.23 -0.63 19.44
CA TRP B 351 16.00 -0.51 18.69
C TRP B 351 15.30 0.82 18.98
N VAL B 352 15.26 1.21 20.26
CA VAL B 352 14.64 2.48 20.63
C VAL B 352 15.38 3.64 19.99
N GLN B 353 16.71 3.62 20.06
CA GLN B 353 17.49 4.71 19.49
C GLN B 353 17.28 4.83 17.99
N ASN B 354 17.14 3.70 17.29
CA ASN B 354 16.89 3.76 15.86
C ASN B 354 15.49 4.23 15.55
N ILE B 355 14.52 3.89 16.39
CA ILE B 355 13.16 4.38 16.19
C ILE B 355 13.13 5.90 16.36
N GLN B 356 13.83 6.42 17.37
CA GLN B 356 13.81 7.85 17.66
C GLN B 356 14.65 8.67 16.69
N GLY B 357 15.61 8.07 15.99
CA GLY B 357 16.47 8.79 15.09
C GLY B 357 17.63 9.52 15.72
N PHE B 358 17.84 9.36 17.02
CA PHE B 358 18.84 10.11 17.78
C PHE B 358 19.60 9.14 18.67
N MET B 359 20.93 9.18 18.63
CA MET B 359 21.76 8.25 19.37
C MET B 359 22.07 8.75 20.77
N TRP B 360 22.14 7.82 21.71
CA TRP B 360 22.49 8.11 23.10
C TRP B 360 23.99 8.03 23.30
N GLU B 361 24.45 8.52 24.45
CA GLU B 361 25.81 8.34 24.90
C GLU B 361 25.91 7.07 25.75
N GLU B 362 27.15 6.69 26.08
CA GLU B 362 27.34 5.44 26.79
C GLU B 362 26.83 5.52 28.23
N GLU B 363 26.95 6.68 28.87
CA GLU B 363 26.50 6.82 30.25
C GLU B 363 25.00 6.57 30.36
N LYS B 364 24.22 7.11 29.42
CA LYS B 364 22.78 6.89 29.46
C LYS B 364 22.44 5.42 29.31
N VAL B 365 23.14 4.73 28.42
CA VAL B 365 22.92 3.30 28.24
C VAL B 365 23.20 2.55 29.53
N ASN B 366 24.31 2.85 30.18
CA ASN B 366 24.66 2.13 31.40
C ASN B 366 23.67 2.41 32.53
N LEU B 367 23.24 3.66 32.69
CA LEU B 367 22.25 3.97 33.72
C LEU B 367 20.93 3.26 33.47
N GLU B 368 20.46 3.26 32.21
CA GLU B 368 19.22 2.57 31.91
C GLU B 368 19.34 1.07 32.17
N LEU B 369 20.48 0.48 31.80
CA LEU B 369 20.68 -0.94 32.03
C LEU B 369 20.63 -1.26 33.52
N GLN B 370 21.30 -0.43 34.34
CA GLN B 370 21.29 -0.65 35.77
C GLN B 370 19.88 -0.56 36.34
N LYS B 371 19.11 0.45 35.91
CA LYS B 371 17.75 0.60 36.41
C LYS B 371 16.90 -0.60 36.06
N TYR B 372 17.00 -1.08 34.81
CA TYR B 372 16.18 -2.20 34.40
C TYR B 372 16.52 -3.47 35.17
N MET B 373 17.81 -3.74 35.37
CA MET B 373 18.18 -4.96 36.09
C MET B 373 17.73 -4.90 37.55
N THR B 374 17.91 -3.74 38.21
CA THR B 374 17.46 -3.62 39.60
C THR B 374 15.96 -3.81 39.72
N ARG B 375 15.19 -3.17 38.83
CA ARG B 375 13.74 -3.31 38.90
C ARG B 375 13.31 -4.75 38.66
N ALA B 376 13.96 -5.43 37.71
CA ALA B 376 13.63 -6.83 37.46
C ALA B 376 13.88 -7.69 38.69
N PHE B 377 15.00 -7.47 39.38
CA PHE B 377 15.27 -8.28 40.56
C PHE B 377 14.25 -8.01 41.66
N HIS B 378 13.86 -6.74 41.85
CA HIS B 378 12.87 -6.47 42.88
C HIS B 378 11.54 -7.16 42.57
N ASN B 379 11.12 -7.13 41.30
CA ASN B 379 9.89 -7.82 40.92
C ASN B 379 10.00 -9.31 41.15
N ILE B 380 11.13 -9.92 40.79
CA ILE B 380 11.28 -11.37 40.96
C ILE B 380 11.27 -11.73 42.44
N LYS B 381 11.87 -10.90 43.29
CA LYS B 381 11.87 -11.17 44.72
C LYS B 381 10.47 -11.09 45.29
N THR B 382 9.70 -10.08 44.88
CA THR B 382 8.32 -9.99 45.36
C THR B 382 7.50 -11.20 44.93
N MET B 383 7.63 -11.61 43.67
CA MET B 383 6.84 -12.74 43.21
C MET B 383 7.26 -14.03 43.88
N CYS B 384 8.56 -14.15 44.20
CA CYS B 384 9.06 -15.31 44.93
C CYS B 384 8.51 -15.33 46.36
N HIS B 385 8.40 -14.17 46.98
CA HIS B 385 7.85 -14.11 48.34
C HIS B 385 6.36 -14.40 48.35
N THR B 386 5.63 -14.04 47.29
CA THR B 386 4.19 -14.24 47.28
C THR B 386 3.81 -15.72 47.32
N HIS B 387 4.50 -16.56 46.53
CA HIS B 387 4.12 -17.95 46.36
C HIS B 387 4.98 -18.93 47.15
N SER B 388 5.98 -18.44 47.88
CA SER B 388 6.82 -19.28 48.73
C SER B 388 7.52 -20.38 47.93
N CYS B 389 8.40 -19.95 47.03
CA CYS B 389 9.22 -20.86 46.23
C CYS B 389 10.65 -20.30 46.21
N ASN B 390 11.49 -20.86 45.33
CA ASN B 390 12.83 -20.36 45.18
C ASN B 390 12.90 -19.34 44.05
N LEU B 391 14.12 -18.95 43.66
CA LEU B 391 14.28 -17.87 42.70
C LEU B 391 13.92 -18.30 41.28
N ARG B 392 14.33 -19.51 40.88
CA ARG B 392 14.08 -19.96 39.52
C ARG B 392 12.59 -20.02 39.21
N MET B 393 11.82 -20.64 40.11
CA MET B 393 10.40 -20.74 39.88
C MET B 393 9.72 -19.39 40.02
N GLY B 394 10.30 -18.49 40.82
CA GLY B 394 9.80 -17.13 40.85
C GLY B 394 9.93 -16.44 39.50
N ALA B 395 11.10 -16.57 38.88
CA ALA B 395 11.31 -15.99 37.56
C ALA B 395 10.31 -16.55 36.54
N PHE B 396 10.20 -17.88 36.48
CA PHE B 396 9.34 -18.46 35.47
C PHE B 396 7.88 -18.14 35.73
N THR B 397 7.47 -18.11 37.00
CA THR B 397 6.11 -17.72 37.34
C THR B 397 5.83 -16.30 36.90
N LEU B 398 6.77 -15.38 37.14
CA LEU B 398 6.57 -13.99 36.74
C LEU B 398 6.40 -13.87 35.24
N GLY B 399 7.27 -14.53 34.47
CA GLY B 399 7.17 -14.46 33.03
C GLY B 399 5.86 -15.01 32.50
N VAL B 400 5.50 -16.21 32.96
CA VAL B 400 4.27 -16.85 32.48
C VAL B 400 3.05 -16.02 32.86
N ASN B 401 3.06 -15.47 34.08
CA ASN B 401 1.93 -14.66 34.50
C ASN B 401 1.78 -13.42 33.64
N ARG B 402 2.88 -12.73 33.32
CA ARG B 402 2.79 -11.56 32.47
C ARG B 402 2.21 -11.91 31.11
N VAL B 403 2.74 -12.97 30.49
CA VAL B 403 2.30 -13.32 29.14
C VAL B 403 0.82 -13.72 29.14
N ALA B 404 0.42 -14.55 30.10
CA ALA B 404 -0.97 -14.98 30.16
C ALA B 404 -1.90 -13.79 30.41
N ARG B 405 -1.50 -12.88 31.30
CA ARG B 405 -2.34 -11.72 31.57
C ARG B 405 -2.54 -10.88 30.33
N ALA B 406 -1.46 -10.62 29.57
CA ALA B 406 -1.61 -9.86 28.34
C ALA B 406 -2.50 -10.58 27.34
N THR B 407 -2.32 -11.90 27.21
CA THR B 407 -3.11 -12.66 26.24
C THR B 407 -4.59 -12.59 26.57
N GLN B 408 -4.96 -12.79 27.84
CA GLN B 408 -6.37 -12.73 28.20
C GLN B 408 -6.93 -11.32 28.13
N LEU B 409 -6.10 -10.31 28.39
CA LEU B 409 -6.57 -8.93 28.31
C LEU B 409 -6.82 -8.52 26.86
N ARG B 410 -6.06 -9.08 25.92
CA ARG B 410 -6.16 -8.63 24.54
C ARG B 410 -7.45 -9.09 23.88
N GLY B 411 -7.94 -10.28 24.21
CA GLY B 411 -9.22 -10.73 23.71
C GLY B 411 -9.19 -12.07 23.01
N TRP B 412 -10.36 -12.69 22.85
CA TRP B 412 -10.49 -14.02 22.26
C TRP B 412 -11.50 -14.07 21.12
N GLU B 413 -11.78 -12.94 20.47
CA GLU B 413 -12.88 -12.84 19.50
C GLU B 413 -14.19 -13.28 20.13
N ALA B 414 -14.54 -12.59 21.21
CA ALA B 414 -15.71 -12.91 22.03
C ALA B 414 -15.64 -14.33 22.57
N ASN C 5 -28.87 23.38 26.45
CA ASN C 5 -28.28 24.39 27.34
C ASN C 5 -26.77 24.33 27.28
N ALA C 6 -26.22 23.11 27.24
CA ALA C 6 -24.77 22.94 27.16
C ALA C 6 -24.25 23.13 25.74
N LEU C 7 -25.14 23.09 24.74
CA LEU C 7 -24.69 23.30 23.36
C LEU C 7 -24.78 24.76 22.94
N ALA C 8 -25.55 25.58 23.66
CA ALA C 8 -25.65 26.99 23.31
C ALA C 8 -24.51 27.80 23.90
N ALA C 9 -23.94 27.36 25.01
CA ALA C 9 -22.83 28.10 25.61
C ALA C 9 -21.65 28.16 24.66
N THR C 10 -21.29 27.03 24.06
CA THR C 10 -20.12 26.99 23.19
C THR C 10 -20.29 27.86 21.96
N ASN C 11 -21.46 27.82 21.31
CA ASN C 11 -21.58 28.60 20.10
C ASN C 11 -21.78 30.08 20.39
N ARG C 12 -22.45 30.44 21.49
CA ARG C 12 -22.51 31.84 21.87
C ARG C 12 -21.11 32.39 22.16
N ASN C 13 -20.30 31.62 22.88
CA ASN C 13 -18.93 32.05 23.16
C ASN C 13 -18.14 32.18 21.87
N PHE C 14 -18.36 31.29 20.90
CA PHE C 14 -17.65 31.42 19.64
C PHE C 14 -18.04 32.71 18.92
N ARG C 15 -19.34 33.03 18.88
CA ARG C 15 -19.76 34.26 18.21
C ARG C 15 -19.12 35.48 18.88
N HIS C 16 -19.12 35.51 20.21
CA HIS C 16 -18.52 36.65 20.90
C HIS C 16 -17.03 36.74 20.61
N ALA C 17 -16.32 35.61 20.62
CA ALA C 17 -14.89 35.63 20.35
C ALA C 17 -14.59 36.06 18.93
N SER C 18 -15.43 35.65 17.97
CA SER C 18 -15.25 36.11 16.60
C SER C 18 -15.50 37.59 16.46
N ARG C 19 -16.48 38.12 17.21
CA ARG C 19 -16.73 39.56 17.19
C ARG C 19 -15.54 40.33 17.74
N ILE C 20 -14.93 39.82 18.82
CA ILE C 20 -13.79 40.51 19.42
C ILE C 20 -12.60 40.53 18.46
N LEU C 21 -12.33 39.41 17.79
CA LEU C 21 -11.17 39.28 16.93
C LEU C 21 -11.35 39.97 15.58
N GLY C 22 -12.57 40.33 15.20
CA GLY C 22 -12.79 40.91 13.88
C GLY C 22 -12.47 39.95 12.76
N LEU C 23 -12.93 38.70 12.87
CA LEU C 23 -12.65 37.70 11.86
C LEU C 23 -13.48 37.92 10.61
N ASP C 24 -12.95 37.48 9.49
CA ASP C 24 -13.70 37.50 8.23
C ASP C 24 -14.89 36.55 8.33
N SER C 25 -15.95 36.88 7.59
CA SER C 25 -17.15 36.05 7.62
C SER C 25 -16.91 34.72 6.93
N LYS C 26 -16.14 34.72 5.84
CA LYS C 26 -15.86 33.48 5.13
C LYS C 26 -15.10 32.49 6.01
N ILE C 27 -14.12 32.98 6.76
CA ILE C 27 -13.35 32.10 7.64
C ILE C 27 -14.24 31.53 8.74
N GLU C 28 -15.14 32.33 9.28
CA GLU C 28 -16.05 31.82 10.30
C GLU C 28 -16.98 30.75 9.73
N ARG C 29 -17.51 30.98 8.53
CA ARG C 29 -18.34 29.97 7.89
C ARG C 29 -17.56 28.68 7.68
N SER C 30 -16.30 28.80 7.28
CA SER C 30 -15.46 27.61 7.09
C SER C 30 -15.18 26.91 8.41
N LEU C 31 -15.07 27.65 9.50
CA LEU C 31 -14.84 27.04 10.81
C LEU C 31 -16.11 26.43 11.40
N MET C 32 -17.29 26.77 10.86
CA MET C 32 -18.51 26.07 11.28
C MET C 32 -18.60 24.66 10.71
N ILE C 33 -18.26 24.47 9.45
CA ILE C 33 -18.52 23.19 8.79
C ILE C 33 -17.50 22.16 9.25
N PRO C 34 -17.93 21.02 9.79
CA PRO C 34 -16.98 19.99 10.21
C PRO C 34 -16.24 19.37 9.04
N PHE C 35 -15.05 18.87 9.32
CA PHE C 35 -14.24 18.25 8.27
C PHE C 35 -14.92 17.02 7.70
N ARG C 36 -15.55 16.21 8.55
CA ARG C 36 -16.17 14.98 8.06
C ARG C 36 -17.14 14.42 9.09
N GLU C 37 -18.18 13.76 8.60
CA GLU C 37 -19.14 13.05 9.44
C GLU C 37 -19.43 11.69 8.83
N ILE C 38 -19.55 10.67 9.69
CA ILE C 38 -19.69 9.29 9.24
C ILE C 38 -20.76 8.60 10.07
N LYS C 39 -21.63 7.84 9.40
CA LYS C 39 -22.57 6.93 10.05
C LYS C 39 -22.41 5.55 9.44
N VAL C 40 -22.35 4.52 10.28
CA VAL C 40 -22.21 3.15 9.84
C VAL C 40 -23.18 2.26 10.61
N GLU C 41 -23.43 1.07 10.06
CA GLU C 41 -24.33 0.10 10.66
C GLU C 41 -23.54 -1.03 11.30
N CYS C 42 -23.84 -1.33 12.55
CA CYS C 42 -23.13 -2.36 13.31
C CYS C 42 -24.14 -3.43 13.72
N THR C 43 -24.05 -4.61 13.11
CA THR C 43 -25.00 -5.69 13.36
C THR C 43 -24.26 -6.89 13.93
N ILE C 44 -24.72 -7.38 15.07
CA ILE C 44 -24.06 -8.50 15.74
C ILE C 44 -25.07 -9.57 16.12
N PRO C 45 -24.66 -10.84 16.21
CA PRO C 45 -25.53 -11.86 16.80
C PRO C 45 -25.37 -11.93 18.31
N LYS C 46 -26.50 -12.01 19.00
CA LYS C 46 -26.49 -12.06 20.45
C LYS C 46 -26.02 -13.44 20.91
N ASP C 47 -26.04 -13.66 22.24
CA ASP C 47 -25.66 -14.97 22.76
C ASP C 47 -26.67 -16.04 22.37
N ASP C 48 -27.94 -15.66 22.24
CA ASP C 48 -28.96 -16.61 21.79
C ASP C 48 -28.71 -17.04 20.36
N GLY C 49 -28.43 -16.08 19.48
CA GLY C 49 -28.27 -16.36 18.07
C GLY C 49 -28.94 -15.31 17.21
N THR C 50 -29.87 -14.56 17.80
CA THR C 50 -30.61 -13.55 17.07
C THR C 50 -29.75 -12.32 16.81
N LEU C 51 -30.14 -11.56 15.81
CA LEU C 51 -29.39 -10.40 15.35
C LEU C 51 -29.88 -9.12 16.02
N VAL C 52 -28.95 -8.19 16.25
CA VAL C 52 -29.28 -6.85 16.72
C VAL C 52 -28.45 -5.86 15.94
N SER C 53 -29.08 -4.76 15.50
CA SER C 53 -28.43 -3.75 14.69
C SER C 53 -28.47 -2.41 15.40
N TYR C 54 -27.32 -1.75 15.47
CA TYR C 54 -27.22 -0.38 15.96
C TYR C 54 -26.56 0.49 14.90
N ILE C 55 -26.51 1.79 15.17
CA ILE C 55 -25.94 2.77 14.26
C ILE C 55 -24.83 3.50 14.99
N GLY C 56 -23.61 3.41 14.46
CA GLY C 56 -22.47 4.10 15.03
C GLY C 56 -22.14 5.35 14.24
N PHE C 57 -21.61 6.36 14.92
CA PHE C 57 -21.35 7.65 14.30
C PHE C 57 -20.00 8.19 14.73
N ARG C 58 -19.45 9.07 13.90
CA ARG C 58 -18.17 9.71 14.18
C ARG C 58 -18.12 11.07 13.49
N VAL C 59 -17.82 12.12 14.25
CA VAL C 59 -17.73 13.47 13.73
C VAL C 59 -16.31 13.97 13.94
N GLN C 60 -15.72 14.55 12.90
CA GLN C 60 -14.34 15.03 12.92
C GLN C 60 -14.35 16.49 12.49
N HIS C 61 -14.04 17.41 13.41
CA HIS C 61 -14.27 18.82 13.16
C HIS C 61 -13.15 19.46 12.35
N ASP C 62 -11.95 19.53 12.92
CA ASP C 62 -10.83 20.17 12.24
C ASP C 62 -9.56 19.35 12.44
N ASN C 63 -8.63 19.50 11.49
CA ASN C 63 -7.33 18.88 11.58
C ASN C 63 -6.24 19.84 11.11
N ALA C 64 -6.44 21.14 11.32
CA ALA C 64 -5.49 22.13 10.85
C ALA C 64 -4.20 22.14 11.66
N ARG C 65 -4.22 21.58 12.87
CA ARG C 65 -3.07 21.61 13.75
C ARG C 65 -2.43 20.25 14.02
N GLY C 66 -3.03 19.18 13.55
CA GLY C 66 -2.48 17.86 13.76
C GLY C 66 -3.54 16.78 13.71
N PRO C 67 -3.30 15.66 14.38
CA PRO C 67 -4.30 14.61 14.45
C PRO C 67 -5.54 15.08 15.19
N MET C 68 -6.59 14.27 15.09
CA MET C 68 -7.85 14.56 15.75
C MET C 68 -7.95 13.74 17.03
N LYS C 69 -8.58 14.31 18.04
CA LYS C 69 -8.71 13.68 19.35
C LYS C 69 -10.15 13.77 19.81
N GLY C 70 -10.66 12.70 20.40
CA GLY C 70 -12.04 12.71 20.85
C GLY C 70 -12.43 11.38 21.44
N GLY C 71 -13.57 11.39 22.12
CA GLY C 71 -14.03 10.25 22.88
C GLY C 71 -15.11 9.44 22.19
N ILE C 72 -15.20 8.18 22.60
CA ILE C 72 -16.21 7.24 22.13
C ILE C 72 -17.25 7.05 23.22
N ARG C 73 -18.52 7.29 22.88
CA ARG C 73 -19.60 7.31 23.85
C ARG C 73 -20.62 6.21 23.55
N TYR C 74 -20.98 5.46 24.58
CA TYR C 74 -21.97 4.38 24.49
C TYR C 74 -23.22 4.83 25.26
N HIS C 75 -24.11 5.57 24.59
CA HIS C 75 -25.32 6.05 25.23
C HIS C 75 -26.50 5.86 24.30
N PRO C 76 -27.65 5.42 24.84
CA PRO C 76 -28.80 5.14 23.97
C PRO C 76 -29.30 6.34 23.17
N GLU C 77 -29.27 7.54 23.73
CA GLU C 77 -29.87 8.71 23.09
C GLU C 77 -28.77 9.61 22.52
N VAL C 78 -28.93 9.98 21.25
CA VAL C 78 -27.95 10.77 20.53
C VAL C 78 -28.64 11.94 19.85
N ASP C 79 -27.85 12.95 19.52
CA ASP C 79 -28.35 14.13 18.84
C ASP C 79 -27.22 14.76 18.01
N PRO C 80 -27.42 14.95 16.71
CA PRO C 80 -26.32 15.50 15.88
C PRO C 80 -25.84 16.87 16.34
N ASP C 81 -26.75 17.73 16.83
CA ASP C 81 -26.34 19.05 17.27
C ASP C 81 -25.43 18.97 18.48
N GLU C 82 -25.79 18.12 19.45
CA GLU C 82 -24.95 17.95 20.63
C GLU C 82 -23.58 17.41 20.26
N VAL C 83 -23.53 16.44 19.34
CA VAL C 83 -22.25 15.85 18.96
C VAL C 83 -21.38 16.88 18.25
N ASN C 84 -21.97 17.67 17.35
CA ASN C 84 -21.20 18.71 16.68
C ASN C 84 -20.67 19.73 17.67
N ALA C 85 -21.51 20.13 18.64
CA ALA C 85 -21.07 21.09 19.65
C ALA C 85 -19.91 20.53 20.47
N LEU C 86 -20.00 19.26 20.85
CA LEU C 86 -18.93 18.66 21.63
C LEU C 86 -17.62 18.57 20.84
N ALA C 87 -17.71 18.22 19.55
CA ALA C 87 -16.50 18.18 18.73
C ALA C 87 -15.86 19.56 18.63
N GLN C 88 -16.68 20.59 18.40
CA GLN C 88 -16.15 21.95 18.31
C GLN C 88 -15.52 22.39 19.62
N LEU C 89 -16.15 22.05 20.74
CA LEU C 89 -15.59 22.40 22.04
C LEU C 89 -14.25 21.71 22.25
N MET C 90 -14.12 20.46 21.84
CA MET C 90 -12.84 19.79 21.95
C MET C 90 -11.77 20.48 21.11
N THR C 91 -12.15 20.93 19.92
CA THR C 91 -11.19 21.68 19.10
C THR C 91 -10.66 22.91 19.83
N TRP C 92 -11.58 23.73 20.37
CA TRP C 92 -11.13 24.94 21.05
C TRP C 92 -10.32 24.61 22.29
N LYS C 93 -10.74 23.61 23.07
CA LYS C 93 -10.04 23.25 24.29
C LYS C 93 -8.62 22.79 24.00
N THR C 94 -8.45 21.96 22.96
CA THR C 94 -7.11 21.55 22.57
C THR C 94 -6.28 22.74 22.12
N ALA C 95 -6.89 23.68 21.39
CA ALA C 95 -6.14 24.87 20.97
C ALA C 95 -5.68 25.68 22.17
N VAL C 96 -6.49 25.74 23.22
CA VAL C 96 -6.11 26.53 24.40
C VAL C 96 -4.92 25.89 25.11
N ALA C 97 -4.97 24.58 25.35
CA ALA C 97 -3.91 23.92 26.10
C ALA C 97 -2.61 23.84 25.34
N ASP C 98 -2.61 24.15 24.04
CA ASP C 98 -1.41 24.17 23.20
C ASP C 98 -0.79 22.79 23.07
N ILE C 99 -1.60 21.83 22.62
CA ILE C 99 -1.12 20.51 22.24
C ILE C 99 -1.49 20.29 20.78
N PRO C 100 -0.69 19.61 19.99
CA PRO C 100 -0.95 19.53 18.54
C PRO C 100 -2.01 18.50 18.17
N TYR C 101 -3.27 18.85 18.41
CA TYR C 101 -4.40 17.98 18.14
C TYR C 101 -5.54 18.77 17.52
N GLY C 102 -6.58 18.05 17.10
CA GLY C 102 -7.80 18.65 16.60
C GLY C 102 -8.99 18.25 17.45
N GLY C 103 -10.17 18.12 16.85
CA GLY C 103 -11.33 17.73 17.61
C GLY C 103 -12.21 16.70 16.95
N ALA C 104 -12.76 15.78 17.74
CA ALA C 104 -13.63 14.75 17.19
C ALA C 104 -14.51 14.22 18.31
N LYS C 105 -15.50 13.43 17.92
CA LYS C 105 -16.41 12.80 18.88
C LYS C 105 -17.22 11.70 18.20
N GLY C 106 -17.31 10.52 18.82
CA GLY C 106 -18.04 9.45 18.18
C GLY C 106 -18.72 8.59 19.21
N GLY C 107 -19.43 7.57 18.72
CA GLY C 107 -20.05 6.64 19.64
C GLY C 107 -21.00 5.68 18.95
N ILE C 108 -21.70 4.92 19.78
CA ILE C 108 -22.70 3.95 19.34
C ILE C 108 -23.98 4.21 20.12
N GLY C 109 -25.11 4.15 19.43
CA GLY C 109 -26.39 4.37 20.08
C GLY C 109 -26.96 3.11 20.71
N CYS C 110 -26.35 2.63 21.79
CA CYS C 110 -26.79 1.43 22.47
C CYS C 110 -26.70 1.63 23.98
N SER C 111 -27.40 0.77 24.71
CA SER C 111 -27.36 0.82 26.16
C SER C 111 -26.49 -0.32 26.68
N PRO C 112 -25.30 -0.05 27.22
CA PRO C 112 -24.39 -1.13 27.61
C PRO C 112 -24.83 -1.89 28.85
N ARG C 113 -25.89 -1.47 29.53
CA ARG C 113 -26.35 -2.19 30.71
C ARG C 113 -27.18 -3.41 30.37
N ASP C 114 -27.50 -3.63 29.09
CA ASP C 114 -28.31 -4.75 28.66
C ASP C 114 -27.49 -5.83 27.96
N LEU C 115 -26.24 -5.55 27.61
CA LEU C 115 -25.39 -6.49 26.89
C LEU C 115 -24.40 -7.14 27.85
N SER C 116 -24.15 -8.43 27.65
CA SER C 116 -23.15 -9.12 28.45
C SER C 116 -21.76 -8.67 28.02
N LEU C 117 -20.73 -9.32 28.58
CA LEU C 117 -19.36 -8.95 28.25
C LEU C 117 -19.01 -9.36 26.83
N SER C 118 -19.37 -10.59 26.44
CA SER C 118 -19.03 -11.07 25.10
C SER C 118 -19.72 -10.27 24.02
N GLU C 119 -20.99 -9.94 24.21
CA GLU C 119 -21.70 -9.14 23.22
C GLU C 119 -21.09 -7.75 23.11
N LEU C 120 -20.66 -7.19 24.24
CA LEU C 120 -20.05 -5.87 24.22
C LEU C 120 -18.73 -5.89 23.45
N GLU C 121 -17.94 -6.95 23.64
CA GLU C 121 -16.70 -7.10 22.88
C GLU C 121 -16.98 -7.24 21.39
N ARG C 122 -17.98 -8.04 21.03
CA ARG C 122 -18.33 -8.19 19.62
C ARG C 122 -18.74 -6.86 19.00
N LEU C 123 -19.54 -6.08 19.73
CA LEU C 123 -19.96 -4.77 19.23
C LEU C 123 -18.76 -3.86 19.00
N THR C 124 -17.84 -3.82 19.96
CA THR C 124 -16.66 -2.97 19.80
C THR C 124 -15.83 -3.38 18.60
N ARG C 125 -15.61 -4.69 18.44
CA ARG C 125 -14.79 -5.16 17.32
C ARG C 125 -15.44 -4.86 15.98
N VAL C 126 -16.76 -5.04 15.89
CA VAL C 126 -17.44 -4.75 14.62
C VAL C 126 -17.37 -3.27 14.29
N PHE C 127 -17.60 -2.41 15.30
CA PHE C 127 -17.46 -0.97 15.08
C PHE C 127 -16.08 -0.62 14.56
N THR C 128 -15.04 -1.20 15.17
CA THR C 128 -13.68 -0.93 14.73
C THR C 128 -13.47 -1.40 13.28
N GLN C 129 -13.97 -2.58 12.94
CA GLN C 129 -13.84 -3.05 11.56
C GLN C 129 -14.51 -2.10 10.59
N LYS C 130 -15.63 -1.50 10.98
CA LYS C 130 -16.33 -0.61 10.06
C LYS C 130 -15.66 0.75 9.92
N ILE C 131 -14.98 1.25 10.95
CA ILE C 131 -14.37 2.57 10.82
C ILE C 131 -12.85 2.51 10.81
N HIS C 132 -12.26 1.39 10.38
CA HIS C 132 -10.83 1.22 10.56
C HIS C 132 -10.02 2.12 9.63
N ASP C 133 -10.55 2.46 8.46
CA ASP C 133 -9.79 3.25 7.49
C ASP C 133 -9.96 4.74 7.67
N LEU C 134 -10.67 5.18 8.70
CA LEU C 134 -10.86 6.60 8.96
C LEU C 134 -10.20 7.06 10.26
N ILE C 135 -9.49 6.17 10.96
CA ILE C 135 -8.71 6.53 12.13
C ILE C 135 -7.27 6.11 11.89
N GLY C 136 -6.41 6.48 12.82
CA GLY C 136 -5.00 6.15 12.68
C GLY C 136 -4.16 6.87 13.69
N ILE C 137 -2.86 6.64 13.60
CA ILE C 137 -1.92 7.24 14.55
C ILE C 137 -1.81 8.73 14.31
N HIS C 138 -1.71 9.14 13.05
CA HIS C 138 -1.60 10.55 12.69
C HIS C 138 -2.87 11.07 12.02
N THR C 139 -3.99 10.36 12.19
CA THR C 139 -5.26 10.77 11.61
C THR C 139 -6.33 11.05 12.65
N ASP C 140 -6.57 10.13 13.58
CA ASP C 140 -7.63 10.27 14.56
C ASP C 140 -7.44 9.27 15.70
N VAL C 141 -7.40 9.74 16.93
CA VAL C 141 -7.04 8.93 18.08
C VAL C 141 -8.22 8.89 19.04
N PRO C 142 -8.96 7.78 19.08
CA PRO C 142 -10.08 7.67 20.02
C PRO C 142 -9.62 7.60 21.46
N ALA C 143 -10.53 7.98 22.36
CA ALA C 143 -10.31 7.95 23.79
C ALA C 143 -11.58 7.46 24.47
N PRO C 144 -11.47 6.96 25.70
CA PRO C 144 -12.66 6.49 26.41
C PRO C 144 -13.50 7.65 26.92
N ASP C 145 -14.77 7.36 27.12
CA ASP C 145 -15.74 8.34 27.59
C ASP C 145 -16.77 7.61 28.45
N MET C 146 -17.91 8.23 28.70
CA MET C 146 -18.90 7.60 29.57
C MET C 146 -19.55 6.43 28.86
N GLY C 147 -19.75 5.34 29.59
CA GLY C 147 -20.13 4.08 29.00
C GLY C 147 -18.97 3.27 28.46
N THR C 148 -17.75 3.76 28.58
CA THR C 148 -16.56 3.13 28.03
C THR C 148 -15.43 3.19 29.05
N ASN C 149 -14.55 2.19 29.01
CA ASN C 149 -13.42 2.12 29.93
C ASN C 149 -12.21 1.58 29.18
N ALA C 150 -11.17 1.19 29.93
CA ALA C 150 -9.91 0.82 29.32
C ALA C 150 -10.00 -0.49 28.55
N GLN C 151 -10.87 -1.40 28.97
CA GLN C 151 -11.01 -2.67 28.27
C GLN C 151 -11.48 -2.45 26.83
N THR C 152 -12.38 -1.49 26.62
CA THR C 152 -12.83 -1.20 25.27
C THR C 152 -11.68 -0.69 24.40
N MET C 153 -10.80 0.14 24.97
CA MET C 153 -9.62 0.56 24.24
C MET C 153 -8.71 -0.61 23.92
N ALA C 154 -8.60 -1.58 24.81
CA ALA C 154 -7.81 -2.77 24.50
C ALA C 154 -8.39 -3.53 23.31
N TRP C 155 -9.72 -3.68 23.26
CA TRP C 155 -10.33 -4.37 22.14
C TRP C 155 -10.16 -3.61 20.83
N ILE C 156 -10.32 -2.28 20.87
CA ILE C 156 -10.11 -1.48 19.68
C ILE C 156 -8.68 -1.61 19.18
N LEU C 157 -7.71 -1.57 20.10
CA LEU C 157 -6.31 -1.74 19.73
C LEU C 157 -6.08 -3.08 19.08
N ASP C 158 -6.68 -4.14 19.63
CA ASP C 158 -6.50 -5.48 19.07
C ASP C 158 -6.99 -5.55 17.63
N GLU C 159 -8.20 -5.06 17.37
CA GLU C 159 -8.75 -5.15 16.02
C GLU C 159 -7.96 -4.29 15.03
N TYR C 160 -7.63 -3.05 15.43
CA TYR C 160 -6.87 -2.20 14.53
C TYR C 160 -5.49 -2.80 14.25
N SER C 161 -4.90 -3.47 15.23
CA SER C 161 -3.63 -4.16 15.00
C SER C 161 -3.79 -5.30 14.01
N LYS C 162 -4.89 -6.04 14.11
CA LYS C 162 -5.16 -7.06 13.10
C LYS C 162 -5.16 -6.46 11.70
N PHE C 163 -5.67 -5.24 11.57
CA PHE C 163 -5.75 -4.67 10.23
C PHE C 163 -4.42 -4.06 9.76
N HIS C 164 -3.80 -3.20 10.57
CA HIS C 164 -2.66 -2.40 10.13
C HIS C 164 -1.37 -2.74 10.85
N GLY C 165 -1.29 -3.88 11.52
CA GLY C 165 -0.11 -4.23 12.29
C GLY C 165 -0.10 -3.54 13.65
N HIS C 166 0.88 -3.92 14.47
CA HIS C 166 0.94 -3.45 15.84
C HIS C 166 1.07 -1.93 15.91
N SER C 167 0.02 -1.25 16.36
CA SER C 167 -0.02 0.21 16.45
C SER C 167 -0.51 0.61 17.83
N PRO C 168 0.38 0.59 18.83
CA PRO C 168 -0.06 0.88 20.20
C PRO C 168 -0.52 2.31 20.41
N ALA C 169 -0.19 3.23 19.53
CA ALA C 169 -0.47 4.65 19.72
C ALA C 169 -1.78 5.09 19.07
N VAL C 170 -2.60 4.15 18.62
CA VAL C 170 -3.84 4.52 17.96
C VAL C 170 -4.91 4.93 18.96
N VAL C 171 -4.83 4.48 20.21
CA VAL C 171 -5.78 4.83 21.25
C VAL C 171 -5.03 5.28 22.48
N THR C 172 -5.73 6.03 23.33
CA THR C 172 -5.20 6.45 24.62
C THR C 172 -6.14 6.01 25.72
N GLY C 173 -5.60 5.81 26.91
CA GLY C 173 -6.36 5.26 28.00
C GLY C 173 -6.26 3.76 28.15
N LYS C 174 -5.25 3.14 27.56
CA LYS C 174 -5.09 1.70 27.64
C LYS C 174 -4.68 1.28 29.05
N PRO C 175 -4.85 0.00 29.39
CA PRO C 175 -4.32 -0.50 30.66
C PRO C 175 -2.82 -0.28 30.76
N ILE C 176 -2.30 -0.42 31.98
CA ILE C 176 -0.90 -0.12 32.23
C ILE C 176 0.01 -1.13 31.52
N ASP C 177 -0.39 -2.40 31.52
CA ASP C 177 0.45 -3.44 30.92
C ASP C 177 0.30 -3.55 29.42
N LEU C 178 -0.60 -2.79 28.80
CA LEU C 178 -0.72 -2.73 27.36
C LEU C 178 -0.12 -1.46 26.78
N GLY C 179 0.54 -0.65 27.60
CA GLY C 179 1.18 0.55 27.11
C GLY C 179 0.59 1.82 27.67
N GLY C 180 -0.05 1.74 28.83
CA GLY C 180 -0.64 2.90 29.46
C GLY C 180 0.40 3.80 30.09
N SER C 181 -0.08 4.93 30.61
CA SER C 181 0.77 5.95 31.18
C SER C 181 0.53 6.08 32.68
N LEU C 182 1.58 6.38 33.42
CA LEU C 182 1.47 6.59 34.85
C LEU C 182 0.96 7.99 35.15
N GLY C 183 0.20 8.11 36.24
CA GLY C 183 -0.34 9.38 36.64
C GLY C 183 -1.63 9.79 35.96
N ARG C 184 -2.38 8.83 35.43
CA ARG C 184 -3.63 9.16 34.76
C ARG C 184 -4.76 9.49 35.74
N GLU C 185 -4.81 8.77 36.87
CA GLU C 185 -5.94 8.91 37.77
C GLU C 185 -5.96 10.26 38.47
N ALA C 186 -4.80 10.85 38.71
CA ALA C 186 -4.68 12.10 39.46
C ALA C 186 -4.43 13.29 38.56
N ALA C 187 -4.64 13.16 37.25
CA ALA C 187 -4.27 14.22 36.32
C ALA C 187 -5.13 15.46 36.51
N THR C 188 -6.45 15.27 36.64
CA THR C 188 -7.35 16.42 36.67
C THR C 188 -7.21 17.22 37.97
N GLY C 189 -7.06 16.52 39.10
CA GLY C 189 -6.84 17.23 40.35
C GLY C 189 -5.52 17.98 40.37
N ARG C 190 -4.46 17.34 39.87
CA ARG C 190 -3.18 18.03 39.72
C ARG C 190 -3.33 19.28 38.87
N GLY C 191 -4.07 19.18 37.75
CA GLY C 191 -4.26 20.34 36.90
C GLY C 191 -5.01 21.45 37.59
N VAL C 192 -6.06 21.11 38.33
CA VAL C 192 -6.84 22.12 39.04
C VAL C 192 -5.97 22.83 40.07
N VAL C 193 -5.16 22.06 40.80
CA VAL C 193 -4.29 22.67 41.81
C VAL C 193 -3.27 23.59 41.15
N PHE C 194 -2.66 23.17 40.04
CA PHE C 194 -1.68 24.01 39.36
C PHE C 194 -2.33 25.30 38.84
N ALA C 195 -3.52 25.20 38.26
CA ALA C 195 -4.21 26.38 37.77
C ALA C 195 -4.55 27.33 38.91
N THR C 196 -5.03 26.80 40.04
CA THR C 196 -5.36 27.64 41.18
C THR C 196 -4.11 28.33 41.72
N GLU C 197 -3.00 27.60 41.79
CA GLU C 197 -1.76 28.21 42.26
C GLU C 197 -1.33 29.35 41.35
N ALA C 198 -1.41 29.16 40.04
CA ALA C 198 -1.02 30.22 39.12
C ALA C 198 -1.94 31.43 39.26
N LEU C 199 -3.25 31.19 39.36
CA LEU C 199 -4.19 32.30 39.50
C LEU C 199 -3.93 33.08 40.78
N LEU C 200 -3.68 32.39 41.89
CA LEU C 200 -3.38 33.08 43.14
C LEU C 200 -2.09 33.87 43.05
N ALA C 201 -1.04 33.24 42.50
CA ALA C 201 0.24 33.93 42.40
C ALA C 201 0.18 35.13 41.46
N GLU C 202 -0.82 35.18 40.59
CA GLU C 202 -1.00 36.37 39.76
C GLU C 202 -1.21 37.61 40.61
N TYR C 203 -2.02 37.52 41.66
CA TYR C 203 -2.36 38.67 42.50
C TYR C 203 -1.41 38.85 43.67
N GLY C 204 -0.45 37.96 43.85
CA GLY C 204 0.53 38.09 44.91
C GLY C 204 0.31 37.21 46.11
N LYS C 205 -0.83 36.54 46.21
CA LYS C 205 -1.10 35.65 47.34
C LYS C 205 -0.46 34.28 47.08
N SER C 206 -0.80 33.32 47.94
CA SER C 206 -0.33 31.95 47.79
C SER C 206 -1.32 31.01 48.45
N ILE C 207 -1.20 29.73 48.12
CA ILE C 207 -2.13 28.74 48.65
C ILE C 207 -1.97 28.59 50.15
N GLN C 208 -0.74 28.68 50.64
CA GLN C 208 -0.47 28.49 52.06
C GLN C 208 -1.17 29.58 52.88
N GLY C 209 -2.19 29.18 53.63
CA GLY C 209 -2.87 30.11 54.51
C GLY C 209 -4.14 30.72 53.95
N LEU C 210 -4.90 29.97 53.16
CA LEU C 210 -6.16 30.44 52.60
C LEU C 210 -7.25 29.43 52.93
N THR C 211 -8.48 29.77 52.55
CA THR C 211 -9.66 28.99 52.88
C THR C 211 -10.32 28.48 51.61
N PHE C 212 -10.64 27.19 51.57
CA PHE C 212 -11.16 26.52 50.40
C PHE C 212 -12.47 25.81 50.72
N VAL C 213 -13.43 25.90 49.81
CA VAL C 213 -14.69 25.18 49.93
C VAL C 213 -14.88 24.35 48.67
N ILE C 214 -14.91 23.02 48.83
CA ILE C 214 -14.90 22.09 47.72
C ILE C 214 -16.23 21.34 47.69
N GLN C 215 -16.87 21.31 46.52
CA GLN C 215 -18.17 20.67 46.37
C GLN C 215 -18.01 19.36 45.61
N GLY C 216 -17.91 18.26 46.36
CA GLY C 216 -17.93 16.93 45.78
C GLY C 216 -16.67 16.12 45.99
N PHE C 217 -16.84 14.79 46.03
CA PHE C 217 -15.74 13.83 46.07
C PHE C 217 -15.75 12.81 44.94
N GLY C 218 -15.85 13.27 43.69
CA GLY C 218 -15.42 12.43 42.60
C GLY C 218 -13.91 12.34 42.62
N ASN C 219 -13.29 11.80 41.57
CA ASN C 219 -11.83 11.76 41.54
C ASN C 219 -11.24 13.16 41.64
N VAL C 220 -11.81 14.10 40.89
CA VAL C 220 -11.30 15.46 40.86
C VAL C 220 -11.35 16.07 42.26
N GLY C 221 -12.49 15.94 42.93
CA GLY C 221 -12.65 16.59 44.22
C GLY C 221 -11.71 16.04 45.27
N THR C 222 -11.62 14.71 45.38
CA THR C 222 -10.76 14.12 46.40
C THR C 222 -9.30 14.43 46.13
N TRP C 223 -8.88 14.35 44.87
CA TRP C 223 -7.47 14.60 44.57
C TRP C 223 -7.11 16.07 44.80
N ALA C 224 -8.00 16.99 44.40
CA ALA C 224 -7.75 18.41 44.64
C ALA C 224 -7.68 18.71 46.13
N ALA C 225 -8.60 18.12 46.90
CA ALA C 225 -8.60 18.37 48.34
C ALA C 225 -7.31 17.85 48.98
N LYS C 226 -6.89 16.63 48.62
CA LYS C 226 -5.69 16.07 49.20
C LYS C 226 -4.46 16.91 48.84
N LEU C 227 -4.34 17.30 47.57
CA LEU C 227 -3.19 18.10 47.15
C LEU C 227 -3.18 19.47 47.83
N ILE C 228 -4.35 20.10 47.95
CA ILE C 228 -4.42 21.41 48.61
C ILE C 228 -4.02 21.29 50.07
N HIS C 229 -4.54 20.28 50.76
CA HIS C 229 -4.19 20.10 52.17
C HIS C 229 -2.69 19.84 52.33
N GLU C 230 -2.12 19.06 51.42
CA GLU C 230 -0.68 18.82 51.47
C GLU C 230 0.11 20.10 51.26
N LYS C 231 -0.36 20.97 50.35
CA LYS C 231 0.39 22.18 50.02
C LYS C 231 0.51 23.11 51.23
N GLY C 232 -0.54 23.19 52.05
CA GLY C 232 -0.50 24.03 53.22
C GLY C 232 -1.77 24.82 53.48
N GLY C 233 -2.79 24.61 52.65
CA GLY C 233 -4.06 25.27 52.86
C GLY C 233 -4.96 24.50 53.80
N LYS C 234 -6.09 25.13 54.15
CA LYS C 234 -7.07 24.54 55.04
C LYS C 234 -8.44 24.55 54.37
N VAL C 235 -9.11 23.41 54.38
CA VAL C 235 -10.44 23.26 53.79
C VAL C 235 -11.46 23.24 54.93
N VAL C 236 -12.55 23.98 54.75
CA VAL C 236 -13.51 24.20 55.83
C VAL C 236 -14.91 23.71 55.52
N ALA C 237 -15.14 23.15 54.33
CA ALA C 237 -16.47 22.66 54.00
C ALA C 237 -16.35 21.62 52.89
N VAL C 238 -17.10 20.52 53.05
CA VAL C 238 -17.07 19.44 52.07
C VAL C 238 -18.49 18.95 51.84
N SER C 239 -18.83 18.68 50.59
CA SER C 239 -20.14 18.17 50.22
C SER C 239 -20.02 16.78 49.64
N ASP C 240 -21.16 16.25 49.22
CA ASP C 240 -21.27 14.94 48.57
C ASP C 240 -22.69 14.83 48.04
N ILE C 241 -22.99 13.69 47.41
CA ILE C 241 -24.37 13.42 47.01
C ILE C 241 -25.24 13.20 48.24
N THR C 242 -24.66 12.68 49.32
CA THR C 242 -25.39 12.37 50.54
C THR C 242 -24.60 12.92 51.73
N GLY C 243 -24.90 14.15 52.13
CA GLY C 243 -24.31 14.72 53.33
C GLY C 243 -23.31 15.82 53.02
N ALA C 244 -22.99 16.58 54.06
CA ALA C 244 -22.05 17.70 53.95
C ALA C 244 -21.58 18.08 55.35
N ILE C 245 -20.28 18.35 55.48
CA ILE C 245 -19.69 18.65 56.78
C ILE C 245 -18.90 19.94 56.71
N ARG C 246 -18.62 20.49 57.89
CA ARG C 246 -17.95 21.77 58.02
C ARG C 246 -17.01 21.72 59.21
N ASN C 247 -15.92 22.50 59.13
CA ASN C 247 -15.02 22.71 60.25
C ASN C 247 -14.27 24.02 60.08
N PRO C 248 -14.46 24.98 60.99
CA PRO C 248 -13.88 26.31 60.78
C PRO C 248 -12.36 26.34 60.78
N GLU C 249 -11.68 25.37 61.40
CA GLU C 249 -10.23 25.40 61.50
C GLU C 249 -9.55 24.37 60.61
N GLY C 250 -10.28 23.71 59.72
CA GLY C 250 -9.65 22.77 58.80
C GLY C 250 -10.08 21.34 59.07
N ILE C 251 -10.26 20.58 58.00
CA ILE C 251 -10.68 19.20 58.08
C ILE C 251 -9.51 18.31 57.69
N ASP C 252 -9.27 17.26 58.48
CA ASP C 252 -8.23 16.29 58.17
C ASP C 252 -8.69 15.46 56.98
N ILE C 253 -8.20 15.81 55.78
CA ILE C 253 -8.60 15.10 54.58
C ILE C 253 -8.08 13.67 54.60
N ASN C 254 -6.85 13.47 55.09
CA ASN C 254 -6.28 12.13 55.13
C ASN C 254 -7.12 11.19 55.98
N ALA C 255 -7.71 11.70 57.06
CA ALA C 255 -8.61 10.89 57.86
C ALA C 255 -9.98 10.74 57.19
N LEU C 256 -10.44 11.79 56.51
CA LEU C 256 -11.76 11.74 55.90
C LEU C 256 -11.80 10.72 54.77
N ILE C 257 -10.70 10.59 54.03
CA ILE C 257 -10.65 9.64 52.91
C ILE C 257 -10.85 8.21 53.42
N LYS C 258 -10.15 7.84 54.50
CA LYS C 258 -10.33 6.50 55.04
C LYS C 258 -11.67 6.35 55.75
N HIS C 259 -12.22 7.44 56.29
CA HIS C 259 -13.57 7.37 56.84
C HIS C 259 -14.60 7.03 55.77
N LYS C 260 -14.47 7.68 54.60
CA LYS C 260 -15.39 7.39 53.51
C LYS C 260 -15.19 5.99 52.96
N ASP C 261 -13.99 5.43 53.11
CA ASP C 261 -13.73 4.08 52.62
C ASP C 261 -14.60 3.05 53.33
N ALA C 262 -14.75 3.17 54.65
CA ALA C 262 -15.50 2.20 55.43
C ALA C 262 -16.98 2.58 55.52
N THR C 263 -17.27 3.77 56.07
CA THR C 263 -18.64 4.19 56.26
C THR C 263 -19.36 4.35 54.92
N GLY C 264 -18.68 4.91 53.93
CA GLY C 264 -19.30 5.19 52.65
C GLY C 264 -20.08 6.48 52.59
N SER C 265 -19.97 7.34 53.60
CA SER C 265 -20.66 8.60 53.63
C SER C 265 -19.79 9.62 54.35
N LEU C 266 -20.36 10.79 54.63
CA LEU C 266 -19.70 11.81 55.43
C LEU C 266 -20.40 12.05 56.76
N ASN C 267 -21.32 11.17 57.15
CA ASN C 267 -22.04 11.35 58.39
C ASN C 267 -21.23 10.85 59.58
N ASP C 268 -21.38 11.52 60.71
CA ASP C 268 -20.72 11.15 61.96
C ASP C 268 -19.19 11.16 61.82
N PHE C 269 -18.66 12.19 61.16
CA PHE C 269 -17.23 12.38 61.13
C PHE C 269 -16.73 12.91 62.48
N ASN C 270 -15.43 12.74 62.71
CA ASN C 270 -14.83 13.15 63.97
C ASN C 270 -14.54 14.65 64.00
N GLY C 271 -13.70 15.12 63.09
CA GLY C 271 -13.29 16.52 63.10
C GLY C 271 -14.12 17.43 62.23
N GLY C 272 -15.42 17.50 62.50
CA GLY C 272 -16.30 18.37 61.74
C GLY C 272 -17.76 18.09 62.01
N ASP C 273 -18.59 19.14 61.99
CA ASP C 273 -20.01 18.99 62.28
C ASP C 273 -20.82 19.04 60.99
N ALA C 274 -21.91 18.27 60.97
CA ALA C 274 -22.77 18.21 59.80
C ALA C 274 -23.42 19.55 59.53
N MET C 275 -23.70 19.81 58.25
CA MET C 275 -24.28 21.08 57.84
C MET C 275 -25.31 20.82 56.74
N ASN C 276 -26.21 21.78 56.56
CA ASN C 276 -27.19 21.69 55.50
C ASN C 276 -26.50 21.68 54.14
N SER C 277 -27.03 20.87 53.22
CA SER C 277 -26.42 20.64 51.92
C SER C 277 -26.77 21.72 50.90
N ASP C 278 -27.27 22.87 51.35
CA ASP C 278 -27.62 23.96 50.45
C ASP C 278 -27.05 25.29 50.90
N GLU C 279 -26.17 25.30 51.91
CA GLU C 279 -25.62 26.53 52.45
C GLU C 279 -24.12 26.66 52.25
N LEU C 280 -23.41 25.56 52.00
CA LEU C 280 -21.95 25.63 51.89
C LEU C 280 -21.51 26.50 50.72
N LEU C 281 -22.35 26.63 49.70
CA LEU C 281 -22.02 27.53 48.59
C LEU C 281 -21.98 28.99 49.01
N ILE C 282 -22.49 29.32 50.20
CA ILE C 282 -22.50 30.68 50.69
C ILE C 282 -21.56 30.87 51.89
N HIS C 283 -20.71 29.89 52.18
CA HIS C 283 -19.78 30.00 53.29
C HIS C 283 -18.75 31.09 53.02
N GLU C 284 -18.23 31.66 54.10
CA GLU C 284 -17.05 32.51 54.00
C GLU C 284 -15.86 31.68 53.59
N CYS C 285 -15.17 32.10 52.53
CA CYS C 285 -14.04 31.34 52.02
C CYS C 285 -13.23 32.22 51.09
N ASP C 286 -12.05 31.73 50.73
CA ASP C 286 -11.22 32.43 49.75
C ASP C 286 -11.43 31.86 48.36
N VAL C 287 -11.50 30.54 48.23
CA VAL C 287 -11.64 29.86 46.96
C VAL C 287 -12.81 28.89 47.04
N LEU C 288 -13.64 28.88 46.01
CA LEU C 288 -14.77 27.96 45.91
C LEU C 288 -14.57 27.09 44.67
N ILE C 289 -14.63 25.78 44.86
CA ILE C 289 -14.34 24.83 43.79
C ILE C 289 -15.50 23.86 43.62
N PRO C 290 -16.42 24.12 42.69
CA PRO C 290 -17.45 23.11 42.37
C PRO C 290 -16.88 22.03 41.47
N CYS C 291 -17.12 20.77 41.83
CA CYS C 291 -16.53 19.65 41.11
C CYS C 291 -17.52 18.57 40.70
N ALA C 292 -18.82 18.75 40.95
CA ALA C 292 -19.78 17.67 40.76
C ALA C 292 -20.76 17.95 39.64
N LEU C 293 -21.49 19.06 39.69
CA LEU C 293 -22.56 19.33 38.75
C LEU C 293 -22.36 20.68 38.08
N GLY C 294 -23.11 20.89 37.01
CA GLY C 294 -23.07 22.14 36.26
C GLY C 294 -24.36 22.91 36.42
N GLY C 295 -24.26 24.24 36.28
CA GLY C 295 -25.41 25.09 36.45
C GLY C 295 -25.83 25.34 37.89
N VAL C 296 -24.97 25.00 38.86
CA VAL C 296 -25.34 25.14 40.26
C VAL C 296 -25.35 26.60 40.71
N LEU C 297 -24.86 27.51 39.90
CA LEU C 297 -24.89 28.94 40.21
C LEU C 297 -25.85 29.64 39.25
N ASN C 298 -26.81 30.38 39.80
CA ASN C 298 -27.84 31.02 39.01
C ASN C 298 -28.25 32.30 39.72
N LYS C 299 -29.40 32.86 39.32
CA LYS C 299 -29.80 34.19 39.80
C LYS C 299 -29.99 34.22 41.31
N GLU C 300 -30.63 33.20 41.86
CA GLU C 300 -30.92 33.18 43.29
C GLU C 300 -29.64 33.14 44.12
N ASN C 301 -28.67 32.31 43.71
CA ASN C 301 -27.44 32.16 44.48
C ASN C 301 -26.42 33.24 44.15
N ALA C 302 -26.60 33.99 43.06
CA ALA C 302 -25.58 34.92 42.61
C ALA C 302 -25.33 36.03 43.62
N GLY C 303 -26.40 36.60 44.18
CA GLY C 303 -26.22 37.69 45.10
C GLY C 303 -25.70 37.30 46.47
N ASP C 304 -25.87 36.03 46.85
CA ASP C 304 -25.53 35.61 48.20
C ASP C 304 -24.08 35.21 48.36
N VAL C 305 -23.42 34.72 47.30
CA VAL C 305 -22.06 34.23 47.43
C VAL C 305 -21.13 35.36 47.86
N LYS C 306 -20.13 35.00 48.68
CA LYS C 306 -19.16 35.97 49.20
C LYS C 306 -17.75 35.41 49.09
N ALA C 307 -17.47 34.66 48.03
CA ALA C 307 -16.12 34.19 47.77
C ALA C 307 -15.34 35.22 46.96
N LYS C 308 -14.01 35.04 46.92
CA LYS C 308 -13.15 35.93 46.16
C LYS C 308 -12.57 35.30 44.91
N PHE C 309 -12.61 33.98 44.77
CA PHE C 309 -12.11 33.29 43.60
C PHE C 309 -12.94 32.04 43.36
N ILE C 310 -13.35 31.84 42.12
CA ILE C 310 -14.12 30.65 41.73
C ILE C 310 -13.33 29.91 40.67
N VAL C 311 -13.12 28.62 40.87
CA VAL C 311 -12.40 27.77 39.93
C VAL C 311 -13.38 26.72 39.43
N GLU C 312 -13.71 26.78 38.15
CA GLU C 312 -14.74 25.91 37.57
C GLU C 312 -14.09 24.61 37.14
N ALA C 313 -14.01 23.66 38.06
CA ALA C 313 -13.46 22.34 37.77
C ALA C 313 -14.48 21.39 37.16
N ALA C 314 -15.75 21.79 37.09
CA ALA C 314 -16.80 20.98 36.52
C ALA C 314 -17.11 21.48 35.11
N ASN C 315 -18.17 20.95 34.51
CA ASN C 315 -18.57 21.32 33.16
C ASN C 315 -19.76 22.28 33.23
N HIS C 316 -19.51 23.53 32.85
CA HIS C 316 -20.51 24.60 32.79
C HIS C 316 -21.24 24.80 34.12
N PRO C 317 -20.55 25.26 35.16
CA PRO C 317 -21.24 25.47 36.45
C PRO C 317 -21.85 26.86 36.61
N THR C 318 -21.61 27.76 35.66
CA THR C 318 -22.01 29.15 35.79
C THR C 318 -22.90 29.56 34.62
N ASP C 319 -24.01 30.23 34.93
CA ASP C 319 -24.93 30.81 33.95
C ASP C 319 -24.51 32.23 33.59
N PRO C 320 -24.92 32.73 32.42
CA PRO C 320 -24.44 34.05 31.98
C PRO C 320 -24.87 35.19 32.89
N ASP C 321 -26.15 35.23 33.30
CA ASP C 321 -26.63 36.29 34.17
C ASP C 321 -25.90 36.26 35.52
N ALA C 322 -25.69 35.06 36.07
CA ALA C 322 -24.89 34.94 37.27
C ALA C 322 -23.47 35.44 37.02
N ASP C 323 -22.93 35.18 35.83
CA ASP C 323 -21.58 35.64 35.50
C ASP C 323 -21.51 37.16 35.53
N GLU C 324 -22.51 37.84 34.96
CA GLU C 324 -22.49 39.30 34.96
C GLU C 324 -22.71 39.85 36.36
N ILE C 325 -23.58 39.22 37.15
CA ILE C 325 -23.78 39.62 38.54
C ILE C 325 -22.46 39.53 39.30
N LEU C 326 -21.75 38.42 39.14
CA LEU C 326 -20.48 38.23 39.82
C LEU C 326 -19.43 39.20 39.32
N SER C 327 -19.43 39.53 38.03
CA SER C 327 -18.50 40.53 37.52
C SER C 327 -18.76 41.89 38.16
N LYS C 328 -20.03 42.27 38.32
CA LYS C 328 -20.33 43.52 39.00
C LYS C 328 -19.96 43.47 40.47
N LYS C 329 -20.08 42.30 41.10
CA LYS C 329 -19.62 42.15 42.48
C LYS C 329 -18.12 42.41 42.60
N GLY C 330 -17.34 41.84 41.70
CA GLY C 330 -15.91 41.99 41.71
C GLY C 330 -15.12 40.72 41.95
N VAL C 331 -15.66 39.54 41.63
CA VAL C 331 -14.97 38.29 41.84
C VAL C 331 -14.35 37.83 40.53
N ILE C 332 -13.47 36.84 40.62
CA ILE C 332 -12.70 36.35 39.48
C ILE C 332 -13.07 34.89 39.26
N ILE C 333 -13.38 34.54 38.01
CA ILE C 333 -13.82 33.20 37.66
C ILE C 333 -12.85 32.62 36.64
N LEU C 334 -12.23 31.49 36.97
CA LEU C 334 -11.38 30.78 36.02
C LEU C 334 -12.24 29.89 35.14
N PRO C 335 -12.18 30.03 33.82
CA PRO C 335 -13.07 29.27 32.95
C PRO C 335 -12.79 27.78 33.01
N ASP C 336 -13.85 27.00 32.76
CA ASP C 336 -13.70 25.54 32.77
C ASP C 336 -13.00 25.02 31.54
N ILE C 337 -12.91 25.81 30.47
CA ILE C 337 -12.20 25.40 29.28
C ILE C 337 -10.72 25.19 29.57
N TYR C 338 -10.20 25.83 30.61
CA TYR C 338 -8.80 25.74 30.97
C TYR C 338 -8.54 25.02 32.28
N ALA C 339 -9.46 25.09 33.25
CA ALA C 339 -9.18 24.56 34.58
C ALA C 339 -9.00 23.05 34.57
N ASN C 340 -9.85 22.32 33.84
CA ASN C 340 -9.84 20.87 33.88
C ASN C 340 -9.17 20.27 32.64
N ALA C 341 -8.09 20.88 32.17
CA ALA C 341 -7.39 20.41 30.99
C ALA C 341 -6.25 19.45 31.31
N GLY C 342 -6.21 18.91 32.52
CA GLY C 342 -5.14 17.97 32.86
C GLY C 342 -5.27 16.66 32.12
N GLY C 343 -6.50 16.18 31.92
CA GLY C 343 -6.70 14.88 31.30
C GLY C 343 -6.19 14.82 29.88
N VAL C 344 -6.52 15.83 29.07
CA VAL C 344 -6.08 15.82 27.68
C VAL C 344 -4.57 15.95 27.60
N THR C 345 -3.96 16.73 28.49
CA THR C 345 -2.51 16.87 28.48
C THR C 345 -1.84 15.54 28.81
N VAL C 346 -2.34 14.82 29.81
CA VAL C 346 -1.73 13.54 30.13
C VAL C 346 -1.97 12.52 29.02
N SER C 347 -3.13 12.58 28.35
CA SER C 347 -3.34 11.71 27.20
C SER C 347 -2.35 12.01 26.08
N TYR C 348 -2.06 13.30 25.86
CA TYR C 348 -1.05 13.67 24.88
C TYR C 348 0.32 13.11 25.27
N PHE C 349 0.65 13.15 26.57
CA PHE C 349 1.92 12.60 27.02
C PHE C 349 1.99 11.10 26.77
N GLU C 350 0.87 10.40 26.99
CA GLU C 350 0.84 8.96 26.73
C GLU C 350 1.04 8.68 25.25
N TRP C 351 0.39 9.48 24.39
CA TRP C 351 0.59 9.33 22.95
C TRP C 351 2.04 9.53 22.57
N VAL C 352 2.70 10.54 23.16
CA VAL C 352 4.11 10.78 22.86
C VAL C 352 4.96 9.60 23.31
N GLN C 353 4.70 9.08 24.51
CA GLN C 353 5.48 7.95 25.01
C GLN C 353 5.32 6.72 24.12
N ASN C 354 4.11 6.49 23.61
CA ASN C 354 3.92 5.35 22.72
C ASN C 354 4.56 5.57 21.37
N ILE C 355 4.59 6.81 20.88
CA ILE C 355 5.29 7.09 19.63
C ILE C 355 6.78 6.84 19.78
N GLN C 356 7.35 7.24 20.91
CA GLN C 356 8.79 7.11 21.13
C GLN C 356 9.22 5.69 21.46
N GLY C 357 8.32 4.85 21.95
CA GLY C 357 8.66 3.49 22.33
C GLY C 357 9.27 3.34 23.70
N PHE C 358 9.36 4.41 24.48
CA PHE C 358 10.04 4.42 25.77
C PHE C 358 9.16 5.12 26.78
N MET C 359 8.95 4.49 27.94
CA MET C 359 8.05 5.02 28.96
C MET C 359 8.78 5.96 29.91
N TRP C 360 8.06 6.99 30.36
CA TRP C 360 8.57 7.95 31.33
C TRP C 360 8.26 7.49 32.75
N GLU C 361 8.89 8.15 33.71
CA GLU C 361 8.54 7.99 35.12
C GLU C 361 7.51 9.03 35.52
N GLU C 362 6.97 8.88 36.72
CA GLU C 362 5.89 9.75 37.16
C GLU C 362 6.35 11.19 37.38
N GLU C 363 7.59 11.36 37.87
CA GLU C 363 8.10 12.70 38.12
C GLU C 363 8.16 13.51 36.83
N LYS C 364 8.62 12.90 35.74
CA LYS C 364 8.70 13.62 34.47
C LYS C 364 7.32 14.04 34.00
N VAL C 365 6.33 13.16 34.17
CA VAL C 365 4.96 13.49 33.78
C VAL C 365 4.46 14.69 34.57
N ASN C 366 4.69 14.68 35.89
CA ASN C 366 4.18 15.78 36.71
C ASN C 366 4.88 17.09 36.39
N LEU C 367 6.19 17.07 36.17
CA LEU C 367 6.89 18.30 35.80
C LEU C 367 6.39 18.85 34.47
N GLU C 368 6.22 17.98 33.48
CA GLU C 368 5.73 18.46 32.18
C GLU C 368 4.33 19.03 32.30
N LEU C 369 3.47 18.38 33.10
CA LEU C 369 2.12 18.88 33.29
C LEU C 369 2.13 20.27 33.93
N GLN C 370 2.98 20.45 34.94
CA GLN C 370 3.08 21.75 35.59
C GLN C 370 3.55 22.83 34.63
N LYS C 371 4.56 22.51 33.81
CA LYS C 371 5.07 23.48 32.86
C LYS C 371 4.00 23.89 31.86
N TYR C 372 3.26 22.90 31.34
CA TYR C 372 2.25 23.21 30.33
C TYR C 372 1.13 24.07 30.92
N MET C 373 0.67 23.75 32.13
CA MET C 373 -0.41 24.56 32.70
C MET C 373 0.04 25.98 32.99
N THR C 374 1.26 26.15 33.53
CA THR C 374 1.74 27.50 33.81
C THR C 374 1.87 28.31 32.52
N ARG C 375 2.43 27.71 31.47
CA ARG C 375 2.59 28.44 30.22
C ARG C 375 1.24 28.82 29.62
N ALA C 376 0.27 27.90 29.70
CA ALA C 376 -1.07 28.21 29.21
C ALA C 376 -1.69 29.39 29.94
N PHE C 377 -1.53 29.43 31.26
CA PHE C 377 -2.11 30.56 32.00
C PHE C 377 -1.42 31.87 31.63
N HIS C 378 -0.10 31.85 31.45
CA HIS C 378 0.57 33.10 31.09
C HIS C 378 0.09 33.59 29.73
N ASN C 379 -0.07 32.67 28.76
CA ASN C 379 -0.59 33.07 27.46
C ASN C 379 -1.99 33.64 27.55
N ILE C 380 -2.86 33.01 28.35
CA ILE C 380 -4.23 33.48 28.45
C ILE C 380 -4.27 34.85 29.11
N LYS C 381 -3.40 35.08 30.10
CA LYS C 381 -3.37 36.39 30.75
C LYS C 381 -2.91 37.47 29.79
N THR C 382 -1.88 37.18 28.98
CA THR C 382 -1.43 38.16 28.00
C THR C 382 -2.53 38.49 27.00
N MET C 383 -3.22 37.46 26.49
CA MET C 383 -4.25 37.71 25.49
C MET C 383 -5.43 38.46 26.10
N CYS C 384 -5.72 38.20 27.38
CA CYS C 384 -6.77 38.94 28.08
C CYS C 384 -6.39 40.39 28.26
N HIS C 385 -5.11 40.67 28.54
CA HIS C 385 -4.66 42.05 28.69
C HIS C 385 -4.68 42.79 27.36
N THR C 386 -4.42 42.09 26.25
CA THR C 386 -4.34 42.76 24.96
C THR C 386 -5.68 43.36 24.55
N HIS C 387 -6.77 42.62 24.73
CA HIS C 387 -8.07 43.01 24.21
C HIS C 387 -9.00 43.60 25.27
N SER C 388 -8.57 43.65 26.53
CA SER C 388 -9.35 44.25 27.62
C SER C 388 -10.71 43.55 27.78
N CYS C 389 -10.65 42.28 28.16
CA CYS C 389 -11.85 41.49 28.44
C CYS C 389 -11.59 40.70 29.74
N ASN C 390 -12.46 39.74 30.03
CA ASN C 390 -12.27 38.88 31.19
C ASN C 390 -11.54 37.61 30.78
N LEU C 391 -11.48 36.64 31.70
CA LEU C 391 -10.67 35.45 31.46
C LEU C 391 -11.32 34.50 30.46
N ARG C 392 -12.64 34.31 30.55
CA ARG C 392 -13.31 33.38 29.66
C ARG C 392 -13.16 33.78 28.20
N MET C 393 -13.42 35.05 27.89
CA MET C 393 -13.29 35.50 26.52
C MET C 393 -11.84 35.55 26.10
N GLY C 394 -10.92 35.74 27.04
CA GLY C 394 -9.51 35.60 26.70
C GLY C 394 -9.16 34.21 26.24
N ALA C 395 -9.64 33.19 26.97
CA ALA C 395 -9.40 31.80 26.57
C ALA C 395 -9.96 31.52 25.19
N PHE C 396 -11.23 31.87 24.97
CA PHE C 396 -11.84 31.55 23.69
C PHE C 396 -11.21 32.32 22.55
N THR C 397 -10.83 33.58 22.79
CA THR C 397 -10.13 34.35 21.77
C THR C 397 -8.81 33.71 21.42
N LEU C 398 -8.05 33.26 22.41
CA LEU C 398 -6.77 32.62 22.15
C LEU C 398 -6.94 31.37 21.31
N GLY C 399 -7.89 30.52 21.68
CA GLY C 399 -8.11 29.29 20.91
C GLY C 399 -8.51 29.56 19.48
N VAL C 400 -9.50 30.45 19.29
CA VAL C 400 -9.98 30.74 17.94
C VAL C 400 -8.88 31.36 17.10
N ASN C 401 -8.10 32.25 17.71
CA ASN C 401 -7.01 32.89 16.98
C ASN C 401 -5.98 31.87 16.52
N ARG C 402 -5.60 30.93 17.40
CA ARG C 402 -4.63 29.92 17.00
C ARG C 402 -5.16 29.10 15.82
N VAL C 403 -6.40 28.63 15.93
CA VAL C 403 -6.94 27.76 14.88
C VAL C 403 -7.04 28.51 13.56
N ALA C 404 -7.56 29.74 13.59
CA ALA C 404 -7.69 30.51 12.36
C ALA C 404 -6.33 30.81 11.74
N ARG C 405 -5.34 31.13 12.57
CA ARG C 405 -4.02 31.42 12.04
C ARG C 405 -3.43 30.21 11.35
N ALA C 406 -3.56 29.02 11.96
CA ALA C 406 -3.05 27.82 11.31
C ALA C 406 -3.79 27.54 10.01
N THR C 407 -5.11 27.71 10.01
CA THR C 407 -5.90 27.43 8.81
C THR C 407 -5.49 28.34 7.65
N GLN C 408 -5.34 29.65 7.91
CA GLN C 408 -4.95 30.55 6.85
C GLN C 408 -3.50 30.34 6.42
N LEU C 409 -2.63 29.93 7.34
CA LEU C 409 -1.24 29.69 6.98
C LEU C 409 -1.11 28.45 6.11
N ARG C 410 -1.98 27.46 6.30
CA ARG C 410 -1.82 26.20 5.60
C ARG C 410 -2.17 26.32 4.12
N GLY C 411 -3.15 27.14 3.77
CA GLY C 411 -3.44 27.38 2.37
C GLY C 411 -4.89 27.14 1.98
N TRP C 412 -5.29 27.67 0.83
CA TRP C 412 -6.68 27.58 0.35
C TRP C 412 -6.78 27.07 -1.08
N GLU C 413 -5.77 26.32 -1.56
CA GLU C 413 -5.67 25.93 -2.96
C GLU C 413 -5.72 27.16 -3.87
N ALA C 414 -4.76 28.05 -3.62
CA ALA C 414 -4.68 29.35 -4.29
C ALA C 414 -5.94 30.17 -4.07
N ASN D 5 19.59 13.57 -38.72
CA ASN D 5 18.78 13.52 -39.92
C ASN D 5 17.44 12.85 -39.62
N ALA D 6 17.47 11.79 -38.82
CA ALA D 6 16.23 11.11 -38.45
C ALA D 6 15.47 11.82 -37.34
N LEU D 7 16.13 12.75 -36.64
CA LEU D 7 15.45 13.48 -35.58
C LEU D 7 14.84 14.80 -36.09
N ALA D 8 15.29 15.28 -37.25
CA ALA D 8 14.72 16.51 -37.79
C ALA D 8 13.43 16.25 -38.57
N ALA D 9 13.29 15.06 -39.15
CA ALA D 9 12.07 14.75 -39.89
C ALA D 9 10.85 14.84 -38.99
N THR D 10 10.92 14.23 -37.80
CA THR D 10 9.77 14.19 -36.92
C THR D 10 9.36 15.59 -36.45
N ASN D 11 10.32 16.43 -36.07
CA ASN D 11 9.93 17.73 -35.55
C ASN D 11 9.50 18.68 -36.68
N ARG D 12 10.12 18.59 -37.86
CA ARG D 12 9.62 19.37 -38.98
C ARG D 12 8.19 19.00 -39.33
N ASN D 13 7.90 17.69 -39.35
CA ASN D 13 6.54 17.25 -39.63
C ASN D 13 5.59 17.74 -38.56
N PHE D 14 6.03 17.76 -37.29
CA PHE D 14 5.15 18.28 -36.24
C PHE D 14 4.84 19.74 -36.46
N ARG D 15 5.85 20.56 -36.80
CA ARG D 15 5.60 21.97 -37.03
C ARG D 15 4.61 22.17 -38.17
N HIS D 16 4.80 21.43 -39.26
CA HIS D 16 3.87 21.57 -40.39
C HIS D 16 2.46 21.16 -40.00
N ALA D 17 2.32 20.06 -39.25
CA ALA D 17 1.00 19.61 -38.85
C ALA D 17 0.33 20.61 -37.90
N SER D 18 1.11 21.23 -37.02
CA SER D 18 0.55 22.25 -36.14
C SER D 18 0.12 23.48 -36.93
N ARG D 19 0.88 23.83 -37.96
CA ARG D 19 0.49 24.96 -38.82
C ARG D 19 -0.82 24.67 -39.53
N ILE D 20 -0.99 23.44 -40.03
CA ILE D 20 -2.22 23.09 -40.74
C ILE D 20 -3.43 23.15 -39.81
N LEU D 21 -3.28 22.62 -38.60
CA LEU D 21 -4.40 22.53 -37.66
C LEU D 21 -4.74 23.86 -36.99
N GLY D 22 -3.85 24.85 -37.06
CA GLY D 22 -4.09 26.10 -36.37
C GLY D 22 -4.14 25.94 -34.87
N LEU D 23 -3.18 25.20 -34.31
CA LEU D 23 -3.15 24.96 -32.87
C LEU D 23 -2.68 26.20 -32.11
N ASP D 24 -3.13 26.30 -30.87
CA ASP D 24 -2.66 27.35 -29.98
C ASP D 24 -1.18 27.15 -29.68
N SER D 25 -0.48 28.26 -29.43
CA SER D 25 0.95 28.17 -29.14
C SER D 25 1.21 27.54 -27.79
N LYS D 26 0.35 27.83 -26.81
CA LYS D 26 0.52 27.25 -25.48
C LYS D 26 0.40 25.73 -25.52
N ILE D 27 -0.57 25.21 -26.26
CA ILE D 27 -0.75 23.77 -26.35
C ILE D 27 0.45 23.12 -27.02
N GLU D 28 1.00 23.76 -28.06
CA GLU D 28 2.18 23.21 -28.72
C GLU D 28 3.37 23.20 -27.78
N ARG D 29 3.57 24.27 -27.03
CA ARG D 29 4.65 24.29 -26.04
C ARG D 29 4.47 23.18 -25.02
N SER D 30 3.24 22.95 -24.58
CA SER D 30 2.97 21.87 -23.63
C SER D 30 3.21 20.50 -24.25
N LEU D 31 2.96 20.34 -25.55
CA LEU D 31 3.22 19.07 -26.21
C LEU D 31 4.69 18.85 -26.52
N MET D 32 5.52 19.89 -26.44
CA MET D 32 6.97 19.69 -26.55
C MET D 32 7.57 19.07 -25.31
N ILE D 33 7.16 19.51 -24.13
CA ILE D 33 7.84 19.12 -22.90
C ILE D 33 7.44 17.69 -22.54
N PRO D 34 8.39 16.77 -22.37
CA PRO D 34 8.05 15.41 -21.99
C PRO D 34 7.48 15.34 -20.59
N PHE D 35 6.67 14.30 -20.35
CA PHE D 35 6.05 14.13 -19.03
C PHE D 35 7.11 13.89 -17.96
N ARG D 36 8.14 13.10 -18.27
CA ARG D 36 9.14 12.79 -17.25
C ARG D 36 10.39 12.23 -17.91
N GLU D 37 11.54 12.49 -17.28
CA GLU D 37 12.82 11.93 -17.69
C GLU D 37 13.57 11.46 -16.45
N ILE D 38 14.24 10.31 -16.58
CA ILE D 38 14.89 9.66 -15.45
C ILE D 38 16.26 9.16 -15.87
N LYS D 39 17.27 9.38 -15.01
CA LYS D 39 18.59 8.78 -15.14
C LYS D 39 18.94 8.09 -13.84
N VAL D 40 19.46 6.87 -13.92
CA VAL D 40 19.85 6.10 -12.75
C VAL D 40 21.22 5.47 -13.00
N GLU D 41 21.86 5.05 -11.92
CA GLU D 41 23.17 4.42 -11.97
C GLU D 41 23.03 2.92 -11.73
N CYS D 42 23.62 2.11 -12.61
CA CYS D 42 23.54 0.67 -12.52
C CYS D 42 24.95 0.12 -12.38
N THR D 43 25.30 -0.39 -11.20
CA THR D 43 26.64 -0.88 -10.91
C THR D 43 26.58 -2.37 -10.58
N ILE D 44 27.36 -3.17 -11.28
CA ILE D 44 27.34 -4.61 -11.08
C ILE D 44 28.76 -5.14 -10.92
N PRO D 45 28.95 -6.25 -10.21
CA PRO D 45 30.25 -6.93 -10.21
C PRO D 45 30.36 -7.92 -11.37
N LYS D 46 31.51 -7.89 -12.04
CA LYS D 46 31.74 -8.75 -13.19
C LYS D 46 31.98 -10.19 -12.70
N ASP D 47 32.28 -11.09 -13.65
CA ASP D 47 32.58 -12.46 -13.26
C ASP D 47 33.88 -12.55 -12.47
N ASP D 48 34.83 -11.67 -12.76
CA ASP D 48 36.08 -11.64 -12.00
C ASP D 48 35.83 -11.23 -10.56
N GLY D 49 35.04 -10.17 -10.36
CA GLY D 49 34.80 -9.62 -9.05
C GLY D 49 34.83 -8.11 -9.05
N THR D 50 35.43 -7.54 -10.09
CA THR D 50 35.55 -6.08 -10.18
C THR D 50 34.22 -5.45 -10.56
N LEU D 51 34.09 -4.17 -10.24
CA LEU D 51 32.85 -3.43 -10.43
C LEU D 51 32.84 -2.71 -11.78
N VAL D 52 31.65 -2.58 -12.36
CA VAL D 52 31.45 -1.78 -13.56
C VAL D 52 30.17 -0.99 -13.38
N SER D 53 30.20 0.28 -13.75
CA SER D 53 29.06 1.18 -13.58
C SER D 53 28.63 1.73 -14.93
N TYR D 54 27.33 1.66 -15.21
CA TYR D 54 26.72 2.28 -16.37
C TYR D 54 25.62 3.22 -15.92
N ILE D 55 25.06 3.95 -16.88
CA ILE D 55 24.00 4.91 -16.63
C ILE D 55 22.80 4.53 -17.49
N GLY D 56 21.67 4.24 -16.84
CA GLY D 56 20.45 3.91 -17.52
C GLY D 56 19.49 5.10 -17.57
N PHE D 57 18.69 5.18 -18.61
CA PHE D 57 17.82 6.32 -18.81
C PHE D 57 16.45 5.87 -19.28
N ARG D 58 15.46 6.73 -19.05
CA ARG D 58 14.08 6.46 -19.46
C ARG D 58 13.36 7.78 -19.67
N VAL D 59 12.75 7.95 -20.84
CA VAL D 59 12.01 9.16 -21.18
C VAL D 59 10.57 8.77 -21.44
N GLN D 60 9.64 9.52 -20.86
CA GLN D 60 8.20 9.25 -20.96
C GLN D 60 7.53 10.53 -21.43
N HIS D 61 7.00 10.50 -22.67
CA HIS D 61 6.57 11.74 -23.31
C HIS D 61 5.17 12.16 -22.86
N ASP D 62 4.15 11.38 -23.19
CA ASP D 62 2.78 11.72 -22.85
C ASP D 62 2.03 10.50 -22.36
N ASN D 63 1.00 10.75 -21.56
CA ASN D 63 0.11 9.70 -21.08
C ASN D 63 -1.34 10.16 -21.11
N ALA D 64 -1.68 11.05 -22.04
CA ALA D 64 -3.03 11.60 -22.10
C ALA D 64 -4.06 10.58 -22.58
N ARG D 65 -3.63 9.50 -23.23
CA ARG D 65 -4.54 8.54 -23.80
C ARG D 65 -4.49 7.17 -23.15
N GLY D 66 -3.56 6.93 -22.23
CA GLY D 66 -3.46 5.66 -21.56
C GLY D 66 -2.06 5.39 -21.06
N PRO D 67 -1.70 4.12 -20.93
CA PRO D 67 -0.34 3.78 -20.52
C PRO D 67 0.68 4.22 -21.55
N MET D 68 1.94 4.15 -21.17
CA MET D 68 3.04 4.52 -22.04
C MET D 68 3.67 3.25 -22.62
N LYS D 69 4.13 3.35 -23.85
CA LYS D 69 4.71 2.22 -24.56
C LYS D 69 6.03 2.63 -25.18
N GLY D 70 7.02 1.76 -25.12
CA GLY D 70 8.31 2.10 -25.69
C GLY D 70 9.32 1.01 -25.45
N GLY D 71 10.44 1.12 -26.17
CA GLY D 71 11.45 0.08 -26.19
C GLY D 71 12.65 0.37 -25.32
N ILE D 72 13.34 -0.70 -24.94
CA ILE D 72 14.57 -0.66 -24.15
C ILE D 72 15.73 -0.96 -25.09
N ARG D 73 16.71 -0.06 -25.13
CA ARG D 73 17.81 -0.13 -26.07
C ARG D 73 19.14 -0.30 -25.35
N TYR D 74 19.94 -1.26 -25.80
CA TYR D 74 21.27 -1.53 -25.25
C TYR D 74 22.31 -1.13 -26.30
N HIS D 75 22.68 0.16 -26.30
CA HIS D 75 23.65 0.64 -27.27
C HIS D 75 24.66 1.54 -26.58
N PRO D 76 25.95 1.44 -26.93
CA PRO D 76 26.97 2.24 -26.22
C PRO D 76 26.79 3.74 -26.35
N GLU D 77 26.32 4.24 -27.48
CA GLU D 77 26.25 5.68 -27.72
C GLU D 77 24.81 6.17 -27.61
N VAL D 78 24.61 7.22 -26.83
CA VAL D 78 23.29 7.77 -26.57
C VAL D 78 23.31 9.28 -26.79
N ASP D 79 22.13 9.82 -26.99
CA ASP D 79 21.96 11.27 -27.19
C ASP D 79 20.57 11.68 -26.73
N PRO D 80 20.47 12.64 -25.82
CA PRO D 80 19.14 13.04 -25.31
C PRO D 80 18.19 13.52 -26.39
N ASP D 81 18.70 14.23 -27.40
CA ASP D 81 17.83 14.73 -28.46
C ASP D 81 17.24 13.58 -29.28
N GLU D 82 18.06 12.59 -29.61
CA GLU D 82 17.56 11.44 -30.35
C GLU D 82 16.52 10.67 -29.54
N VAL D 83 16.75 10.52 -28.24
CA VAL D 83 15.81 9.77 -27.41
C VAL D 83 14.48 10.51 -27.30
N ASN D 84 14.54 11.83 -27.12
CA ASN D 84 13.31 12.63 -27.06
C ASN D 84 12.55 12.54 -28.38
N ALA D 85 13.26 12.62 -29.50
CA ALA D 85 12.61 12.52 -30.80
C ALA D 85 11.95 11.17 -30.98
N LEU D 86 12.62 10.09 -30.57
CA LEU D 86 12.04 8.76 -30.70
C LEU D 86 10.79 8.60 -29.83
N ALA D 87 10.83 9.13 -28.61
CA ALA D 87 9.65 9.06 -27.75
C ALA D 87 8.47 9.80 -28.36
N GLN D 88 8.73 11.01 -28.89
CA GLN D 88 7.66 11.78 -29.52
C GLN D 88 7.10 11.06 -30.74
N LEU D 89 7.98 10.44 -31.55
CA LEU D 89 7.51 9.72 -32.71
C LEU D 89 6.64 8.54 -32.30
N MET D 90 7.01 7.85 -31.22
CA MET D 90 6.17 6.75 -30.74
C MET D 90 4.80 7.27 -30.32
N THR D 91 4.76 8.43 -29.67
CA THR D 91 3.47 9.00 -29.30
C THR D 91 2.59 9.22 -30.53
N TRP D 92 3.13 9.87 -31.56
CA TRP D 92 2.31 10.14 -32.74
C TRP D 92 1.91 8.84 -33.43
N LYS D 93 2.83 7.89 -33.55
CA LYS D 93 2.54 6.64 -34.23
C LYS D 93 1.43 5.87 -33.53
N THR D 94 1.48 5.81 -32.20
CA THR D 94 0.40 5.18 -31.45
C THR D 94 -0.91 5.91 -31.65
N ALA D 95 -0.88 7.24 -31.69
CA ALA D 95 -2.12 7.99 -31.92
C ALA D 95 -2.71 7.68 -33.29
N VAL D 96 -1.86 7.46 -34.30
CA VAL D 96 -2.35 7.17 -35.64
C VAL D 96 -3.05 5.81 -35.67
N ALA D 97 -2.40 4.78 -35.13
CA ALA D 97 -2.94 3.43 -35.20
C ALA D 97 -4.19 3.25 -34.35
N ASP D 98 -4.52 4.22 -33.50
CA ASP D 98 -5.71 4.20 -32.66
C ASP D 98 -5.70 3.04 -31.66
N ILE D 99 -4.63 2.98 -30.87
CA ILE D 99 -4.56 2.07 -29.75
C ILE D 99 -4.34 2.90 -28.49
N PRO D 100 -4.88 2.53 -27.34
CA PRO D 100 -4.84 3.43 -26.17
C PRO D 100 -3.50 3.38 -25.43
N TYR D 101 -2.49 4.03 -26.00
CA TYR D 101 -1.14 4.06 -25.44
C TYR D 101 -0.56 5.45 -25.56
N GLY D 102 0.61 5.64 -24.95
CA GLY D 102 1.37 6.87 -25.07
C GLY D 102 2.72 6.62 -25.69
N GLY D 103 3.74 7.37 -25.29
CA GLY D 103 5.06 7.17 -25.86
C GLY D 103 6.19 7.20 -24.85
N ALA D 104 7.19 6.34 -25.04
CA ALA D 104 8.33 6.30 -24.13
C ALA D 104 9.50 5.68 -24.85
N LYS D 105 10.67 5.77 -24.23
CA LYS D 105 11.88 5.18 -24.77
C LYS D 105 12.98 5.13 -23.70
N GLY D 106 13.65 4.01 -23.54
CA GLY D 106 14.67 3.94 -22.51
C GLY D 106 15.80 3.04 -22.93
N GLY D 107 16.79 2.91 -22.06
CA GLY D 107 17.88 2.00 -22.35
C GLY D 107 19.03 2.14 -21.38
N ILE D 108 20.09 1.43 -21.71
CA ILE D 108 21.34 1.44 -20.95
C ILE D 108 22.49 1.72 -21.91
N GLY D 109 23.43 2.56 -21.47
CA GLY D 109 24.57 2.88 -22.30
C GLY D 109 25.71 1.89 -22.16
N CYS D 110 25.52 0.67 -22.68
CA CYS D 110 26.54 -0.37 -22.60
C CYS D 110 26.59 -1.11 -23.91
N SER D 111 27.68 -1.85 -24.12
CA SER D 111 27.85 -2.66 -25.31
C SER D 111 27.64 -4.13 -24.94
N PRO D 112 26.54 -4.75 -25.37
CA PRO D 112 26.25 -6.12 -24.94
C PRO D 112 27.14 -7.19 -25.56
N ARG D 113 28.01 -6.82 -26.49
CA ARG D 113 28.90 -7.79 -27.10
C ARG D 113 30.12 -8.10 -26.24
N ASP D 114 30.30 -7.38 -25.14
CA ASP D 114 31.44 -7.59 -24.26
C ASP D 114 31.08 -8.27 -22.95
N LEU D 115 29.79 -8.42 -22.66
CA LEU D 115 29.33 -9.03 -21.42
C LEU D 115 28.87 -10.45 -21.68
N SER D 116 29.16 -11.34 -20.75
CA SER D 116 28.68 -12.72 -20.85
C SER D 116 27.18 -12.76 -20.56
N LEU D 117 26.64 -13.97 -20.50
CA LEU D 117 25.21 -14.10 -20.25
C LEU D 117 24.85 -13.73 -18.81
N SER D 118 25.64 -14.21 -17.84
CA SER D 118 25.35 -13.94 -16.44
C SER D 118 25.45 -12.46 -16.14
N GLU D 119 26.48 -11.79 -16.65
CA GLU D 119 26.62 -10.36 -16.41
C GLU D 119 25.47 -9.59 -17.04
N LEU D 120 25.01 -10.02 -18.21
CA LEU D 120 23.90 -9.35 -18.86
C LEU D 120 22.62 -9.50 -18.04
N GLU D 121 22.39 -10.69 -17.48
CA GLU D 121 21.24 -10.89 -16.60
C GLU D 121 21.33 -10.02 -15.35
N ARG D 122 22.52 -9.93 -14.75
CA ARG D 122 22.68 -9.09 -13.58
C ARG D 122 22.39 -7.62 -13.90
N LEU D 123 22.87 -7.15 -15.05
CA LEU D 123 22.62 -5.78 -15.46
C LEU D 123 21.13 -5.52 -15.63
N THR D 124 20.43 -6.44 -16.30
CA THR D 124 18.99 -6.25 -16.49
C THR D 124 18.24 -6.21 -15.16
N ARG D 125 18.58 -7.13 -14.25
CA ARG D 125 17.88 -7.16 -12.97
C ARG D 125 18.14 -5.91 -12.15
N VAL D 126 19.38 -5.41 -12.16
CA VAL D 126 19.68 -4.20 -11.40
C VAL D 126 18.93 -3.01 -11.98
N PHE D 127 18.92 -2.88 -13.31
CA PHE D 127 18.16 -1.81 -13.94
C PHE D 127 16.69 -1.87 -13.53
N THR D 128 16.10 -3.06 -13.54
CA THR D 128 14.71 -3.20 -13.14
C THR D 128 14.51 -2.80 -11.69
N GLN D 129 15.41 -3.21 -10.79
CA GLN D 129 15.29 -2.81 -9.40
C GLN D 129 15.33 -1.30 -9.25
N LYS D 130 16.14 -0.62 -10.07
CA LYS D 130 16.24 0.83 -9.94
C LYS D 130 15.04 1.57 -10.51
N ILE D 131 14.37 1.04 -11.53
CA ILE D 131 13.25 1.77 -12.10
C ILE D 131 11.91 1.09 -11.84
N HIS D 132 11.81 0.30 -10.77
CA HIS D 132 10.63 -0.54 -10.61
C HIS D 132 9.38 0.27 -10.26
N ASP D 133 9.53 1.41 -9.60
CA ASP D 133 8.39 2.18 -9.16
C ASP D 133 7.93 3.20 -10.18
N LEU D 134 8.52 3.21 -11.37
CA LEU D 134 8.12 4.14 -12.43
C LEU D 134 7.53 3.44 -13.63
N ILE D 135 7.37 2.12 -13.60
CA ILE D 135 6.71 1.36 -14.64
C ILE D 135 5.56 0.59 -14.00
N GLY D 136 4.76 -0.05 -14.83
CA GLY D 136 3.64 -0.82 -14.33
C GLY D 136 2.73 -1.25 -15.45
N ILE D 137 1.65 -1.93 -15.04
CA ILE D 137 0.71 -2.45 -16.03
C ILE D 137 -0.07 -1.31 -16.68
N HIS D 138 -0.53 -0.35 -15.89
CA HIS D 138 -1.27 0.80 -16.37
C HIS D 138 -0.45 2.08 -16.32
N THR D 139 0.87 1.97 -16.21
CA THR D 139 1.74 3.14 -16.15
C THR D 139 2.72 3.19 -17.31
N ASP D 140 3.47 2.11 -17.56
CA ASP D 140 4.50 2.11 -18.59
C ASP D 140 4.93 0.68 -18.90
N VAL D 141 4.87 0.29 -20.16
CA VAL D 141 5.06 -1.09 -20.57
C VAL D 141 6.28 -1.16 -21.48
N PRO D 142 7.41 -1.64 -20.98
CA PRO D 142 8.60 -1.78 -21.83
C PRO D 142 8.43 -2.86 -22.90
N ALA D 143 9.21 -2.71 -23.96
CA ALA D 143 9.24 -3.64 -25.08
C ALA D 143 10.68 -3.83 -25.53
N PRO D 144 10.98 -4.94 -26.20
CA PRO D 144 12.34 -5.16 -26.68
C PRO D 144 12.68 -4.28 -27.87
N ASP D 145 13.98 -4.05 -28.05
CA ASP D 145 14.48 -3.22 -29.13
C ASP D 145 15.84 -3.79 -29.54
N MET D 146 16.63 -3.00 -30.27
CA MET D 146 17.90 -3.51 -30.76
C MET D 146 18.89 -3.64 -29.60
N GLY D 147 19.64 -4.74 -29.59
CA GLY D 147 20.43 -5.12 -28.45
C GLY D 147 19.65 -5.87 -27.37
N THR D 148 18.37 -6.13 -27.59
CA THR D 148 17.50 -6.76 -26.61
C THR D 148 16.62 -7.78 -27.30
N ASN D 149 16.26 -8.83 -26.58
CA ASN D 149 15.42 -9.90 -27.12
C ASN D 149 14.46 -10.36 -26.03
N ALA D 150 13.81 -11.50 -26.27
CA ALA D 150 12.75 -11.96 -25.38
C ALA D 150 13.27 -12.39 -24.02
N GLN D 151 14.51 -12.90 -23.95
CA GLN D 151 15.07 -13.32 -22.69
C GLN D 151 15.18 -12.15 -21.72
N THR D 152 15.54 -10.97 -22.22
CA THR D 152 15.62 -9.80 -21.37
C THR D 152 14.25 -9.45 -20.80
N MET D 153 13.20 -9.56 -21.61
CA MET D 153 11.85 -9.35 -21.09
C MET D 153 11.50 -10.37 -20.03
N ALA D 154 11.95 -11.62 -20.18
CA ALA D 154 11.70 -12.61 -19.13
C ALA D 154 12.37 -12.20 -17.83
N TRP D 155 13.61 -11.71 -17.89
CA TRP D 155 14.30 -11.30 -16.67
C TRP D 155 13.62 -10.09 -16.02
N ILE D 156 13.19 -9.12 -16.84
CA ILE D 156 12.49 -7.96 -16.32
C ILE D 156 11.19 -8.38 -15.64
N LEU D 157 10.45 -9.29 -16.26
CA LEU D 157 9.22 -9.79 -15.67
C LEU D 157 9.49 -10.46 -14.33
N ASP D 158 10.56 -11.26 -14.26
CA ASP D 158 10.88 -11.95 -13.01
C ASP D 158 11.14 -10.96 -11.88
N GLU D 159 11.98 -9.95 -12.13
CA GLU D 159 12.30 -9.01 -11.07
C GLU D 159 11.08 -8.19 -10.65
N TYR D 160 10.32 -7.68 -11.63
CA TYR D 160 9.14 -6.91 -11.28
C TYR D 160 8.13 -7.75 -10.52
N SER D 161 8.03 -9.04 -10.85
CA SER D 161 7.16 -9.93 -10.08
C SER D 161 7.65 -10.09 -8.65
N LYS D 162 8.95 -10.19 -8.46
CA LYS D 162 9.49 -10.21 -7.10
C LYS D 162 9.03 -9.00 -6.32
N PHE D 163 8.94 -7.85 -6.98
CA PHE D 163 8.56 -6.65 -6.25
C PHE D 163 7.06 -6.52 -6.03
N HIS D 164 6.25 -6.64 -7.08
CA HIS D 164 4.83 -6.33 -7.03
C HIS D 164 3.92 -7.54 -7.24
N GLY D 165 4.44 -8.75 -7.10
CA GLY D 165 3.65 -9.94 -7.36
C GLY D 165 3.55 -10.24 -8.84
N HIS D 166 2.95 -11.39 -9.15
CA HIS D 166 2.91 -11.88 -10.52
C HIS D 166 2.15 -10.92 -11.44
N SER D 167 2.86 -10.25 -12.34
CA SER D 167 2.29 -9.26 -13.25
C SER D 167 2.76 -9.58 -14.66
N PRO D 168 2.12 -10.53 -15.33
CA PRO D 168 2.59 -10.93 -16.67
C PRO D 168 2.43 -9.86 -17.73
N ALA D 169 1.60 -8.84 -17.49
CA ALA D 169 1.28 -7.84 -18.50
C ALA D 169 2.15 -6.60 -18.42
N VAL D 170 3.22 -6.65 -17.62
CA VAL D 170 4.09 -5.47 -17.48
C VAL D 170 5.02 -5.31 -18.67
N VAL D 171 5.31 -6.38 -19.41
CA VAL D 171 6.17 -6.30 -20.58
C VAL D 171 5.48 -7.03 -21.74
N THR D 172 5.91 -6.69 -22.95
CA THR D 172 5.44 -7.36 -24.15
C THR D 172 6.64 -7.90 -24.93
N GLY D 173 6.41 -8.95 -25.68
CA GLY D 173 7.50 -9.63 -26.36
C GLY D 173 8.07 -10.80 -25.61
N LYS D 174 7.35 -11.34 -24.63
CA LYS D 174 7.82 -12.46 -23.84
C LYS D 174 7.85 -13.73 -24.68
N PRO D 175 8.60 -14.74 -24.25
CA PRO D 175 8.52 -16.05 -24.91
C PRO D 175 7.11 -16.60 -24.90
N ILE D 176 6.89 -17.62 -25.73
CA ILE D 176 5.54 -18.15 -25.89
C ILE D 176 5.06 -18.84 -24.63
N ASP D 177 5.96 -19.56 -23.95
CA ASP D 177 5.57 -20.30 -22.76
C ASP D 177 5.54 -19.45 -21.50
N LEU D 178 5.92 -18.18 -21.57
CA LEU D 178 5.78 -17.26 -20.46
C LEU D 178 4.62 -16.30 -20.64
N GLY D 179 3.80 -16.49 -21.67
CA GLY D 179 2.65 -15.64 -21.87
C GLY D 179 2.72 -14.82 -23.14
N GLY D 180 3.49 -15.28 -24.12
CA GLY D 180 3.62 -14.58 -25.37
C GLY D 180 2.40 -14.75 -26.26
N SER D 181 2.42 -14.05 -27.38
CA SER D 181 1.30 -14.04 -28.32
C SER D 181 1.69 -14.71 -29.62
N LEU D 182 0.73 -15.36 -30.24
CA LEU D 182 0.95 -15.99 -31.54
C LEU D 182 0.85 -14.97 -32.66
N GLY D 183 1.64 -15.18 -33.71
CA GLY D 183 1.63 -14.28 -34.84
C GLY D 183 2.51 -13.06 -34.71
N ARG D 184 3.52 -13.10 -33.84
CA ARG D 184 4.39 -11.94 -33.67
C ARG D 184 5.40 -11.80 -34.80
N GLU D 185 5.91 -12.93 -35.32
CA GLU D 185 7.00 -12.87 -36.28
C GLU D 185 6.55 -12.31 -37.62
N ALA D 186 5.29 -12.54 -37.98
CA ALA D 186 4.76 -12.14 -39.28
C ALA D 186 3.88 -10.90 -39.21
N ALA D 187 3.95 -10.16 -38.11
CA ALA D 187 3.03 -9.04 -37.92
C ALA D 187 3.29 -7.91 -38.91
N THR D 188 4.56 -7.55 -39.09
CA THR D 188 4.88 -6.38 -39.91
C THR D 188 4.60 -6.63 -41.39
N GLY D 189 4.94 -7.82 -41.88
CA GLY D 189 4.62 -8.14 -43.27
C GLY D 189 3.14 -8.20 -43.52
N ARG D 190 2.38 -8.81 -42.60
CA ARG D 190 0.93 -8.79 -42.69
C ARG D 190 0.40 -7.36 -42.75
N GLY D 191 0.94 -6.48 -41.89
CA GLY D 191 0.48 -5.11 -41.89
C GLY D 191 0.79 -4.40 -43.21
N VAL D 192 1.98 -4.62 -43.74
CA VAL D 192 2.34 -3.98 -45.01
C VAL D 192 1.42 -4.45 -46.12
N VAL D 193 1.13 -5.75 -46.16
CA VAL D 193 0.24 -6.27 -47.19
C VAL D 193 -1.17 -5.69 -47.06
N PHE D 194 -1.68 -5.61 -45.83
CA PHE D 194 -3.02 -5.05 -45.63
C PHE D 194 -3.06 -3.58 -46.05
N ALA D 195 -2.04 -2.81 -45.69
CA ALA D 195 -2.01 -1.40 -46.07
C ALA D 195 -1.94 -1.25 -47.58
N THR D 196 -1.11 -2.06 -48.25
CA THR D 196 -1.01 -1.99 -49.71
C THR D 196 -2.34 -2.35 -50.35
N GLU D 197 -3.02 -3.37 -49.84
CA GLU D 197 -4.31 -3.75 -50.39
C GLU D 197 -5.33 -2.62 -50.25
N ALA D 198 -5.36 -1.97 -49.09
CA ALA D 198 -6.30 -0.87 -48.90
C ALA D 198 -5.97 0.30 -49.84
N LEU D 199 -4.69 0.63 -49.97
CA LEU D 199 -4.30 1.73 -50.86
C LEU D 199 -4.68 1.43 -52.31
N LEU D 200 -4.45 0.20 -52.76
CA LEU D 200 -4.82 -0.16 -54.12
C LEU D 200 -6.33 -0.11 -54.32
N ALA D 201 -7.08 -0.69 -53.38
CA ALA D 201 -8.52 -0.69 -53.50
C ALA D 201 -9.12 0.70 -53.44
N GLU D 202 -8.38 1.67 -52.90
CA GLU D 202 -8.85 3.06 -52.95
C GLU D 202 -9.07 3.52 -54.39
N TYR D 203 -8.15 3.21 -55.29
CA TYR D 203 -8.22 3.67 -56.67
C TYR D 203 -8.96 2.72 -57.58
N GLY D 204 -9.42 1.58 -57.09
CA GLY D 204 -10.20 0.64 -57.88
C GLY D 204 -9.43 -0.57 -58.38
N LYS D 205 -8.12 -0.60 -58.22
CA LYS D 205 -7.34 -1.75 -58.65
C LYS D 205 -7.36 -2.84 -57.58
N SER D 206 -6.51 -3.84 -57.77
CA SER D 206 -6.38 -4.92 -56.79
C SER D 206 -4.99 -5.53 -56.93
N ILE D 207 -4.60 -6.29 -55.91
CA ILE D 207 -3.26 -6.88 -55.89
C ILE D 207 -3.13 -7.92 -57.00
N GLN D 208 -4.19 -8.67 -57.27
CA GLN D 208 -4.14 -9.72 -58.27
C GLN D 208 -3.86 -9.14 -59.65
N GLY D 209 -2.66 -9.40 -60.18
CA GLY D 209 -2.33 -8.97 -61.51
C GLY D 209 -1.54 -7.67 -61.60
N LEU D 210 -0.66 -7.42 -60.62
CA LEU D 210 0.18 -6.23 -60.64
C LEU D 210 1.63 -6.65 -60.47
N THR D 211 2.53 -5.66 -60.53
CA THR D 211 3.97 -5.90 -60.52
C THR D 211 4.58 -5.23 -59.30
N PHE D 212 5.42 -5.99 -58.57
CA PHE D 212 5.99 -5.54 -57.32
C PHE D 212 7.50 -5.68 -57.35
N VAL D 213 8.20 -4.69 -56.80
CA VAL D 213 9.65 -4.71 -56.67
C VAL D 213 9.99 -4.49 -55.19
N ILE D 214 10.60 -5.48 -54.58
CA ILE D 214 10.83 -5.51 -53.14
C ILE D 214 12.32 -5.43 -52.88
N GLN D 215 12.73 -4.53 -52.00
CA GLN D 215 14.15 -4.32 -51.70
C GLN D 215 14.46 -4.88 -50.31
N GLY D 216 14.95 -6.11 -50.27
CA GLY D 216 15.45 -6.71 -49.04
C GLY D 216 14.70 -7.94 -48.57
N PHE D 217 15.42 -8.81 -47.86
CA PHE D 217 14.86 -9.97 -47.18
C PHE D 217 15.14 -10.04 -45.69
N GLY D 218 14.85 -8.95 -44.97
CA GLY D 218 14.66 -9.09 -43.54
C GLY D 218 13.35 -9.82 -43.29
N ASN D 219 12.88 -9.86 -42.05
CA ASN D 219 11.59 -10.50 -41.78
C ASN D 219 10.48 -9.83 -42.58
N VAL D 220 10.48 -8.50 -42.60
CA VAL D 220 9.43 -7.76 -43.29
C VAL D 220 9.42 -8.11 -44.77
N GLY D 221 10.60 -8.09 -45.40
CA GLY D 221 10.66 -8.31 -46.84
C GLY D 221 10.20 -9.70 -47.23
N THR D 222 10.72 -10.72 -46.55
CA THR D 222 10.35 -12.09 -46.92
C THR D 222 8.87 -12.36 -46.66
N TRP D 223 8.34 -11.86 -45.53
CA TRP D 223 6.94 -12.12 -45.25
C TRP D 223 6.03 -11.38 -46.22
N ALA D 224 6.36 -10.13 -46.55
CA ALA D 224 5.57 -9.39 -47.52
C ALA D 224 5.60 -10.05 -48.88
N ALA D 225 6.78 -10.52 -49.31
CA ALA D 225 6.89 -11.18 -50.61
C ALA D 225 6.06 -12.45 -50.65
N LYS D 226 6.15 -13.27 -49.59
CA LYS D 226 5.40 -14.51 -49.56
C LYS D 226 3.89 -14.25 -49.59
N LEU D 227 3.43 -13.30 -48.77
CA LEU D 227 2.00 -13.00 -48.73
C LEU D 227 1.52 -12.44 -50.06
N ILE D 228 2.30 -11.56 -50.69
CA ILE D 228 1.90 -11.00 -51.97
C ILE D 228 1.81 -12.08 -53.02
N HIS D 229 2.81 -12.97 -53.08
CA HIS D 229 2.77 -14.04 -54.06
C HIS D 229 1.59 -14.97 -53.83
N GLU D 230 1.27 -15.24 -52.57
CA GLU D 230 0.09 -16.05 -52.26
C GLU D 230 -1.20 -15.37 -52.72
N LYS D 231 -1.27 -14.05 -52.55
CA LYS D 231 -2.51 -13.33 -52.88
C LYS D 231 -2.84 -13.43 -54.37
N GLY D 232 -1.82 -13.39 -55.22
CA GLY D 232 -2.04 -13.49 -56.66
C GLY D 232 -1.19 -12.54 -57.49
N GLY D 233 -0.33 -11.78 -56.84
CA GLY D 233 0.56 -10.89 -57.57
C GLY D 233 1.83 -11.58 -58.02
N LYS D 234 2.62 -10.85 -58.82
CA LYS D 234 3.88 -11.35 -59.33
C LYS D 234 4.99 -10.37 -58.99
N VAL D 235 6.08 -10.90 -58.44
CA VAL D 235 7.24 -10.09 -58.08
C VAL D 235 8.33 -10.31 -59.12
N VAL D 236 8.96 -9.23 -59.55
CA VAL D 236 9.87 -9.28 -60.70
C VAL D 236 11.29 -8.85 -60.35
N ALA D 237 11.57 -8.46 -59.11
CA ALA D 237 12.92 -8.03 -58.75
C ALA D 237 13.09 -8.18 -57.25
N VAL D 238 14.24 -8.71 -56.84
CA VAL D 238 14.54 -8.93 -55.43
C VAL D 238 15.98 -8.53 -55.17
N SER D 239 16.21 -7.84 -54.06
CA SER D 239 17.55 -7.43 -53.66
C SER D 239 17.94 -8.11 -52.36
N ASP D 240 19.13 -7.76 -51.88
CA ASP D 240 19.69 -8.25 -50.63
C ASP D 240 20.93 -7.43 -50.33
N ILE D 241 21.59 -7.72 -49.21
CA ILE D 241 22.87 -7.08 -48.94
C ILE D 241 23.93 -7.57 -49.92
N THR D 242 23.79 -8.80 -50.40
CA THR D 242 24.75 -9.40 -51.32
C THR D 242 23.99 -10.04 -52.48
N GLY D 243 23.79 -9.28 -53.55
CA GLY D 243 23.20 -9.82 -54.76
C GLY D 243 21.79 -9.31 -55.00
N ALA D 244 21.32 -9.52 -56.23
CA ALA D 244 20.00 -9.07 -56.66
C ALA D 244 19.63 -9.81 -57.93
N ILE D 245 18.36 -10.26 -58.01
CA ILE D 245 17.91 -11.05 -59.14
C ILE D 245 16.63 -10.45 -59.72
N ARG D 246 16.33 -10.85 -60.94
CA ARG D 246 15.20 -10.32 -61.69
C ARG D 246 14.56 -11.45 -62.49
N ASN D 247 13.25 -11.32 -62.72
CA ASN D 247 12.52 -12.21 -63.61
C ASN D 247 11.26 -11.51 -64.13
N PRO D 248 11.16 -11.28 -65.44
CA PRO D 248 10.03 -10.48 -65.95
C PRO D 248 8.67 -11.12 -65.76
N GLU D 249 8.58 -12.44 -65.60
CA GLU D 249 7.28 -13.10 -65.48
C GLU D 249 6.98 -13.60 -64.08
N GLY D 250 7.78 -13.24 -63.09
CA GLY D 250 7.49 -13.64 -61.72
C GLY D 250 8.52 -14.60 -61.17
N ILE D 251 8.85 -14.44 -59.90
CA ILE D 251 9.84 -15.28 -59.23
C ILE D 251 9.11 -16.18 -58.23
N ASP D 252 9.46 -17.46 -58.24
CA ASP D 252 8.89 -18.41 -57.29
C ASP D 252 9.49 -18.11 -55.92
N ILE D 253 8.72 -17.39 -55.09
CA ILE D 253 9.21 -17.02 -53.76
C ILE D 253 9.35 -18.26 -52.88
N ASN D 254 8.42 -19.21 -53.00
CA ASN D 254 8.49 -20.41 -52.17
C ASN D 254 9.75 -21.20 -52.44
N ALA D 255 10.23 -21.19 -53.68
CA ALA D 255 11.50 -21.83 -53.99
C ALA D 255 12.68 -20.97 -53.55
N LEU D 256 12.55 -19.65 -53.68
CA LEU D 256 13.66 -18.77 -53.34
C LEU D 256 13.96 -18.81 -51.85
N ILE D 257 12.93 -18.95 -51.02
CA ILE D 257 13.13 -19.00 -49.58
C ILE D 257 13.98 -20.20 -49.19
N LYS D 258 13.68 -21.38 -49.75
CA LYS D 258 14.50 -22.55 -49.44
C LYS D 258 15.85 -22.49 -50.12
N HIS D 259 15.96 -21.80 -51.26
CA HIS D 259 17.28 -21.59 -51.85
C HIS D 259 18.18 -20.77 -50.94
N LYS D 260 17.62 -19.70 -50.35
CA LYS D 260 18.41 -18.87 -49.44
C LYS D 260 18.75 -19.63 -48.16
N ASP D 261 17.94 -20.62 -47.80
CA ASP D 261 18.20 -21.39 -46.58
C ASP D 261 19.52 -22.15 -46.68
N ALA D 262 19.79 -22.75 -47.84
CA ALA D 262 21.01 -23.55 -48.01
C ALA D 262 22.17 -22.71 -48.52
N THR D 263 22.00 -22.07 -49.68
CA THR D 263 23.08 -21.29 -50.27
C THR D 263 23.45 -20.11 -49.38
N GLY D 264 22.45 -19.43 -48.81
CA GLY D 264 22.71 -18.24 -48.03
C GLY D 264 22.83 -16.98 -48.84
N SER D 265 22.52 -17.01 -50.12
CA SER D 265 22.60 -15.83 -50.98
C SER D 265 21.50 -15.91 -52.02
N LEU D 266 21.55 -15.01 -53.00
CA LEU D 266 20.64 -15.04 -54.13
C LEU D 266 21.35 -15.33 -55.44
N ASN D 267 22.60 -15.78 -55.38
CA ASN D 267 23.36 -16.06 -56.60
C ASN D 267 23.02 -17.44 -57.13
N ASP D 268 23.04 -17.55 -58.46
CA ASP D 268 22.79 -18.81 -59.16
C ASP D 268 21.42 -19.38 -58.83
N PHE D 269 20.40 -18.51 -58.82
CA PHE D 269 19.03 -18.97 -58.71
C PHE D 269 18.56 -19.58 -60.02
N ASN D 270 17.52 -20.39 -59.93
CA ASN D 270 16.98 -21.10 -61.09
C ASN D 270 16.09 -20.18 -61.95
N GLY D 271 15.01 -19.69 -61.36
CA GLY D 271 14.04 -18.91 -62.11
C GLY D 271 14.27 -17.41 -62.05
N GLY D 272 15.44 -16.96 -62.49
CA GLY D 272 15.74 -15.54 -62.50
C GLY D 272 17.20 -15.25 -62.77
N ASP D 273 17.48 -14.16 -63.46
CA ASP D 273 18.85 -13.81 -63.82
C ASP D 273 19.38 -12.70 -62.92
N ALA D 274 20.68 -12.75 -62.63
CA ALA D 274 21.29 -11.76 -61.76
C ALA D 274 21.26 -10.39 -62.41
N MET D 275 21.20 -9.35 -61.58
CA MET D 275 21.13 -7.98 -62.05
C MET D 275 21.98 -7.09 -61.16
N ASN D 276 22.35 -5.93 -61.69
CA ASN D 276 23.11 -4.97 -60.92
C ASN D 276 22.31 -4.49 -59.73
N SER D 277 22.98 -4.31 -58.59
CA SER D 277 22.33 -3.98 -57.32
C SER D 277 22.05 -2.49 -57.18
N ASP D 278 22.07 -1.73 -58.26
CA ASP D 278 21.77 -0.30 -58.22
C ASP D 278 20.76 0.12 -59.27
N GLU D 279 20.12 -0.83 -59.96
CA GLU D 279 19.19 -0.52 -61.02
C GLU D 279 17.76 -0.96 -60.72
N LEU D 280 17.56 -1.89 -59.79
CA LEU D 280 16.22 -2.40 -59.53
C LEU D 280 15.28 -1.31 -59.03
N LEU D 281 15.82 -0.27 -58.39
CA LEU D 281 14.98 0.84 -57.98
C LEU D 281 14.38 1.61 -59.15
N ILE D 282 14.88 1.37 -60.36
CA ILE D 282 14.37 2.05 -61.55
C ILE D 282 13.64 1.09 -62.49
N HIS D 283 13.34 -0.12 -62.03
CA HIS D 283 12.62 -1.08 -62.87
C HIS D 283 11.20 -0.61 -63.13
N GLU D 284 10.64 -1.05 -64.26
CA GLU D 284 9.22 -0.90 -64.50
C GLU D 284 8.44 -1.77 -63.51
N CYS D 285 7.51 -1.16 -62.80
CA CYS D 285 6.74 -1.89 -61.80
C CYS D 285 5.51 -1.08 -61.44
N ASP D 286 4.61 -1.72 -60.69
CA ASP D 286 3.43 -1.04 -60.19
C ASP D 286 3.64 -0.54 -58.77
N VAL D 287 4.25 -1.36 -57.92
CA VAL D 287 4.48 -1.05 -56.52
C VAL D 287 5.95 -1.27 -56.20
N LEU D 288 6.55 -0.33 -55.49
CA LEU D 288 7.93 -0.43 -55.03
C LEU D 288 7.94 -0.41 -53.51
N ILE D 289 8.59 -1.41 -52.91
CA ILE D 289 8.57 -1.59 -51.47
C ILE D 289 10.00 -1.67 -50.94
N PRO D 290 10.57 -0.56 -50.46
CA PRO D 290 11.87 -0.63 -49.78
C PRO D 290 11.69 -1.12 -48.35
N CYS D 291 12.49 -2.11 -47.94
CA CYS D 291 12.34 -2.73 -46.64
C CYS D 291 13.64 -2.82 -45.83
N ALA D 292 14.75 -2.28 -46.32
CA ALA D 292 16.03 -2.51 -45.68
C ALA D 292 16.63 -1.25 -45.07
N LEU D 293 16.80 -0.20 -45.86
CA LEU D 293 17.52 0.99 -45.41
C LEU D 293 16.66 2.23 -45.61
N GLY D 294 17.08 3.32 -44.98
CA GLY D 294 16.40 4.60 -45.08
C GLY D 294 17.25 5.60 -45.84
N GLY D 295 16.58 6.56 -46.47
CA GLY D 295 17.26 7.55 -47.27
C GLY D 295 17.73 7.09 -48.63
N VAL D 296 17.26 5.92 -49.09
CA VAL D 296 17.74 5.38 -50.36
C VAL D 296 17.19 6.13 -51.55
N LEU D 297 16.24 7.04 -51.36
CA LEU D 297 15.70 7.86 -52.43
C LEU D 297 16.11 9.31 -52.20
N ASN D 298 16.74 9.92 -53.20
CA ASN D 298 17.27 11.28 -53.08
C ASN D 298 17.19 11.94 -54.45
N LYS D 299 17.92 13.05 -54.61
CA LYS D 299 17.78 13.88 -55.81
C LYS D 299 18.15 13.11 -57.08
N GLU D 300 19.24 12.36 -57.01
CA GLU D 300 19.71 11.65 -58.21
C GLU D 300 18.72 10.60 -58.66
N ASN D 301 18.16 9.83 -57.73
CA ASN D 301 17.23 8.77 -58.10
C ASN D 301 15.81 9.27 -58.30
N ALA D 302 15.49 10.50 -57.88
CA ALA D 302 14.12 10.96 -57.89
C ALA D 302 13.57 11.06 -59.31
N GLY D 303 14.36 11.58 -60.25
CA GLY D 303 13.87 11.74 -61.60
C GLY D 303 13.78 10.46 -62.40
N ASP D 304 14.52 9.43 -62.00
CA ASP D 304 14.60 8.21 -62.79
C ASP D 304 13.50 7.22 -62.49
N VAL D 305 12.96 7.21 -61.27
CA VAL D 305 11.98 6.20 -60.89
C VAL D 305 10.73 6.34 -61.75
N LYS D 306 10.11 5.21 -62.07
CA LYS D 306 8.91 5.16 -62.91
C LYS D 306 7.87 4.22 -62.30
N ALA D 307 7.79 4.20 -60.97
CA ALA D 307 6.75 3.43 -60.30
C ALA D 307 5.50 4.28 -60.13
N LYS D 308 4.39 3.61 -59.80
CA LYS D 308 3.12 4.29 -59.59
C LYS D 308 2.68 4.33 -58.13
N PHE D 309 3.27 3.50 -57.27
CA PHE D 309 2.93 3.46 -55.85
C PHE D 309 4.18 3.09 -55.06
N ILE D 310 4.46 3.83 -54.00
CA ILE D 310 5.59 3.56 -53.12
C ILE D 310 5.05 3.32 -51.72
N VAL D 311 5.44 2.21 -51.12
CA VAL D 311 5.02 1.84 -49.77
C VAL D 311 6.27 1.82 -48.89
N GLU D 312 6.34 2.73 -47.94
CA GLU D 312 7.54 2.90 -47.12
C GLU D 312 7.46 1.97 -45.93
N ALA D 313 7.94 0.74 -46.12
CA ALA D 313 7.97 -0.25 -45.06
C ALA D 313 9.19 -0.12 -44.17
N ALA D 314 10.14 0.73 -44.52
CA ALA D 314 11.34 0.95 -43.73
C ALA D 314 11.20 2.24 -42.94
N ASN D 315 12.29 2.66 -42.30
CA ASN D 315 12.29 3.87 -41.47
C ASN D 315 12.94 5.01 -42.25
N HIS D 316 12.13 6.00 -42.63
CA HIS D 316 12.55 7.20 -43.33
C HIS D 316 13.32 6.89 -44.63
N PRO D 317 12.66 6.33 -45.64
CA PRO D 317 13.38 6.03 -46.89
C PRO D 317 13.35 7.17 -47.90
N THR D 318 12.60 8.24 -47.62
CA THR D 318 12.39 9.30 -48.59
C THR D 318 12.83 10.64 -48.00
N ASP D 319 13.59 11.41 -48.79
CA ASP D 319 14.01 12.76 -48.47
C ASP D 319 12.99 13.79 -48.94
N PRO D 320 12.96 14.98 -48.33
CA PRO D 320 11.91 15.95 -48.68
C PRO D 320 11.93 16.42 -50.12
N ASP D 321 13.11 16.75 -50.64
CA ASP D 321 13.22 17.19 -52.03
C ASP D 321 12.78 16.10 -52.99
N ALA D 322 13.18 14.86 -52.72
CA ALA D 322 12.70 13.73 -53.51
C ALA D 322 11.18 13.61 -53.39
N ASP D 323 10.64 13.89 -52.21
CA ASP D 323 9.20 13.81 -52.03
C ASP D 323 8.48 14.84 -52.90
N GLU D 324 9.00 16.07 -52.97
CA GLU D 324 8.36 17.07 -53.82
C GLU D 324 8.52 16.75 -55.30
N ILE D 325 9.69 16.23 -55.69
CA ILE D 325 9.89 15.81 -57.07
C ILE D 325 8.87 14.74 -57.44
N LEU D 326 8.69 13.75 -56.57
CA LEU D 326 7.74 12.68 -56.83
C LEU D 326 6.31 13.19 -56.84
N SER D 327 5.99 14.16 -55.99
CA SER D 327 4.66 14.76 -56.02
C SER D 327 4.39 15.44 -57.36
N LYS D 328 5.38 16.17 -57.87
CA LYS D 328 5.22 16.78 -59.19
C LYS D 328 5.13 15.74 -60.29
N LYS D 329 5.83 14.61 -60.15
CA LYS D 329 5.69 13.53 -61.12
C LYS D 329 4.27 13.00 -61.14
N GLY D 330 3.67 12.78 -59.97
CA GLY D 330 2.34 12.26 -59.86
C GLY D 330 2.21 10.88 -59.21
N VAL D 331 3.15 10.49 -58.36
CA VAL D 331 3.10 9.19 -57.71
C VAL D 331 2.55 9.36 -56.30
N ILE D 332 2.19 8.24 -55.68
CA ILE D 332 1.56 8.23 -54.37
C ILE D 332 2.47 7.48 -53.41
N ILE D 333 2.72 8.09 -52.24
CA ILE D 333 3.63 7.54 -51.25
C ILE D 333 2.86 7.32 -49.96
N LEU D 334 2.84 6.07 -49.49
CA LEU D 334 2.24 5.74 -48.20
C LEU D 334 3.26 6.00 -47.10
N PRO D 335 2.95 6.82 -46.11
CA PRO D 335 3.95 7.18 -45.10
C PRO D 335 4.35 5.98 -44.24
N ASP D 336 5.58 6.04 -43.75
CA ASP D 336 6.08 4.95 -42.90
C ASP D 336 5.49 4.99 -41.50
N ILE D 337 4.92 6.11 -41.09
CA ILE D 337 4.27 6.20 -39.78
C ILE D 337 3.09 5.25 -39.70
N TYR D 338 2.51 4.89 -40.83
CA TYR D 338 1.35 4.01 -40.86
C TYR D 338 1.63 2.64 -41.48
N ALA D 339 2.55 2.54 -42.43
CA ALA D 339 2.73 1.29 -43.15
C ALA D 339 3.22 0.16 -42.25
N ASN D 340 4.18 0.43 -41.37
CA ASN D 340 4.79 -0.61 -40.56
C ASN D 340 4.27 -0.60 -39.13
N ALA D 341 2.98 -0.38 -38.94
CA ALA D 341 2.37 -0.32 -37.61
C ALA D 341 1.82 -1.67 -37.16
N GLY D 342 2.18 -2.76 -37.83
CA GLY D 342 1.70 -4.06 -37.40
C GLY D 342 2.26 -4.50 -36.07
N GLY D 343 3.53 -4.19 -35.82
CA GLY D 343 4.18 -4.65 -34.60
C GLY D 343 3.53 -4.11 -33.35
N VAL D 344 3.28 -2.80 -33.32
CA VAL D 344 2.69 -2.19 -32.13
C VAL D 344 1.26 -2.71 -31.92
N THR D 345 0.52 -2.93 -33.01
CA THR D 345 -0.83 -3.45 -32.87
C THR D 345 -0.81 -4.86 -32.28
N VAL D 346 0.09 -5.72 -32.74
CA VAL D 346 0.14 -7.05 -32.18
C VAL D 346 0.62 -7.03 -30.73
N SER D 347 1.53 -6.11 -30.39
CA SER D 347 1.93 -5.96 -28.99
C SER D 347 0.74 -5.54 -28.13
N TYR D 348 -0.09 -4.64 -28.64
CA TYR D 348 -1.30 -4.26 -27.93
C TYR D 348 -2.22 -5.46 -27.73
N PHE D 349 -2.34 -6.30 -28.75
CA PHE D 349 -3.16 -7.50 -28.62
C PHE D 349 -2.62 -8.43 -27.55
N GLU D 350 -1.30 -8.58 -27.48
CA GLU D 350 -0.71 -9.41 -26.44
C GLU D 350 -0.97 -8.84 -25.06
N TRP D 351 -0.87 -7.52 -24.91
CA TRP D 351 -1.18 -6.88 -23.65
C TRP D 351 -2.63 -7.14 -23.24
N VAL D 352 -3.56 -7.06 -24.20
CA VAL D 352 -4.96 -7.33 -23.91
C VAL D 352 -5.15 -8.77 -23.46
N GLN D 353 -4.53 -9.71 -24.18
CA GLN D 353 -4.66 -11.12 -23.82
C GLN D 353 -4.13 -11.40 -22.42
N ASN D 354 -3.03 -10.75 -22.04
CA ASN D 354 -2.50 -10.96 -20.70
C ASN D 354 -3.37 -10.30 -19.64
N ILE D 355 -3.99 -9.17 -19.95
CA ILE D 355 -4.92 -8.56 -19.01
C ILE D 355 -6.12 -9.46 -18.78
N GLN D 356 -6.64 -10.08 -19.84
CA GLN D 356 -7.82 -10.91 -19.73
C GLN D 356 -7.56 -12.27 -19.13
N GLY D 357 -6.32 -12.75 -19.17
CA GLY D 357 -5.99 -14.06 -18.65
C GLY D 357 -6.27 -15.22 -19.58
N PHE D 358 -6.69 -14.96 -20.82
CA PHE D 358 -7.11 -15.98 -21.76
C PHE D 358 -6.47 -15.69 -23.10
N MET D 359 -5.85 -16.70 -23.71
CA MET D 359 -5.12 -16.53 -24.95
C MET D 359 -6.02 -16.74 -26.16
N TRP D 360 -5.76 -15.97 -27.21
CA TRP D 360 -6.48 -16.06 -28.48
C TRP D 360 -5.80 -17.07 -29.40
N GLU D 361 -6.50 -17.43 -30.46
CA GLU D 361 -5.92 -18.21 -31.56
C GLU D 361 -5.38 -17.26 -32.62
N GLU D 362 -4.66 -17.82 -33.59
CA GLU D 362 -4.00 -17.00 -34.59
C GLU D 362 -5.00 -16.33 -35.52
N GLU D 363 -6.10 -17.01 -35.84
CA GLU D 363 -7.09 -16.44 -36.74
C GLU D 363 -7.69 -15.16 -36.17
N LYS D 364 -8.00 -15.17 -34.87
CA LYS D 364 -8.55 -13.97 -34.25
C LYS D 364 -7.58 -12.82 -34.31
N VAL D 365 -6.29 -13.10 -34.07
CA VAL D 365 -5.27 -12.06 -34.14
C VAL D 365 -5.22 -11.46 -35.54
N ASN D 366 -5.22 -12.32 -36.56
CA ASN D 366 -5.12 -11.81 -37.93
C ASN D 366 -6.35 -11.00 -38.32
N LEU D 367 -7.55 -11.46 -37.96
CA LEU D 367 -8.75 -10.68 -38.26
C LEU D 367 -8.74 -9.32 -37.57
N GLU D 368 -8.36 -9.29 -36.30
CA GLU D 368 -8.32 -8.01 -35.60
C GLU D 368 -7.29 -7.07 -36.22
N LEU D 369 -6.13 -7.61 -36.61
CA LEU D 369 -5.11 -6.78 -37.25
C LEU D 369 -5.63 -6.19 -38.56
N GLN D 370 -6.31 -7.01 -39.36
CA GLN D 370 -6.86 -6.52 -40.62
C GLN D 370 -7.88 -5.42 -40.38
N LYS D 371 -8.76 -5.61 -39.41
CA LYS D 371 -9.77 -4.60 -39.13
C LYS D 371 -9.13 -3.28 -38.70
N TYR D 372 -8.14 -3.35 -37.82
CA TYR D 372 -7.51 -2.13 -37.33
C TYR D 372 -6.80 -1.39 -38.46
N MET D 373 -6.07 -2.10 -39.31
CA MET D 373 -5.37 -1.41 -40.40
C MET D 373 -6.34 -0.77 -41.38
N THR D 374 -7.42 -1.48 -41.74
CA THR D 374 -8.39 -0.90 -42.66
C THR D 374 -9.04 0.34 -42.08
N ARG D 375 -9.44 0.28 -40.81
CA ARG D 375 -10.07 1.44 -40.19
C ARG D 375 -9.12 2.62 -40.12
N ALA D 376 -7.84 2.36 -39.81
CA ALA D 376 -6.86 3.44 -39.77
C ALA D 376 -6.70 4.10 -41.12
N PHE D 377 -6.66 3.30 -42.20
CA PHE D 377 -6.53 3.91 -43.51
C PHE D 377 -7.75 4.75 -43.88
N HIS D 378 -8.95 4.27 -43.54
CA HIS D 378 -10.13 5.07 -43.86
C HIS D 378 -10.11 6.39 -43.11
N ASN D 379 -9.72 6.37 -41.83
CA ASN D 379 -9.62 7.62 -41.07
C ASN D 379 -8.59 8.56 -41.68
N ILE D 380 -7.43 8.04 -42.08
CA ILE D 380 -6.39 8.90 -42.63
C ILE D 380 -6.85 9.50 -43.95
N LYS D 381 -7.57 8.73 -44.77
CA LYS D 381 -8.07 9.25 -46.03
C LYS D 381 -9.09 10.35 -45.81
N THR D 382 -10.00 10.17 -44.85
CA THR D 382 -10.97 11.22 -44.56
C THR D 382 -10.28 12.49 -44.09
N MET D 383 -9.30 12.37 -43.19
CA MET D 383 -8.62 13.56 -42.68
C MET D 383 -7.81 14.23 -43.77
N CYS D 384 -7.25 13.45 -44.69
CA CYS D 384 -6.53 14.01 -45.83
C CYS D 384 -7.46 14.76 -46.76
N HIS D 385 -8.67 14.25 -46.96
CA HIS D 385 -9.64 14.93 -47.80
C HIS D 385 -10.14 16.22 -47.17
N THR D 386 -10.25 16.24 -45.83
CA THR D 386 -10.79 17.42 -45.17
C THR D 386 -9.91 18.65 -45.36
N HIS D 387 -8.59 18.51 -45.24
CA HIS D 387 -7.68 19.64 -45.23
C HIS D 387 -6.94 19.83 -46.56
N SER D 388 -7.16 18.97 -47.54
CA SER D 388 -6.56 19.09 -48.87
C SER D 388 -5.03 19.10 -48.80
N CYS D 389 -4.47 17.97 -48.36
CA CYS D 389 -3.03 17.77 -48.31
C CYS D 389 -2.73 16.37 -48.86
N ASN D 390 -1.51 15.91 -48.67
CA ASN D 390 -1.13 14.56 -49.08
C ASN D 390 -1.31 13.58 -47.92
N LEU D 391 -0.81 12.35 -48.10
CA LEU D 391 -1.06 11.31 -47.11
C LEU D 391 -0.22 11.51 -45.84
N ARG D 392 1.05 11.90 -45.99
CA ARG D 392 1.92 12.03 -44.83
C ARG D 392 1.40 13.09 -43.87
N MET D 393 1.05 14.26 -44.39
CA MET D 393 0.53 15.31 -43.52
C MET D 393 -0.85 14.96 -42.99
N GLY D 394 -1.62 14.16 -43.73
CA GLY D 394 -2.86 13.65 -43.19
C GLY D 394 -2.64 12.79 -41.96
N ALA D 395 -1.66 11.87 -42.03
CA ALA D 395 -1.35 11.03 -40.89
C ALA D 395 -0.93 11.86 -39.69
N PHE D 396 0.01 12.78 -39.90
CA PHE D 396 0.52 13.55 -38.77
C PHE D 396 -0.55 14.47 -38.20
N THR D 397 -1.39 15.05 -39.06
CA THR D 397 -2.49 15.87 -38.58
C THR D 397 -3.46 15.05 -37.74
N LEU D 398 -3.79 13.84 -38.18
CA LEU D 398 -4.70 13.00 -37.42
C LEU D 398 -4.14 12.68 -36.04
N GLY D 399 -2.86 12.28 -35.99
CA GLY D 399 -2.27 11.96 -34.70
C GLY D 399 -2.23 13.14 -33.76
N VAL D 400 -1.76 14.29 -34.24
CA VAL D 400 -1.65 15.47 -33.40
C VAL D 400 -3.03 15.93 -32.93
N ASN D 401 -4.02 15.85 -33.81
CA ASN D 401 -5.37 16.26 -33.43
C ASN D 401 -5.92 15.37 -32.33
N ARG D 402 -5.73 14.04 -32.45
CA ARG D 402 -6.22 13.15 -31.41
C ARG D 402 -5.56 13.47 -30.06
N VAL D 403 -4.24 13.62 -30.05
CA VAL D 403 -3.55 13.84 -28.79
C VAL D 403 -3.96 15.16 -28.17
N ALA D 404 -4.03 16.23 -28.98
CA ALA D 404 -4.42 17.53 -28.45
C ALA D 404 -5.85 17.51 -27.93
N ARG D 405 -6.75 16.84 -28.64
CA ARG D 405 -8.14 16.77 -28.19
C ARG D 405 -8.24 16.07 -26.85
N ALA D 406 -7.54 14.94 -26.68
CA ALA D 406 -7.57 14.27 -25.39
C ALA D 406 -6.98 15.13 -24.29
N THR D 407 -5.87 15.82 -24.57
CA THR D 407 -5.23 16.65 -23.55
C THR D 407 -6.15 17.77 -23.10
N GLN D 408 -6.80 18.46 -24.03
CA GLN D 408 -7.70 19.54 -23.63
C GLN D 408 -8.96 19.02 -22.97
N LEU D 409 -9.43 17.83 -23.35
CA LEU D 409 -10.61 17.27 -22.72
C LEU D 409 -10.34 16.84 -21.29
N ARG D 410 -9.11 16.43 -20.99
CA ARG D 410 -8.81 15.87 -19.69
C ARG D 410 -8.77 16.95 -18.61
N GLY D 411 -8.31 18.15 -18.93
CA GLY D 411 -8.34 19.24 -17.99
C GLY D 411 -7.01 19.92 -17.73
N TRP D 412 -7.05 21.14 -17.18
CA TRP D 412 -5.85 21.94 -16.94
C TRP D 412 -5.75 22.43 -15.50
N GLU D 413 -6.40 21.76 -14.55
CA GLU D 413 -6.52 22.25 -13.17
C GLU D 413 -7.15 23.65 -13.16
N ALA D 414 -8.34 23.71 -13.73
CA ALA D 414 -9.07 24.96 -13.93
C ALA D 414 -8.26 25.96 -14.76
N ASN E 5 0.78 -45.55 -0.06
CA ASN E 5 0.62 -46.21 -1.35
C ASN E 5 0.32 -45.19 -2.43
N ALA E 6 -0.53 -44.21 -2.11
CA ALA E 6 -0.88 -43.16 -3.06
C ALA E 6 0.20 -42.09 -3.16
N LEU E 7 1.12 -42.04 -2.18
CA LEU E 7 2.19 -41.05 -2.23
C LEU E 7 3.44 -41.58 -2.92
N ALA E 8 3.57 -42.91 -3.04
CA ALA E 8 4.73 -43.48 -3.71
C ALA E 8 4.56 -43.51 -5.22
N ALA E 9 3.33 -43.59 -5.71
CA ALA E 9 3.11 -43.61 -7.14
C ALA E 9 3.63 -42.34 -7.79
N THR E 10 3.29 -41.19 -7.20
CA THR E 10 3.67 -39.91 -7.81
C THR E 10 5.19 -39.73 -7.84
N ASN E 11 5.88 -40.06 -6.76
CA ASN E 11 7.32 -39.82 -6.78
C ASN E 11 8.06 -40.85 -7.61
N ARG E 12 7.60 -42.11 -7.64
CA ARG E 12 8.20 -43.09 -8.54
C ARG E 12 8.04 -42.64 -9.99
N ASN E 13 6.85 -42.18 -10.36
CA ASN E 13 6.63 -41.69 -11.71
C ASN E 13 7.51 -40.49 -12.01
N PHE E 14 7.72 -39.61 -11.02
CA PHE E 14 8.61 -38.48 -11.27
C PHE E 14 10.04 -38.96 -11.53
N ARG E 15 10.54 -39.91 -10.75
CA ARG E 15 11.89 -40.39 -10.98
C ARG E 15 12.02 -41.00 -12.37
N HIS E 16 11.04 -41.81 -12.78
CA HIS E 16 11.11 -42.41 -14.10
C HIS E 16 11.08 -41.34 -15.20
N ALA E 17 10.22 -40.33 -15.05
CA ALA E 17 10.13 -39.28 -16.04
C ALA E 17 11.41 -38.46 -16.12
N SER E 18 12.05 -38.23 -14.97
CA SER E 18 13.33 -37.51 -14.98
C SER E 18 14.41 -38.36 -15.64
N ARG E 19 14.39 -39.67 -15.44
CA ARG E 19 15.35 -40.55 -16.11
C ARG E 19 15.16 -40.50 -17.62
N ILE E 20 13.91 -40.50 -18.08
CA ILE E 20 13.66 -40.48 -19.52
C ILE E 20 14.15 -39.18 -20.13
N LEU E 21 13.89 -38.05 -19.48
CA LEU E 21 14.23 -36.74 -20.03
C LEU E 21 15.70 -36.40 -19.92
N GLY E 22 16.46 -37.13 -19.11
CA GLY E 22 17.85 -36.78 -18.91
C GLY E 22 18.05 -35.43 -18.24
N LEU E 23 17.27 -35.17 -17.19
CA LEU E 23 17.34 -33.88 -16.51
C LEU E 23 18.60 -33.78 -15.65
N ASP E 24 19.06 -32.56 -15.46
CA ASP E 24 20.16 -32.30 -14.55
C ASP E 24 19.75 -32.63 -13.12
N SER E 25 20.74 -33.03 -12.31
CA SER E 25 20.44 -33.38 -10.92
C SER E 25 20.08 -32.15 -10.10
N LYS E 26 20.73 -31.03 -10.38
CA LYS E 26 20.43 -29.80 -9.64
C LYS E 26 18.99 -29.36 -9.87
N ILE E 27 18.53 -29.42 -11.11
CA ILE E 27 17.17 -29.01 -11.41
C ILE E 27 16.16 -29.93 -10.72
N GLU E 28 16.45 -31.24 -10.68
CA GLU E 28 15.55 -32.16 -9.99
C GLU E 28 15.50 -31.87 -8.50
N ARG E 29 16.66 -31.60 -7.90
CA ARG E 29 16.68 -31.25 -6.48
C ARG E 29 15.87 -29.98 -6.23
N SER E 30 15.99 -29.00 -7.13
CA SER E 30 15.21 -27.78 -6.99
C SER E 30 13.72 -28.01 -7.17
N LEU E 31 13.33 -28.97 -8.01
CA LEU E 31 11.93 -29.29 -8.19
C LEU E 31 11.36 -30.13 -7.05
N MET E 32 12.22 -30.73 -6.22
CA MET E 32 11.73 -31.39 -5.01
C MET E 32 11.29 -30.41 -3.93
N ILE E 33 12.05 -29.35 -3.71
CA ILE E 33 11.80 -28.49 -2.55
C ILE E 33 10.59 -27.60 -2.84
N PRO E 34 9.57 -27.61 -1.99
CA PRO E 34 8.41 -26.74 -2.22
C PRO E 34 8.76 -25.28 -2.06
N PHE E 35 7.98 -24.43 -2.73
CA PHE E 35 8.22 -23.00 -2.67
C PHE E 35 8.01 -22.46 -1.25
N ARG E 36 6.99 -22.96 -0.54
CA ARG E 36 6.72 -22.43 0.79
C ARG E 36 5.81 -23.38 1.55
N GLU E 37 5.97 -23.42 2.87
CA GLU E 37 5.10 -24.16 3.76
C GLU E 37 4.77 -23.30 4.97
N ILE E 38 3.51 -23.37 5.42
CA ILE E 38 3.02 -22.50 6.48
C ILE E 38 2.18 -23.32 7.45
N LYS E 39 2.38 -23.09 8.74
CA LYS E 39 1.53 -23.61 9.81
C LYS E 39 1.08 -22.45 10.69
N VAL E 40 -0.21 -22.40 11.02
CA VAL E 40 -0.76 -21.35 11.86
C VAL E 40 -1.69 -21.98 12.90
N GLU E 41 -1.97 -21.22 13.95
CA GLU E 41 -2.85 -21.66 15.03
C GLU E 41 -4.20 -20.96 14.91
N CYS E 42 -5.27 -21.74 14.97
CA CYS E 42 -6.63 -21.22 14.84
C CYS E 42 -7.39 -21.56 16.10
N THR E 43 -7.69 -20.56 16.92
CA THR E 43 -8.35 -20.76 18.20
C THR E 43 -9.69 -20.03 18.20
N ILE E 44 -10.76 -20.75 18.50
CA ILE E 44 -12.10 -20.16 18.48
C ILE E 44 -12.85 -20.48 19.76
N PRO E 45 -13.79 -19.65 20.18
CA PRO E 45 -14.69 -20.03 21.28
C PRO E 45 -15.90 -20.78 20.77
N LYS E 46 -16.24 -21.86 21.46
CA LYS E 46 -17.36 -22.70 21.06
C LYS E 46 -18.68 -21.99 21.40
N ASP E 47 -19.80 -22.67 21.16
CA ASP E 47 -21.10 -22.09 21.50
C ASP E 47 -21.26 -21.95 23.02
N ASP E 48 -20.67 -22.87 23.78
CA ASP E 48 -20.71 -22.76 25.24
C ASP E 48 -19.96 -21.53 25.73
N GLY E 49 -18.75 -21.32 25.20
CA GLY E 49 -17.89 -20.25 25.65
C GLY E 49 -16.45 -20.69 25.77
N THR E 50 -16.23 -22.00 25.85
CA THR E 50 -14.90 -22.54 26.01
C THR E 50 -14.12 -22.47 24.70
N LEU E 51 -12.79 -22.50 24.84
CA LEU E 51 -11.89 -22.34 23.71
C LEU E 51 -11.49 -23.69 23.12
N VAL E 52 -11.27 -23.70 21.82
CA VAL E 52 -10.72 -24.87 21.12
C VAL E 52 -9.68 -24.37 20.13
N SER E 53 -8.54 -25.06 20.09
CA SER E 53 -7.43 -24.68 19.22
C SER E 53 -7.11 -25.80 18.25
N TYR E 54 -7.00 -25.46 16.97
CA TYR E 54 -6.53 -26.36 15.93
C TYR E 54 -5.32 -25.75 15.23
N ILE E 55 -4.73 -26.54 14.34
CA ILE E 55 -3.55 -26.13 13.60
C ILE E 55 -3.86 -26.24 12.11
N GLY E 56 -3.79 -25.11 11.41
CA GLY E 56 -4.01 -25.07 9.98
C GLY E 56 -2.71 -25.03 9.21
N PHE E 57 -2.71 -25.59 8.01
CA PHE E 57 -1.48 -25.71 7.24
C PHE E 57 -1.75 -25.39 5.78
N ARG E 58 -0.68 -25.00 5.08
CA ARG E 58 -0.76 -24.68 3.66
C ARG E 58 0.59 -24.92 3.02
N VAL E 59 0.62 -25.70 1.94
CA VAL E 59 1.85 -26.02 1.22
C VAL E 59 1.69 -25.50 -0.20
N GLN E 60 2.72 -24.80 -0.70
CA GLN E 60 2.72 -24.20 -2.02
C GLN E 60 3.97 -24.67 -2.75
N HIS E 61 3.77 -25.49 -3.80
CA HIS E 61 4.90 -26.20 -4.40
C HIS E 61 5.67 -25.33 -5.39
N ASP E 62 5.04 -24.94 -6.49
CA ASP E 62 5.72 -24.15 -7.51
C ASP E 62 4.80 -23.06 -8.03
N ASN E 63 5.41 -22.00 -8.53
CA ASN E 63 4.68 -20.90 -9.17
C ASN E 63 5.41 -20.42 -10.42
N ALA E 64 6.10 -21.33 -11.10
CA ALA E 64 6.88 -20.95 -12.28
C ALA E 64 6.00 -20.62 -13.47
N ARG E 65 4.75 -21.07 -13.48
CA ARG E 65 3.87 -20.88 -14.62
C ARG E 65 2.69 -19.96 -14.36
N GLY E 66 2.50 -19.51 -13.13
CA GLY E 66 1.39 -18.62 -12.82
C GLY E 66 0.98 -18.72 -11.37
N PRO E 67 -0.27 -18.41 -11.09
CA PRO E 67 -0.78 -18.55 -9.71
C PRO E 67 -0.79 -20.01 -9.28
N MET E 68 -1.00 -20.21 -7.99
CA MET E 68 -1.05 -21.53 -7.41
C MET E 68 -2.50 -21.94 -7.22
N LYS E 69 -2.77 -23.23 -7.38
CA LYS E 69 -4.12 -23.76 -7.28
C LYS E 69 -4.12 -24.99 -6.39
N GLY E 70 -5.13 -25.12 -5.54
CA GLY E 70 -5.17 -26.27 -4.66
C GLY E 70 -6.36 -26.20 -3.74
N GLY E 71 -6.64 -27.32 -3.09
CA GLY E 71 -7.83 -27.48 -2.28
C GLY E 71 -7.60 -27.35 -0.79
N ILE E 72 -8.67 -27.02 -0.09
CA ILE E 72 -8.69 -26.89 1.37
C ILE E 72 -9.40 -28.12 1.94
N ARG E 73 -8.74 -28.83 2.84
CA ARG E 73 -9.23 -30.10 3.35
C ARG E 73 -9.49 -30.00 4.85
N TYR E 74 -10.66 -30.48 5.28
CA TYR E 74 -11.06 -30.50 6.69
C TYR E 74 -11.10 -31.97 7.13
N HIS E 75 -9.95 -32.50 7.56
CA HIS E 75 -9.89 -33.88 7.98
C HIS E 75 -9.06 -33.99 9.26
N PRO E 76 -9.49 -34.80 10.22
CA PRO E 76 -8.77 -34.88 11.50
C PRO E 76 -7.32 -35.32 11.39
N GLU E 77 -7.00 -36.24 10.48
CA GLU E 77 -5.66 -36.81 10.42
C GLU E 77 -4.90 -36.24 9.23
N VAL E 78 -3.67 -35.78 9.50
CA VAL E 78 -2.84 -35.13 8.49
C VAL E 78 -1.46 -35.76 8.52
N ASP E 79 -0.73 -35.57 7.42
CA ASP E 79 0.62 -36.07 7.29
C ASP E 79 1.39 -35.19 6.31
N PRO E 80 2.54 -34.63 6.72
CA PRO E 80 3.27 -33.74 5.81
C PRO E 80 3.68 -34.39 4.51
N ASP E 81 4.05 -35.68 4.53
CA ASP E 81 4.46 -36.35 3.30
C ASP E 81 3.30 -36.46 2.31
N GLU E 82 2.12 -36.82 2.81
CA GLU E 82 0.96 -36.91 1.94
C GLU E 82 0.60 -35.55 1.34
N VAL E 83 0.68 -34.50 2.15
CA VAL E 83 0.34 -33.16 1.66
C VAL E 83 1.33 -32.71 0.61
N ASN E 84 2.63 -32.94 0.83
CA ASN E 84 3.63 -32.59 -0.17
C ASN E 84 3.40 -33.35 -1.47
N ALA E 85 3.10 -34.65 -1.36
CA ALA E 85 2.84 -35.44 -2.55
C ALA E 85 1.63 -34.93 -3.32
N LEU E 86 0.57 -34.57 -2.61
CA LEU E 86 -0.62 -34.06 -3.28
C LEU E 86 -0.34 -32.73 -3.96
N ALA E 87 0.42 -31.84 -3.33
CA ALA E 87 0.77 -30.58 -3.96
C ALA E 87 1.58 -30.80 -5.23
N GLN E 88 2.56 -31.70 -5.17
CA GLN E 88 3.37 -31.99 -6.35
C GLN E 88 2.53 -32.59 -7.47
N LEU E 89 1.60 -33.49 -7.12
CA LEU E 89 0.73 -34.08 -8.13
C LEU E 89 -0.13 -33.01 -8.78
N MET E 90 -0.64 -32.05 -8.00
CA MET E 90 -1.41 -30.97 -8.60
C MET E 90 -0.57 -30.16 -9.56
N THR E 91 0.70 -29.92 -9.21
CA THR E 91 1.58 -29.19 -10.13
C THR E 91 1.68 -29.92 -11.46
N TRP E 92 1.98 -31.22 -11.43
CA TRP E 92 2.13 -31.95 -12.69
C TRP E 92 0.83 -32.01 -13.46
N LYS E 93 -0.29 -32.23 -12.77
CA LYS E 93 -1.59 -32.34 -13.44
C LYS E 93 -1.95 -31.04 -14.14
N THR E 94 -1.72 -29.90 -13.47
CA THR E 94 -1.96 -28.62 -14.10
C THR E 94 -1.05 -28.42 -15.32
N ALA E 95 0.22 -28.84 -15.21
CA ALA E 95 1.12 -28.73 -16.35
C ALA E 95 0.63 -29.55 -17.54
N VAL E 96 0.04 -30.71 -17.28
CA VAL E 96 -0.43 -31.57 -18.37
C VAL E 96 -1.60 -30.91 -19.09
N ALA E 97 -2.60 -30.44 -18.34
CA ALA E 97 -3.80 -29.88 -18.95
C ALA E 97 -3.55 -28.56 -19.65
N ASP E 98 -2.37 -27.95 -19.46
CA ASP E 98 -1.97 -26.72 -20.12
C ASP E 98 -2.88 -25.55 -19.73
N ILE E 99 -2.96 -25.31 -18.42
CA ILE E 99 -3.61 -24.12 -17.89
C ILE E 99 -2.56 -23.39 -17.04
N PRO E 100 -2.57 -22.06 -17.02
CA PRO E 100 -1.46 -21.33 -16.35
C PRO E 100 -1.61 -21.27 -14.84
N TYR E 101 -1.31 -22.38 -14.17
CA TYR E 101 -1.42 -22.49 -12.72
C TYR E 101 -0.22 -23.24 -12.16
N GLY E 102 -0.14 -23.28 -10.83
CA GLY E 102 0.86 -24.07 -10.14
C GLY E 102 0.22 -25.12 -9.26
N GLY E 103 0.83 -25.43 -8.12
CA GLY E 103 0.25 -26.43 -7.24
C GLY E 103 0.30 -26.07 -5.77
N ALA E 104 -0.76 -26.41 -5.04
CA ALA E 104 -0.82 -26.13 -3.62
C ALA E 104 -1.80 -27.08 -2.97
N LYS E 105 -1.80 -27.08 -1.63
CA LYS E 105 -2.73 -27.90 -0.86
C LYS E 105 -2.74 -27.46 0.59
N GLY E 106 -3.92 -27.28 1.19
CA GLY E 106 -3.96 -26.83 2.55
C GLY E 106 -5.13 -27.43 3.29
N GLY E 107 -5.25 -27.08 4.57
CA GLY E 107 -6.39 -27.55 5.31
C GLY E 107 -6.27 -27.25 6.80
N ILE E 108 -7.23 -27.80 7.53
CA ILE E 108 -7.30 -27.70 8.99
C ILE E 108 -7.45 -29.09 9.56
N GLY E 109 -6.75 -29.37 10.65
CA GLY E 109 -6.83 -30.66 11.29
C GLY E 109 -7.97 -30.77 12.28
N CYS E 110 -9.21 -30.78 11.79
CA CYS E 110 -10.39 -30.86 12.65
C CYS E 110 -11.40 -31.79 12.03
N SER E 111 -12.35 -32.23 12.84
CA SER E 111 -13.42 -33.09 12.37
C SER E 111 -14.71 -32.27 12.24
N PRO E 112 -15.19 -31.98 11.03
CA PRO E 112 -16.35 -31.11 10.89
C PRO E 112 -17.68 -31.72 11.30
N ARG E 113 -17.70 -33.01 11.66
CA ARG E 113 -18.93 -33.63 12.08
C ARG E 113 -19.27 -33.35 13.53
N ASP E 114 -18.38 -32.68 14.27
CA ASP E 114 -18.60 -32.37 15.67
C ASP E 114 -18.91 -30.90 15.92
N LEU E 115 -18.74 -30.05 14.91
CA LEU E 115 -18.96 -28.62 15.05
C LEU E 115 -20.29 -28.24 14.41
N SER E 116 -21.00 -27.31 15.06
CA SER E 116 -22.24 -26.81 14.48
C SER E 116 -21.92 -25.89 13.30
N LEU E 117 -22.96 -25.26 12.76
CA LEU E 117 -22.76 -24.38 11.61
C LEU E 117 -22.02 -23.11 12.00
N SER E 118 -22.43 -22.48 13.12
CA SER E 118 -21.79 -21.24 13.54
C SER E 118 -20.34 -21.44 13.88
N GLU E 119 -20.01 -22.52 14.59
CA GLU E 119 -18.61 -22.78 14.93
C GLU E 119 -17.79 -23.02 13.67
N LEU E 120 -18.38 -23.71 12.69
CA LEU E 120 -17.66 -23.98 11.45
C LEU E 120 -17.38 -22.68 10.70
N GLU E 121 -18.35 -21.76 10.69
CA GLU E 121 -18.12 -20.45 10.07
C GLU E 121 -17.03 -19.68 10.80
N ARG E 122 -17.05 -19.70 12.13
CA ARG E 122 -16.01 -19.00 12.89
C ARG E 122 -14.63 -19.56 12.58
N LEU E 123 -14.53 -20.88 12.50
CA LEU E 123 -13.25 -21.51 12.18
C LEU E 123 -12.75 -21.09 10.81
N THR E 124 -13.64 -21.09 9.81
CA THR E 124 -13.23 -20.69 8.47
C THR E 124 -12.76 -19.23 8.45
N ARG E 125 -13.50 -18.34 9.11
CA ARG E 125 -13.13 -16.93 9.09
C ARG E 125 -11.80 -16.70 9.80
N VAL E 126 -11.55 -17.39 10.91
CA VAL E 126 -10.29 -17.21 11.62
C VAL E 126 -9.13 -17.73 10.78
N PHE E 127 -9.30 -18.90 10.14
CA PHE E 127 -8.26 -19.40 9.25
C PHE E 127 -7.94 -18.39 8.15
N THR E 128 -8.98 -17.81 7.55
CA THR E 128 -8.75 -16.81 6.50
C THR E 128 -8.01 -15.60 7.03
N GLN E 129 -8.38 -15.12 8.22
CA GLN E 129 -7.67 -13.98 8.80
C GLN E 129 -6.20 -14.31 9.02
N LYS E 130 -5.89 -15.56 9.38
CA LYS E 130 -4.49 -15.89 9.64
C LYS E 130 -3.68 -16.07 8.37
N ILE E 131 -4.30 -16.50 7.26
CA ILE E 131 -3.49 -16.70 6.05
C ILE E 131 -3.83 -15.70 4.95
N HIS E 132 -4.33 -14.53 5.31
CA HIS E 132 -4.87 -13.63 4.30
C HIS E 132 -3.77 -13.03 3.41
N ASP E 133 -2.57 -12.84 3.95
CA ASP E 133 -1.52 -12.18 3.19
C ASP E 133 -0.67 -13.15 2.37
N LEU E 134 -1.03 -14.44 2.34
CA LEU E 134 -0.31 -15.42 1.57
C LEU E 134 -1.12 -15.99 0.43
N ILE E 135 -2.35 -15.52 0.21
CA ILE E 135 -3.17 -15.91 -0.92
C ILE E 135 -3.55 -14.65 -1.68
N GLY E 136 -4.20 -14.83 -2.82
CA GLY E 136 -4.59 -13.69 -3.62
C GLY E 136 -5.07 -14.13 -4.98
N ILE E 137 -5.43 -13.13 -5.79
CA ILE E 137 -5.95 -13.41 -7.12
C ILE E 137 -4.86 -13.95 -8.03
N HIS E 138 -3.67 -13.34 -7.99
CA HIS E 138 -2.55 -13.77 -8.79
C HIS E 138 -1.46 -14.45 -7.96
N THR E 139 -1.79 -14.89 -6.75
CA THR E 139 -0.84 -15.55 -5.88
C THR E 139 -1.22 -16.98 -5.55
N ASP E 140 -2.45 -17.21 -5.09
CA ASP E 140 -2.88 -18.53 -4.67
C ASP E 140 -4.40 -18.58 -4.53
N VAL E 141 -5.04 -19.53 -5.21
CA VAL E 141 -6.49 -19.58 -5.34
C VAL E 141 -6.98 -20.87 -4.70
N PRO E 142 -7.56 -20.80 -3.51
CA PRO E 142 -8.10 -22.00 -2.87
C PRO E 142 -9.33 -22.54 -3.59
N ALA E 143 -9.57 -23.82 -3.39
CA ALA E 143 -10.71 -24.53 -3.96
C ALA E 143 -11.27 -25.48 -2.91
N PRO E 144 -12.54 -25.88 -3.05
CA PRO E 144 -13.11 -26.82 -2.09
C PRO E 144 -12.59 -28.23 -2.30
N ASP E 145 -12.67 -29.01 -1.22
CA ASP E 145 -12.20 -30.39 -1.22
C ASP E 145 -13.10 -31.17 -0.28
N MET E 146 -12.67 -32.35 0.14
CA MET E 146 -13.50 -33.19 0.99
C MET E 146 -13.56 -32.58 2.39
N GLY E 147 -14.76 -32.59 2.98
CA GLY E 147 -15.02 -31.84 4.19
C GLY E 147 -15.36 -30.39 3.96
N THR E 148 -15.40 -29.94 2.71
CA THR E 148 -15.63 -28.54 2.36
C THR E 148 -16.59 -28.47 1.20
N ASN E 149 -17.37 -27.39 1.15
CA ASN E 149 -18.34 -27.19 0.07
C ASN E 149 -18.36 -25.71 -0.29
N ALA E 150 -19.38 -25.31 -1.06
CA ALA E 150 -19.42 -23.96 -1.61
C ALA E 150 -19.64 -22.90 -0.53
N GLN E 151 -20.34 -23.25 0.55
CA GLN E 151 -20.58 -22.28 1.61
C GLN E 151 -19.27 -21.83 2.25
N THR E 152 -18.32 -22.75 2.41
CA THR E 152 -17.03 -22.39 2.96
C THR E 152 -16.31 -21.40 2.05
N MET E 153 -16.39 -21.61 0.74
CA MET E 153 -15.82 -20.65 -0.20
C MET E 153 -16.50 -19.29 -0.08
N ALA E 154 -17.80 -19.26 0.16
CA ALA E 154 -18.48 -17.99 0.37
C ALA E 154 -17.93 -17.26 1.60
N TRP E 155 -17.72 -18.00 2.69
CA TRP E 155 -17.18 -17.37 3.90
C TRP E 155 -15.76 -16.87 3.69
N ILE E 156 -14.92 -17.66 3.01
CA ILE E 156 -13.56 -17.22 2.71
C ILE E 156 -13.57 -15.97 1.87
N LEU E 157 -14.43 -15.92 0.85
CA LEU E 157 -14.55 -14.73 0.01
C LEU E 157 -14.95 -13.52 0.84
N ASP E 158 -15.90 -13.70 1.75
CA ASP E 158 -16.36 -12.58 2.57
C ASP E 158 -15.22 -12.00 3.42
N GLU E 159 -14.46 -12.86 4.10
CA GLU E 159 -13.39 -12.36 4.95
C GLU E 159 -12.28 -11.71 4.13
N TYR E 160 -11.86 -12.36 3.04
CA TYR E 160 -10.81 -11.76 2.22
C TYR E 160 -11.26 -10.44 1.63
N SER E 161 -12.56 -10.31 1.30
CA SER E 161 -13.06 -9.03 0.82
C SER E 161 -13.00 -7.97 1.91
N LYS E 162 -13.32 -8.34 3.16
CA LYS E 162 -13.14 -7.41 4.26
C LYS E 162 -11.72 -6.88 4.30
N PHE E 163 -10.75 -7.74 3.99
CA PHE E 163 -9.36 -7.28 4.10
C PHE E 163 -8.90 -6.47 2.88
N HIS E 164 -9.09 -7.00 1.67
CA HIS E 164 -8.51 -6.42 0.46
C HIS E 164 -9.54 -5.86 -0.52
N GLY E 165 -10.77 -5.62 -0.08
CA GLY E 165 -11.81 -5.16 -0.98
C GLY E 165 -12.40 -6.31 -1.78
N HIS E 166 -13.45 -5.98 -2.54
CA HIS E 166 -14.20 -7.01 -3.26
C HIS E 166 -13.33 -7.72 -4.29
N SER E 167 -13.03 -8.99 -4.03
CA SER E 167 -12.18 -9.80 -4.90
C SER E 167 -12.87 -11.12 -5.18
N PRO E 168 -13.82 -11.16 -6.12
CA PRO E 168 -14.57 -12.39 -6.36
C PRO E 168 -13.74 -13.52 -6.93
N ALA E 169 -12.56 -13.25 -7.48
CA ALA E 169 -11.77 -14.25 -8.17
C ALA E 169 -10.73 -14.92 -7.27
N VAL E 170 -10.81 -14.68 -5.96
CA VAL E 170 -9.82 -15.27 -5.05
C VAL E 170 -10.10 -16.75 -4.78
N VAL E 171 -11.34 -17.21 -4.94
CA VAL E 171 -11.70 -18.60 -4.74
C VAL E 171 -12.50 -19.08 -5.94
N THR E 172 -12.52 -20.39 -6.10
CA THR E 172 -13.34 -21.04 -7.13
C THR E 172 -14.25 -22.06 -6.47
N GLY E 173 -15.38 -22.32 -7.11
CA GLY E 173 -16.39 -23.18 -6.52
C GLY E 173 -17.46 -22.45 -5.75
N LYS E 174 -17.62 -21.15 -5.96
CA LYS E 174 -18.61 -20.37 -5.25
C LYS E 174 -20.01 -20.74 -5.71
N PRO E 175 -21.04 -20.40 -4.92
CA PRO E 175 -22.41 -20.57 -5.38
C PRO E 175 -22.66 -19.79 -6.68
N ILE E 176 -23.78 -20.12 -7.32
CA ILE E 176 -24.06 -19.52 -8.63
C ILE E 176 -24.35 -18.03 -8.49
N ASP E 177 -25.07 -17.63 -7.44
CA ASP E 177 -25.44 -16.24 -7.27
C ASP E 177 -24.35 -15.39 -6.66
N LEU E 178 -23.23 -15.98 -6.26
CA LEU E 178 -22.07 -15.23 -5.79
C LEU E 178 -20.97 -15.14 -6.83
N GLY E 179 -21.21 -15.61 -8.04
CA GLY E 179 -20.23 -15.52 -9.10
C GLY E 179 -19.73 -16.87 -9.57
N GLY E 180 -20.52 -17.92 -9.38
CA GLY E 180 -20.14 -19.24 -9.81
C GLY E 180 -20.28 -19.42 -11.31
N SER E 181 -19.85 -20.59 -11.78
CA SER E 181 -19.83 -20.90 -13.20
C SER E 181 -20.83 -22.00 -13.52
N LEU E 182 -21.41 -21.93 -14.71
CA LEU E 182 -22.33 -22.96 -15.16
C LEU E 182 -21.58 -24.16 -15.71
N GLY E 183 -22.17 -25.34 -15.52
CA GLY E 183 -21.55 -26.56 -16.00
C GLY E 183 -20.53 -27.18 -15.07
N ARG E 184 -20.57 -26.86 -13.78
CA ARG E 184 -19.59 -27.41 -12.85
C ARG E 184 -19.91 -28.86 -12.50
N GLU E 185 -21.18 -29.21 -12.36
CA GLU E 185 -21.55 -30.53 -11.85
C GLU E 185 -21.21 -31.63 -12.84
N ALA E 186 -21.28 -31.33 -14.14
CA ALA E 186 -21.08 -32.32 -15.18
C ALA E 186 -19.70 -32.23 -15.83
N ALA E 187 -18.76 -31.53 -15.21
CA ALA E 187 -17.48 -31.27 -15.85
C ALA E 187 -16.66 -32.56 -16.00
N THR E 188 -16.60 -33.37 -14.94
CA THR E 188 -15.72 -34.53 -14.97
C THR E 188 -16.23 -35.61 -15.92
N GLY E 189 -17.54 -35.85 -15.94
CA GLY E 189 -18.09 -36.80 -16.90
C GLY E 189 -17.91 -36.35 -18.33
N ARG E 190 -18.15 -35.07 -18.61
CA ARG E 190 -17.87 -34.52 -19.93
C ARG E 190 -16.42 -34.74 -20.31
N GLY E 191 -15.49 -34.49 -19.38
CA GLY E 191 -14.09 -34.68 -19.68
C GLY E 191 -13.76 -36.13 -19.98
N VAL E 192 -14.31 -37.05 -19.20
CA VAL E 192 -14.04 -38.47 -19.43
C VAL E 192 -14.57 -38.89 -20.80
N VAL E 193 -15.75 -38.43 -21.17
CA VAL E 193 -16.31 -38.77 -22.47
C VAL E 193 -15.46 -38.22 -23.60
N PHE E 194 -15.01 -36.96 -23.47
CA PHE E 194 -14.17 -36.37 -24.50
C PHE E 194 -12.85 -37.11 -24.65
N ALA E 195 -12.23 -37.47 -23.52
CA ALA E 195 -10.97 -38.22 -23.58
C ALA E 195 -11.17 -39.59 -24.22
N THR E 196 -12.25 -40.28 -23.86
CA THR E 196 -12.52 -41.58 -24.45
C THR E 196 -12.74 -41.46 -25.95
N GLU E 197 -13.49 -40.44 -26.38
CA GLU E 197 -13.71 -40.25 -27.80
C GLU E 197 -12.42 -40.01 -28.54
N ALA E 198 -11.53 -39.18 -27.99
CA ALA E 198 -10.24 -38.92 -28.64
C ALA E 198 -9.40 -40.19 -28.72
N LEU E 199 -9.36 -40.96 -27.63
CA LEU E 199 -8.58 -42.19 -27.63
C LEU E 199 -9.11 -43.18 -28.66
N LEU E 200 -10.42 -43.32 -28.76
CA LEU E 200 -10.99 -44.23 -29.75
C LEU E 200 -10.70 -43.75 -31.16
N ALA E 201 -10.90 -42.46 -31.42
CA ALA E 201 -10.66 -41.93 -32.76
C ALA E 201 -9.19 -42.02 -33.15
N GLU E 202 -8.28 -42.16 -32.18
CA GLU E 202 -6.89 -42.38 -32.52
C GLU E 202 -6.71 -43.64 -33.36
N TYR E 203 -7.38 -44.72 -32.99
CA TYR E 203 -7.23 -46.01 -33.66
C TYR E 203 -8.19 -46.20 -34.83
N GLY E 204 -9.09 -45.25 -35.07
CA GLY E 204 -10.00 -45.33 -36.18
C GLY E 204 -11.42 -45.74 -35.84
N LYS E 205 -11.66 -46.17 -34.61
CA LYS E 205 -13.01 -46.56 -34.21
C LYS E 205 -13.81 -45.32 -33.80
N SER E 206 -14.98 -45.56 -33.22
CA SER E 206 -15.83 -44.49 -32.71
C SER E 206 -16.71 -45.03 -31.61
N ILE E 207 -17.29 -44.11 -30.83
CA ILE E 207 -18.11 -44.51 -29.69
C ILE E 207 -19.36 -45.23 -30.16
N GLN E 208 -19.94 -44.79 -31.28
CA GLN E 208 -21.17 -45.38 -31.77
C GLN E 208 -20.98 -46.83 -32.14
N GLY E 209 -21.57 -47.73 -31.36
CA GLY E 209 -21.51 -49.15 -31.66
C GLY E 209 -20.44 -49.92 -30.92
N LEU E 210 -20.16 -49.55 -29.67
CA LEU E 210 -19.19 -50.26 -28.85
C LEU E 210 -19.83 -50.63 -27.52
N THR E 211 -19.07 -51.35 -26.69
CA THR E 211 -19.58 -51.90 -25.44
C THR E 211 -18.79 -51.31 -24.27
N PHE E 212 -19.52 -50.84 -23.26
CA PHE E 212 -18.93 -50.13 -22.13
C PHE E 212 -19.35 -50.79 -20.82
N VAL E 213 -18.42 -50.89 -19.88
CA VAL E 213 -18.69 -51.41 -18.55
C VAL E 213 -18.23 -50.36 -17.54
N ILE E 214 -19.17 -49.81 -16.78
CA ILE E 214 -18.92 -48.67 -15.90
C ILE E 214 -19.08 -49.13 -14.46
N GLN E 215 -18.10 -48.82 -13.62
CA GLN E 215 -18.11 -49.24 -12.21
C GLN E 215 -18.41 -48.02 -11.33
N GLY E 216 -19.67 -47.86 -10.97
CA GLY E 216 -20.06 -46.85 -9.99
C GLY E 216 -20.99 -45.77 -10.52
N PHE E 217 -21.81 -45.23 -9.61
CA PHE E 217 -22.67 -44.08 -9.87
C PHE E 217 -22.46 -42.91 -8.92
N GLY E 218 -21.21 -42.47 -8.76
CA GLY E 218 -21.00 -41.13 -8.27
C GLY E 218 -21.39 -40.14 -9.36
N ASN E 219 -21.06 -38.85 -9.19
CA ASN E 219 -21.37 -37.90 -10.23
C ASN E 219 -20.70 -38.28 -11.54
N VAL E 220 -19.42 -38.67 -11.46
CA VAL E 220 -18.66 -39.02 -12.66
C VAL E 220 -19.31 -40.18 -13.38
N GLY E 221 -19.66 -41.23 -12.65
CA GLY E 221 -20.19 -42.43 -13.29
C GLY E 221 -21.53 -42.17 -13.97
N THR E 222 -22.46 -41.52 -13.27
CA THR E 222 -23.76 -41.30 -13.86
C THR E 222 -23.67 -40.36 -15.06
N TRP E 223 -22.87 -39.30 -14.96
CA TRP E 223 -22.78 -38.37 -16.09
C TRP E 223 -22.11 -39.02 -17.29
N ALA E 224 -21.05 -39.80 -17.06
CA ALA E 224 -20.39 -40.49 -18.16
C ALA E 224 -21.33 -41.49 -18.81
N ALA E 225 -22.09 -42.23 -18.01
CA ALA E 225 -23.02 -43.20 -18.58
C ALA E 225 -24.10 -42.51 -19.42
N LYS E 226 -24.66 -41.42 -18.90
CA LYS E 226 -25.71 -40.71 -19.63
C LYS E 226 -25.17 -40.16 -20.94
N LEU E 227 -23.99 -39.53 -20.90
CA LEU E 227 -23.42 -38.96 -22.12
C LEU E 227 -23.08 -40.04 -23.14
N ILE E 228 -22.53 -41.17 -22.68
CA ILE E 228 -22.18 -42.25 -23.60
C ILE E 228 -23.44 -42.81 -24.25
N HIS E 229 -24.49 -43.04 -23.45
CA HIS E 229 -25.73 -43.56 -24.02
C HIS E 229 -26.33 -42.58 -25.02
N GLU E 230 -26.25 -41.29 -24.73
CA GLU E 230 -26.74 -40.29 -25.68
C GLU E 230 -25.94 -40.31 -26.97
N LYS E 231 -24.62 -40.51 -26.88
CA LYS E 231 -23.77 -40.45 -28.07
C LYS E 231 -24.12 -41.56 -29.06
N GLY E 232 -24.47 -42.74 -28.56
CA GLY E 232 -24.83 -43.84 -29.43
C GLY E 232 -24.27 -45.18 -29.02
N GLY E 233 -23.57 -45.23 -27.90
CA GLY E 233 -23.04 -46.49 -27.40
C GLY E 233 -24.05 -47.22 -26.54
N LYS E 234 -23.68 -48.45 -26.17
CA LYS E 234 -24.52 -49.31 -25.34
C LYS E 234 -23.72 -49.77 -24.14
N VAL E 235 -24.30 -49.63 -22.95
CA VAL E 235 -23.68 -50.05 -21.71
C VAL E 235 -24.34 -51.35 -21.26
N VAL E 236 -23.52 -52.31 -20.83
CA VAL E 236 -23.98 -53.66 -20.56
C VAL E 236 -23.77 -54.11 -19.12
N ALA E 237 -23.18 -53.28 -18.27
CA ALA E 237 -22.96 -53.68 -16.89
C ALA E 237 -22.81 -52.42 -16.04
N VAL E 238 -23.44 -52.43 -14.87
CA VAL E 238 -23.40 -51.30 -13.97
C VAL E 238 -23.25 -51.80 -12.54
N SER E 239 -22.39 -51.14 -11.76
CA SER E 239 -22.17 -51.50 -10.37
C SER E 239 -22.62 -50.37 -9.47
N ASP E 240 -22.41 -50.58 -8.17
CA ASP E 240 -22.71 -49.62 -7.13
C ASP E 240 -22.09 -50.13 -5.83
N ILE E 241 -22.27 -49.38 -4.75
CA ILE E 241 -21.84 -49.87 -3.45
C ILE E 241 -22.73 -51.04 -3.02
N THR E 242 -23.98 -51.05 -3.45
CA THR E 242 -24.94 -52.08 -3.08
C THR E 242 -25.65 -52.56 -4.34
N GLY E 243 -25.13 -53.61 -4.97
CA GLY E 243 -25.79 -54.23 -6.09
C GLY E 243 -25.08 -53.97 -7.41
N ALA E 244 -25.45 -54.76 -8.41
CA ALA E 244 -24.87 -54.67 -9.74
C ALA E 244 -25.78 -55.39 -10.72
N ILE E 245 -25.98 -54.79 -11.90
CA ILE E 245 -26.89 -55.32 -12.89
C ILE E 245 -26.20 -55.43 -14.24
N ARG E 246 -26.80 -56.24 -15.12
CA ARG E 246 -26.23 -56.54 -16.42
C ARG E 246 -27.36 -56.63 -17.44
N ASN E 247 -27.04 -56.28 -18.69
CA ASN E 247 -27.94 -56.48 -19.82
C ASN E 247 -27.14 -56.57 -21.11
N PRO E 248 -27.18 -57.71 -21.81
CA PRO E 248 -26.31 -57.89 -22.98
C PRO E 248 -26.61 -56.94 -24.14
N GLU E 249 -27.82 -56.40 -24.23
CA GLU E 249 -28.19 -55.55 -25.37
C GLU E 249 -28.30 -54.08 -25.00
N GLY E 250 -27.90 -53.69 -23.81
CA GLY E 250 -27.91 -52.28 -23.46
C GLY E 250 -28.92 -51.98 -22.36
N ILE E 251 -28.56 -51.08 -21.46
CA ILE E 251 -29.40 -50.69 -20.33
C ILE E 251 -29.90 -49.29 -20.57
N ASP E 252 -31.20 -49.08 -20.36
CA ASP E 252 -31.78 -47.74 -20.47
C ASP E 252 -31.32 -46.91 -19.28
N ILE E 253 -30.31 -46.08 -19.51
CA ILE E 253 -29.76 -45.26 -18.44
C ILE E 253 -30.77 -44.22 -17.98
N ASN E 254 -31.52 -43.64 -18.92
CA ASN E 254 -32.50 -42.62 -18.55
C ASN E 254 -33.57 -43.19 -17.62
N ALA E 255 -33.94 -44.46 -17.79
CA ALA E 255 -34.86 -45.10 -16.86
C ALA E 255 -34.16 -45.47 -15.56
N LEU E 256 -32.90 -45.90 -15.64
CA LEU E 256 -32.20 -46.34 -14.45
C LEU E 256 -31.97 -45.18 -13.49
N ILE E 257 -31.73 -43.98 -14.01
CA ILE E 257 -31.50 -42.83 -13.15
C ILE E 257 -32.73 -42.53 -12.31
N LYS E 258 -33.91 -42.54 -12.92
CA LYS E 258 -35.12 -42.30 -12.13
C LYS E 258 -35.48 -43.49 -11.26
N HIS E 259 -35.09 -44.70 -11.65
CA HIS E 259 -35.27 -45.85 -10.76
C HIS E 259 -34.46 -45.68 -9.49
N LYS E 260 -33.20 -45.25 -9.62
CA LYS E 260 -32.36 -45.04 -8.44
C LYS E 260 -32.88 -43.88 -7.59
N ASP E 261 -33.59 -42.93 -8.20
CA ASP E 261 -34.11 -41.80 -7.45
C ASP E 261 -35.12 -42.24 -6.39
N ALA E 262 -35.99 -43.18 -6.74
CA ALA E 262 -37.03 -43.63 -5.81
C ALA E 262 -36.56 -44.81 -4.96
N THR E 263 -36.18 -45.91 -5.63
CA THR E 263 -35.76 -47.10 -4.89
C THR E 263 -34.51 -46.84 -4.06
N GLY E 264 -33.55 -46.11 -4.62
CA GLY E 264 -32.29 -45.88 -3.95
C GLY E 264 -31.27 -46.99 -4.13
N SER E 265 -31.53 -47.94 -5.02
CA SER E 265 -30.60 -49.04 -5.26
C SER E 265 -30.69 -49.42 -6.73
N LEU E 266 -30.06 -50.54 -7.08
CA LEU E 266 -30.15 -51.10 -8.42
C LEU E 266 -30.86 -52.45 -8.43
N ASN E 267 -31.51 -52.81 -7.33
CA ASN E 267 -32.18 -54.11 -7.25
C ASN E 267 -33.56 -54.03 -7.90
N ASP E 268 -33.96 -55.14 -8.52
CA ASP E 268 -35.27 -55.28 -9.16
C ASP E 268 -35.47 -54.24 -10.26
N PHE E 269 -34.44 -54.03 -11.08
CA PHE E 269 -34.60 -53.20 -12.26
C PHE E 269 -35.39 -53.95 -13.33
N ASN E 270 -35.93 -53.19 -14.27
CA ASN E 270 -36.75 -53.76 -15.34
C ASN E 270 -35.90 -54.35 -16.45
N GLY E 271 -35.08 -53.52 -17.11
CA GLY E 271 -34.30 -53.95 -18.25
C GLY E 271 -32.91 -54.44 -17.91
N GLY E 272 -32.80 -55.46 -17.06
CA GLY E 272 -31.50 -55.99 -16.70
C GLY E 272 -31.58 -56.93 -15.51
N ASP E 273 -30.74 -57.97 -15.52
CA ASP E 273 -30.74 -58.95 -14.46
C ASP E 273 -29.58 -58.73 -13.50
N ALA E 274 -29.82 -59.03 -12.23
CA ALA E 274 -28.80 -58.83 -11.21
C ALA E 274 -27.62 -59.76 -11.44
N MET E 275 -26.43 -59.32 -11.02
CA MET E 275 -25.22 -60.07 -11.21
C MET E 275 -24.34 -59.94 -9.98
N ASN E 276 -23.42 -60.88 -9.83
CA ASN E 276 -22.47 -60.83 -8.72
C ASN E 276 -21.60 -59.59 -8.84
N SER E 277 -21.31 -58.97 -7.69
CA SER E 277 -20.60 -57.70 -7.65
C SER E 277 -19.08 -57.86 -7.73
N ASP E 278 -18.59 -59.02 -8.17
CA ASP E 278 -17.15 -59.25 -8.30
C ASP E 278 -16.79 -59.84 -9.66
N GLU E 279 -17.73 -59.88 -10.60
CA GLU E 279 -17.48 -60.46 -11.91
C GLU E 279 -17.55 -59.47 -13.06
N LEU E 280 -18.20 -58.32 -12.85
CA LEU E 280 -18.38 -57.36 -13.95
C LEU E 280 -17.05 -56.85 -14.46
N LEU E 281 -16.02 -56.82 -13.63
CA LEU E 281 -14.70 -56.42 -14.07
C LEU E 281 -14.11 -57.38 -15.11
N ILE E 282 -14.69 -58.57 -15.26
CA ILE E 282 -14.21 -59.55 -16.21
C ILE E 282 -15.19 -59.75 -17.37
N HIS E 283 -16.19 -58.90 -17.51
CA HIS E 283 -17.15 -59.03 -18.59
C HIS E 283 -16.48 -58.76 -19.93
N GLU E 284 -17.05 -59.37 -20.98
CA GLU E 284 -16.67 -58.99 -22.33
C GLU E 284 -17.14 -57.57 -22.62
N CYS E 285 -16.22 -56.72 -23.07
CA CYS E 285 -16.55 -55.33 -23.33
C CYS E 285 -15.46 -54.71 -24.18
N ASP E 286 -15.75 -53.51 -24.67
CA ASP E 286 -14.74 -52.76 -25.42
C ASP E 286 -14.00 -51.77 -24.52
N VAL E 287 -14.73 -51.08 -23.64
CA VAL E 287 -14.16 -50.07 -22.76
C VAL E 287 -14.59 -50.38 -21.33
N LEU E 288 -13.65 -50.28 -20.40
CA LEU E 288 -13.91 -50.47 -18.99
C LEU E 288 -13.57 -49.19 -18.25
N ILE E 289 -14.52 -48.67 -17.48
CA ILE E 289 -14.37 -47.38 -16.82
C ILE E 289 -14.61 -47.52 -15.33
N PRO E 290 -13.56 -47.68 -14.52
CA PRO E 290 -13.72 -47.64 -13.06
C PRO E 290 -13.85 -46.19 -12.59
N CYS E 291 -14.85 -45.92 -11.76
CA CYS E 291 -15.13 -44.57 -11.31
C CYS E 291 -15.29 -44.42 -9.81
N ALA E 292 -15.11 -45.47 -9.02
CA ALA E 292 -15.44 -45.43 -7.60
C ALA E 292 -14.22 -45.51 -6.71
N LEU E 293 -13.41 -46.56 -6.84
CA LEU E 293 -12.31 -46.81 -5.92
C LEU E 293 -11.01 -46.97 -6.70
N GLY E 294 -9.91 -46.92 -5.94
CA GLY E 294 -8.58 -47.07 -6.49
C GLY E 294 -7.95 -48.37 -6.04
N GLY E 295 -7.03 -48.90 -6.86
CA GLY E 295 -6.38 -50.15 -6.56
C GLY E 295 -7.22 -51.38 -6.83
N VAL E 296 -8.34 -51.25 -7.54
CA VAL E 296 -9.23 -52.38 -7.75
C VAL E 296 -8.66 -53.38 -8.74
N LEU E 297 -7.57 -53.05 -9.42
CA LEU E 297 -6.92 -53.97 -10.35
C LEU E 297 -5.56 -54.36 -9.77
N ASN E 298 -5.32 -55.66 -9.65
CA ASN E 298 -4.10 -56.17 -9.04
C ASN E 298 -3.74 -57.50 -9.70
N LYS E 299 -2.86 -58.27 -9.06
CA LYS E 299 -2.30 -59.46 -9.69
C LYS E 299 -3.37 -60.49 -10.01
N GLU E 300 -4.30 -60.71 -9.06
CA GLU E 300 -5.32 -61.72 -9.26
C GLU E 300 -6.24 -61.39 -10.43
N ASN E 301 -6.66 -60.13 -10.54
CA ASN E 301 -7.57 -59.73 -11.60
C ASN E 301 -6.87 -59.44 -12.91
N ALA E 302 -5.54 -59.28 -12.90
CA ALA E 302 -4.83 -58.83 -14.09
C ALA E 302 -4.95 -59.83 -15.23
N GLY E 303 -4.80 -61.12 -14.94
CA GLY E 303 -4.84 -62.12 -15.99
C GLY E 303 -6.23 -62.39 -16.54
N ASP E 304 -7.27 -62.08 -15.78
CA ASP E 304 -8.62 -62.45 -16.16
C ASP E 304 -9.30 -61.43 -17.06
N VAL E 305 -8.93 -60.15 -16.95
CA VAL E 305 -9.63 -59.12 -17.71
C VAL E 305 -9.44 -59.35 -19.21
N LYS E 306 -10.48 -59.03 -19.98
CA LYS E 306 -10.47 -59.21 -21.43
C LYS E 306 -11.03 -57.98 -22.13
N ALA E 307 -10.75 -56.79 -21.58
CA ALA E 307 -11.14 -55.56 -22.23
C ALA E 307 -10.05 -55.10 -23.20
N LYS E 308 -10.41 -54.16 -24.06
CA LYS E 308 -9.46 -53.61 -25.03
C LYS E 308 -9.02 -52.18 -24.73
N PHE E 309 -9.74 -51.47 -23.86
CA PHE E 309 -9.40 -50.11 -23.48
C PHE E 309 -9.83 -49.87 -22.05
N ILE E 310 -8.94 -49.29 -21.25
CA ILE E 310 -9.23 -48.95 -19.87
C ILE E 310 -9.05 -47.44 -19.70
N VAL E 311 -10.06 -46.79 -19.14
CA VAL E 311 -10.03 -45.35 -18.91
C VAL E 311 -10.11 -45.14 -17.40
N GLU E 312 -9.03 -44.62 -16.81
CA GLU E 312 -8.93 -44.48 -15.37
C GLU E 312 -9.55 -43.17 -14.94
N ALA E 313 -10.86 -43.19 -14.70
CA ALA E 313 -11.58 -42.01 -14.25
C ALA E 313 -11.50 -41.82 -12.74
N ALA E 314 -10.94 -42.78 -12.02
CA ALA E 314 -10.79 -42.69 -10.57
C ALA E 314 -9.36 -42.30 -10.23
N ASN E 315 -9.03 -42.36 -8.94
CA ASN E 315 -7.69 -41.99 -8.47
C ASN E 315 -6.90 -43.26 -8.18
N HIS E 316 -5.87 -43.51 -9.00
CA HIS E 316 -4.95 -44.64 -8.87
C HIS E 316 -5.69 -45.99 -8.83
N PRO E 317 -6.32 -46.42 -9.93
CA PRO E 317 -7.01 -47.71 -9.91
C PRO E 317 -6.13 -48.88 -10.32
N THR E 318 -4.91 -48.62 -10.78
CA THR E 318 -4.05 -49.65 -11.34
C THR E 318 -2.73 -49.72 -10.59
N ASP E 319 -2.31 -50.94 -10.24
CA ASP E 319 -1.03 -51.24 -9.62
C ASP E 319 0.04 -51.47 -10.66
N PRO E 320 1.31 -51.29 -10.32
CA PRO E 320 2.38 -51.40 -11.35
C PRO E 320 2.51 -52.77 -11.96
N ASP E 321 2.47 -53.83 -11.15
CA ASP E 321 2.58 -55.18 -11.68
C ASP E 321 1.41 -55.51 -12.59
N ALA E 322 0.19 -55.11 -12.20
CA ALA E 322 -0.95 -55.24 -13.08
C ALA E 322 -0.75 -54.46 -14.37
N ASP E 323 -0.13 -53.28 -14.26
CA ASP E 323 0.12 -52.48 -15.45
C ASP E 323 1.05 -53.20 -16.43
N GLU E 324 2.11 -53.84 -15.91
CA GLU E 324 3.01 -54.56 -16.80
C GLU E 324 2.35 -55.81 -17.37
N ILE E 325 1.54 -56.50 -16.57
CA ILE E 325 0.79 -57.65 -17.07
C ILE E 325 -0.11 -57.23 -18.22
N LEU E 326 -0.83 -56.12 -18.04
CA LEU E 326 -1.73 -55.63 -19.07
C LEU E 326 -0.97 -55.16 -20.30
N SER E 327 0.22 -54.57 -20.12
CA SER E 327 1.03 -54.18 -21.26
C SER E 327 1.44 -55.39 -22.07
N LYS E 328 1.83 -56.49 -21.39
CA LYS E 328 2.17 -57.71 -22.11
C LYS E 328 0.95 -58.31 -22.78
N LYS E 329 -0.23 -58.18 -22.17
CA LYS E 329 -1.45 -58.64 -22.83
C LYS E 329 -1.69 -57.89 -24.14
N GLY E 330 -1.52 -56.58 -24.13
CA GLY E 330 -1.74 -55.76 -25.28
C GLY E 330 -2.89 -54.76 -25.20
N VAL E 331 -3.26 -54.33 -23.99
CA VAL E 331 -4.36 -53.38 -23.81
C VAL E 331 -3.78 -51.99 -23.62
N ILE E 332 -4.65 -50.98 -23.73
CA ILE E 332 -4.25 -49.58 -23.66
C ILE E 332 -4.93 -48.95 -22.46
N ILE E 333 -4.15 -48.23 -21.66
CA ILE E 333 -4.63 -47.62 -20.43
C ILE E 333 -4.42 -46.12 -20.51
N LEU E 334 -5.50 -45.37 -20.40
CA LEU E 334 -5.42 -43.91 -20.34
C LEU E 334 -5.13 -43.47 -18.91
N PRO E 335 -4.07 -42.73 -18.66
CA PRO E 335 -3.70 -42.40 -17.27
C PRO E 335 -4.74 -41.51 -16.61
N ASP E 336 -4.82 -41.63 -15.28
CA ASP E 336 -5.77 -40.82 -14.52
C ASP E 336 -5.31 -39.37 -14.38
N ILE E 337 -4.02 -39.09 -14.61
CA ILE E 337 -3.55 -37.72 -14.55
C ILE E 337 -4.20 -36.86 -15.62
N TYR E 338 -4.69 -37.47 -16.69
CA TYR E 338 -5.31 -36.75 -17.79
C TYR E 338 -6.81 -37.01 -17.93
N ALA E 339 -7.29 -38.19 -17.57
CA ALA E 339 -8.68 -38.54 -17.85
C ALA E 339 -9.66 -37.66 -17.08
N ASN E 340 -9.39 -37.41 -15.79
CA ASN E 340 -10.33 -36.68 -14.94
C ASN E 340 -9.91 -35.23 -14.73
N ALA E 341 -9.40 -34.57 -15.76
CA ALA E 341 -8.94 -33.20 -15.66
C ALA E 341 -10.02 -32.19 -16.03
N GLY E 342 -11.28 -32.61 -16.10
CA GLY E 342 -12.34 -31.66 -16.43
C GLY E 342 -12.57 -30.64 -15.34
N GLY E 343 -12.48 -31.07 -14.08
CA GLY E 343 -12.78 -30.18 -12.97
C GLY E 343 -11.86 -28.98 -12.90
N VAL E 344 -10.55 -29.22 -13.03
CA VAL E 344 -9.60 -28.11 -12.94
C VAL E 344 -9.77 -27.18 -14.13
N THR E 345 -10.07 -27.71 -15.31
CA THR E 345 -10.29 -26.86 -16.47
C THR E 345 -11.51 -25.96 -16.28
N VAL E 346 -12.60 -26.51 -15.76
CA VAL E 346 -13.78 -25.67 -15.54
C VAL E 346 -13.52 -24.66 -14.44
N SER E 347 -12.74 -25.02 -13.42
CA SER E 347 -12.38 -24.04 -12.40
C SER E 347 -11.55 -22.90 -13.00
N TYR E 348 -10.65 -23.23 -13.92
CA TYR E 348 -9.89 -22.20 -14.61
C TYR E 348 -10.81 -21.30 -15.41
N PHE E 349 -11.83 -21.88 -16.07
CA PHE E 349 -12.78 -21.06 -16.82
C PHE E 349 -13.54 -20.12 -15.89
N GLU E 350 -13.92 -20.59 -14.71
CA GLU E 350 -14.61 -19.73 -13.76
C GLU E 350 -13.71 -18.60 -13.29
N TRP E 351 -12.43 -18.89 -13.04
CA TRP E 351 -11.48 -17.85 -12.69
C TRP E 351 -11.37 -16.80 -13.79
N VAL E 352 -11.32 -17.24 -15.04
CA VAL E 352 -11.24 -16.30 -16.16
C VAL E 352 -12.49 -15.44 -16.22
N GLN E 353 -13.67 -16.05 -16.07
CA GLN E 353 -14.91 -15.29 -16.12
C GLN E 353 -14.98 -14.25 -15.01
N ASN E 354 -14.48 -14.59 -13.82
CA ASN E 354 -14.50 -13.61 -12.73
C ASN E 354 -13.48 -12.51 -12.96
N ILE E 355 -12.34 -12.83 -13.58
CA ILE E 355 -11.36 -11.79 -13.90
C ILE E 355 -11.94 -10.82 -14.91
N GLN E 356 -12.66 -11.33 -15.91
CA GLN E 356 -13.20 -10.48 -16.97
C GLN E 356 -14.43 -9.70 -16.55
N GLY E 357 -15.14 -10.14 -15.51
CA GLY E 357 -16.35 -9.46 -15.06
C GLY E 357 -17.60 -9.81 -15.83
N PHE E 358 -17.54 -10.75 -16.75
CA PHE E 358 -18.64 -11.10 -17.64
C PHE E 358 -18.78 -12.60 -17.70
N MET E 359 -20.00 -13.10 -17.50
CA MET E 359 -20.25 -14.53 -17.44
C MET E 359 -20.53 -15.11 -18.82
N TRP E 360 -20.08 -16.34 -19.04
CA TRP E 360 -20.31 -17.09 -20.27
C TRP E 360 -21.60 -17.88 -20.17
N GLU E 361 -22.04 -18.38 -21.31
CA GLU E 361 -23.13 -19.35 -21.38
C GLU E 361 -22.56 -20.77 -21.33
N GLU E 362 -23.45 -21.75 -21.19
CA GLU E 362 -23.00 -23.13 -21.02
C GLU E 362 -22.37 -23.68 -22.30
N GLU E 363 -22.89 -23.28 -23.47
CA GLU E 363 -22.35 -23.78 -24.72
C GLU E 363 -20.88 -23.40 -24.88
N LYS E 364 -20.54 -22.14 -24.55
CA LYS E 364 -19.15 -21.70 -24.66
C LYS E 364 -18.25 -22.51 -23.74
N VAL E 365 -18.72 -22.79 -22.52
CA VAL E 365 -17.94 -23.59 -21.59
C VAL E 365 -17.67 -24.97 -22.15
N ASN E 366 -18.72 -25.61 -22.70
CA ASN E 366 -18.55 -26.96 -23.22
C ASN E 366 -17.62 -27.00 -24.43
N LEU E 367 -17.75 -26.03 -25.34
CA LEU E 367 -16.85 -25.98 -26.48
C LEU E 367 -15.40 -25.78 -26.06
N GLU E 368 -15.16 -24.87 -25.11
CA GLU E 368 -13.79 -24.65 -24.66
C GLU E 368 -13.23 -25.89 -23.99
N LEU E 369 -14.06 -26.58 -23.19
CA LEU E 369 -13.60 -27.81 -22.53
C LEU E 369 -13.22 -28.86 -23.55
N GLN E 370 -14.04 -29.02 -24.59
CA GLN E 370 -13.74 -30.00 -25.64
C GLN E 370 -12.44 -29.67 -26.34
N LYS E 371 -12.24 -28.39 -26.68
CA LYS E 371 -11.01 -28.00 -27.37
C LYS E 371 -9.79 -28.29 -26.51
N TYR E 372 -9.86 -27.94 -25.22
CA TYR E 372 -8.70 -28.14 -24.36
C TYR E 372 -8.37 -29.63 -24.21
N MET E 373 -9.38 -30.47 -24.02
CA MET E 373 -9.09 -31.90 -23.86
C MET E 373 -8.51 -32.51 -25.14
N THR E 374 -9.06 -32.14 -26.30
CA THR E 374 -8.52 -32.67 -27.55
C THR E 374 -7.08 -32.24 -27.75
N ARG E 375 -6.78 -30.96 -27.52
CA ARG E 375 -5.41 -30.48 -27.70
C ARG E 375 -4.45 -31.17 -26.74
N ALA E 376 -4.88 -31.39 -25.50
CA ALA E 376 -4.03 -32.07 -24.53
C ALA E 376 -3.72 -33.49 -25.00
N PHE E 377 -4.72 -34.21 -25.51
CA PHE E 377 -4.45 -35.56 -25.97
C PHE E 377 -3.50 -35.58 -27.16
N HIS E 378 -3.65 -34.63 -28.09
CA HIS E 378 -2.73 -34.61 -29.22
C HIS E 378 -1.30 -34.36 -28.76
N ASN E 379 -1.12 -33.43 -27.81
CA ASN E 379 0.22 -33.18 -27.28
C ASN E 379 0.79 -34.41 -26.60
N ILE E 380 -0.02 -35.11 -25.80
CA ILE E 380 0.49 -36.28 -25.09
C ILE E 380 0.85 -37.37 -26.07
N LYS E 381 0.08 -37.53 -27.15
CA LYS E 381 0.40 -38.55 -28.14
C LYS E 381 1.70 -38.24 -28.85
N THR E 382 1.91 -36.96 -29.21
CA THR E 382 3.17 -36.60 -29.85
C THR E 382 4.35 -36.85 -28.93
N MET E 383 4.23 -36.48 -27.66
CA MET E 383 5.35 -36.66 -26.74
C MET E 383 5.61 -38.15 -26.50
N CYS E 384 4.55 -38.95 -26.49
CA CYS E 384 4.70 -40.39 -26.34
C CYS E 384 5.40 -41.00 -27.56
N HIS E 385 5.09 -40.49 -28.75
CA HIS E 385 5.75 -41.00 -29.96
C HIS E 385 7.22 -40.59 -30.00
N THR E 386 7.56 -39.42 -29.46
CA THR E 386 8.94 -38.94 -29.54
C THR E 386 9.90 -39.84 -28.78
N HIS E 387 9.53 -40.27 -27.57
CA HIS E 387 10.43 -40.97 -26.68
C HIS E 387 10.19 -42.48 -26.64
N SER E 388 9.19 -42.98 -27.35
CA SER E 388 8.90 -44.41 -27.45
C SER E 388 8.63 -45.03 -26.07
N CYS E 389 7.54 -44.56 -25.46
CA CYS E 389 7.08 -45.10 -24.18
C CYS E 389 5.57 -45.30 -24.27
N ASN E 390 4.92 -45.54 -23.13
CA ASN E 390 3.48 -45.67 -23.10
C ASN E 390 2.83 -44.33 -22.77
N LEU E 391 1.52 -44.35 -22.50
CA LEU E 391 0.78 -43.11 -22.33
C LEU E 391 1.08 -42.45 -20.98
N ARG E 392 1.18 -43.24 -19.91
CA ARG E 392 1.39 -42.66 -18.59
C ARG E 392 2.71 -41.90 -18.52
N MET E 393 3.79 -42.53 -18.99
CA MET E 393 5.07 -41.86 -18.96
C MET E 393 5.12 -40.71 -19.95
N GLY E 394 4.35 -40.79 -21.03
CA GLY E 394 4.21 -39.64 -21.91
C GLY E 394 3.62 -38.44 -21.19
N ALA E 395 2.55 -38.66 -20.44
CA ALA E 395 1.93 -37.58 -19.69
C ALA E 395 2.91 -36.97 -18.69
N PHE E 396 3.54 -37.82 -17.90
CA PHE E 396 4.44 -37.30 -16.86
C PHE E 396 5.65 -36.60 -17.47
N THR E 397 6.17 -37.14 -18.57
CA THR E 397 7.28 -36.48 -19.26
C THR E 397 6.87 -35.11 -19.77
N LEU E 398 5.67 -35.00 -20.35
CA LEU E 398 5.21 -33.71 -20.86
C LEU E 398 5.09 -32.69 -19.73
N GLY E 399 4.48 -33.09 -18.62
CA GLY E 399 4.34 -32.15 -17.51
C GLY E 399 5.67 -31.70 -16.95
N VAL E 400 6.57 -32.65 -16.68
CA VAL E 400 7.87 -32.30 -16.10
C VAL E 400 8.66 -31.43 -17.06
N ASN E 401 8.60 -31.73 -18.36
CA ASN E 401 9.32 -30.94 -19.34
C ASN E 401 8.81 -29.50 -19.36
N ARG E 402 7.49 -29.32 -19.35
CA ARG E 402 6.96 -27.96 -19.35
C ARG E 402 7.43 -27.18 -18.13
N VAL E 403 7.32 -27.80 -16.94
CA VAL E 403 7.67 -27.08 -15.72
C VAL E 403 9.16 -26.74 -15.70
N ALA E 404 10.01 -27.70 -16.06
CA ALA E 404 11.45 -27.44 -16.07
C ALA E 404 11.81 -26.38 -17.08
N ARG E 405 11.19 -26.40 -18.25
CA ARG E 405 11.49 -25.40 -19.27
C ARG E 405 11.13 -24.00 -18.77
N ALA E 406 9.96 -23.85 -18.16
CA ALA E 406 9.59 -22.54 -17.63
C ALA E 406 10.55 -22.09 -16.53
N THR E 407 10.93 -23.02 -15.64
CA THR E 407 11.82 -22.66 -14.54
C THR E 407 13.17 -22.18 -15.05
N GLN E 408 13.76 -22.89 -16.01
CA GLN E 408 15.05 -22.47 -16.54
C GLN E 408 14.94 -21.20 -17.37
N LEU E 409 13.81 -21.00 -18.05
CA LEU E 409 13.64 -19.78 -18.83
C LEU E 409 13.49 -18.56 -17.94
N ARG E 410 12.91 -18.73 -16.76
CA ARG E 410 12.61 -17.57 -15.92
C ARG E 410 13.87 -16.98 -15.30
N GLY E 411 14.85 -17.80 -14.96
CA GLY E 411 16.12 -17.29 -14.47
C GLY E 411 16.56 -17.83 -13.13
N TRP E 412 17.85 -17.69 -12.82
CA TRP E 412 18.43 -18.23 -11.60
C TRP E 412 19.21 -17.18 -10.80
N GLU E 413 18.90 -15.89 -10.97
CA GLU E 413 19.69 -14.80 -10.39
C GLU E 413 21.15 -14.91 -10.83
N ALA E 414 21.32 -14.90 -12.15
CA ALA E 414 22.61 -15.12 -12.80
C ALA E 414 23.23 -16.45 -12.41
N ASN F 5 -43.53 12.54 -2.32
CA ASN F 5 -44.42 11.69 -3.11
C ASN F 5 -43.63 10.60 -3.81
N ALA F 6 -42.46 10.97 -4.34
CA ALA F 6 -41.61 10.00 -5.02
C ALA F 6 -40.79 9.16 -4.05
N LEU F 7 -40.72 9.57 -2.78
CA LEU F 7 -39.97 8.79 -1.79
C LEU F 7 -40.88 7.82 -1.05
N ALA F 8 -42.19 8.03 -1.08
CA ALA F 8 -43.10 7.11 -0.40
C ALA F 8 -43.44 5.90 -1.26
N ALA F 9 -43.39 6.04 -2.58
CA ALA F 9 -43.69 4.91 -3.45
C ALA F 9 -42.71 3.78 -3.21
N THR F 10 -41.41 4.10 -3.16
CA THR F 10 -40.41 3.06 -3.02
C THR F 10 -40.52 2.32 -1.69
N ASN F 11 -40.74 3.04 -0.59
CA ASN F 11 -40.78 2.33 0.68
C ASN F 11 -42.10 1.59 0.88
N ARG F 12 -43.22 2.13 0.37
CA ARG F 12 -44.46 1.37 0.42
C ARG F 12 -44.33 0.07 -0.38
N ASN F 13 -43.73 0.15 -1.57
CA ASN F 13 -43.52 -1.06 -2.36
C ASN F 13 -42.61 -2.04 -1.64
N PHE F 14 -41.60 -1.54 -0.94
CA PHE F 14 -40.74 -2.44 -0.19
C PHE F 14 -41.52 -3.16 0.91
N ARG F 15 -42.35 -2.43 1.66
CA ARG F 15 -43.13 -3.08 2.71
C ARG F 15 -44.04 -4.15 2.13
N HIS F 16 -44.71 -3.86 1.02
CA HIS F 16 -45.60 -4.85 0.42
C HIS F 16 -44.81 -6.07 -0.04
N ALA F 17 -43.64 -5.85 -0.67
CA ALA F 17 -42.84 -6.97 -1.15
C ALA F 17 -42.32 -7.82 0.01
N SER F 18 -41.96 -7.18 1.12
CA SER F 18 -41.53 -7.94 2.29
C SER F 18 -42.68 -8.75 2.88
N ARG F 19 -43.88 -8.18 2.87
CA ARG F 19 -45.06 -8.92 3.34
C ARG F 19 -45.32 -10.14 2.48
N ILE F 20 -45.19 -10.01 1.16
CA ILE F 20 -45.43 -11.13 0.27
C ILE F 20 -44.42 -12.24 0.50
N LEU F 21 -43.14 -11.88 0.64
CA LEU F 21 -42.07 -12.87 0.77
C LEU F 21 -42.01 -13.51 2.15
N GLY F 22 -42.66 -12.94 3.16
CA GLY F 22 -42.55 -13.48 4.50
C GLY F 22 -41.15 -13.36 5.07
N LEU F 23 -40.51 -12.21 4.89
CA LEU F 23 -39.15 -12.02 5.36
C LEU F 23 -39.10 -11.86 6.88
N ASP F 24 -37.98 -12.24 7.45
CA ASP F 24 -37.73 -12.01 8.87
C ASP F 24 -37.66 -10.51 9.16
N SER F 25 -38.05 -10.13 10.37
CA SER F 25 -38.02 -8.72 10.73
C SER F 25 -36.60 -8.20 10.88
N LYS F 26 -35.71 -9.04 11.41
CA LYS F 26 -34.31 -8.63 11.58
C LYS F 26 -33.67 -8.33 10.23
N ILE F 27 -33.92 -9.17 9.23
CA ILE F 27 -33.34 -8.96 7.91
C ILE F 27 -33.87 -7.67 7.29
N GLU F 28 -35.16 -7.39 7.48
CA GLU F 28 -35.72 -6.16 6.94
C GLU F 28 -35.10 -4.94 7.62
N ARG F 29 -34.94 -4.99 8.94
CA ARG F 29 -34.29 -3.90 9.64
C ARG F 29 -32.87 -3.69 9.13
N SER F 30 -32.15 -4.79 8.88
CA SER F 30 -30.80 -4.68 8.35
C SER F 30 -30.78 -4.11 6.93
N LEU F 31 -31.82 -4.40 6.14
CA LEU F 31 -31.90 -3.86 4.79
C LEU F 31 -32.33 -2.40 4.77
N MET F 32 -32.88 -1.89 5.87
CA MET F 32 -33.17 -0.45 5.97
C MET F 32 -31.90 0.39 6.14
N ILE F 33 -30.98 -0.05 6.99
CA ILE F 33 -29.85 0.80 7.36
C ILE F 33 -28.84 0.82 6.22
N PRO F 34 -28.46 1.99 5.72
CA PRO F 34 -27.47 2.05 4.65
C PRO F 34 -26.09 1.63 5.13
N PHE F 35 -25.29 1.15 4.19
CA PHE F 35 -23.94 0.70 4.52
C PHE F 35 -23.08 1.85 5.04
N ARG F 36 -23.21 3.03 4.44
CA ARG F 36 -22.36 4.13 4.87
C ARG F 36 -22.93 5.45 4.35
N GLU F 37 -22.71 6.52 5.11
CA GLU F 37 -23.06 7.88 4.71
C GLU F 37 -21.90 8.82 5.03
N ILE F 38 -21.63 9.76 4.13
CA ILE F 38 -20.47 10.63 4.25
C ILE F 38 -20.87 12.06 3.91
N LYS F 39 -20.41 13.01 4.71
CA LYS F 39 -20.51 14.44 4.42
C LYS F 39 -19.12 15.06 4.52
N VAL F 40 -18.76 15.88 3.54
CA VAL F 40 -17.47 16.55 3.52
C VAL F 40 -17.65 18.01 3.14
N GLU F 41 -16.65 18.82 3.43
CA GLU F 41 -16.66 20.24 3.14
C GLU F 41 -15.77 20.54 1.95
N CYS F 42 -16.30 21.26 0.97
CA CYS F 42 -15.57 21.59 -0.26
C CYS F 42 -15.47 23.11 -0.35
N THR F 43 -14.27 23.65 -0.16
CA THR F 43 -14.06 25.09 -0.17
C THR F 43 -13.10 25.46 -1.30
N ILE F 44 -13.52 26.38 -2.14
CA ILE F 44 -12.71 26.78 -3.30
C ILE F 44 -12.59 28.30 -3.37
N PRO F 45 -11.52 28.83 -3.95
CA PRO F 45 -11.48 30.26 -4.26
C PRO F 45 -12.07 30.56 -5.63
N LYS F 46 -12.90 31.60 -5.67
CA LYS F 46 -13.57 31.99 -6.91
C LYS F 46 -12.56 32.64 -7.86
N ASP F 47 -13.05 33.12 -9.00
CA ASP F 47 -12.17 33.80 -9.93
C ASP F 47 -11.68 35.13 -9.36
N ASP F 48 -12.50 35.79 -8.54
CA ASP F 48 -12.07 37.03 -7.90
C ASP F 48 -10.93 36.77 -6.93
N GLY F 49 -11.07 35.74 -6.09
CA GLY F 49 -10.11 35.44 -5.06
C GLY F 49 -10.78 35.06 -3.76
N THR F 50 -12.06 35.40 -3.61
CA THR F 50 -12.79 35.11 -2.40
C THR F 50 -13.16 33.64 -2.31
N LEU F 51 -13.41 33.18 -1.09
CA LEU F 51 -13.67 31.78 -0.81
C LEU F 51 -15.17 31.49 -0.83
N VAL F 52 -15.51 30.27 -1.24
CA VAL F 52 -16.89 29.78 -1.16
C VAL F 52 -16.83 28.34 -0.67
N SER F 53 -17.72 28.00 0.25
CA SER F 53 -17.76 26.68 0.86
C SER F 53 -19.11 26.03 0.61
N TYR F 54 -19.07 24.78 0.14
CA TYR F 54 -20.26 23.94 0.00
C TYR F 54 -20.06 22.66 0.79
N ILE F 55 -21.12 21.86 0.83
CA ILE F 55 -21.13 20.59 1.55
C ILE F 55 -21.49 19.49 0.57
N GLY F 56 -20.58 18.53 0.40
CA GLY F 56 -20.82 17.40 -0.48
C GLY F 56 -21.19 16.16 0.32
N PHE F 57 -22.00 15.30 -0.28
CA PHE F 57 -22.52 14.14 0.43
C PHE F 57 -22.49 12.92 -0.46
N ARG F 58 -22.46 11.74 0.17
CA ARG F 58 -22.45 10.47 -0.54
C ARG F 58 -23.09 9.40 0.33
N VAL F 59 -24.08 8.69 -0.20
CA VAL F 59 -24.77 7.63 0.52
C VAL F 59 -24.56 6.33 -0.24
N GLN F 60 -24.20 5.27 0.48
CA GLN F 60 -23.91 3.97 -0.10
C GLN F 60 -24.77 2.94 0.63
N HIS F 61 -25.74 2.35 -0.09
CA HIS F 61 -26.76 1.55 0.58
C HIS F 61 -26.29 0.13 0.86
N ASP F 62 -26.05 -0.65 -0.19
CA ASP F 62 -25.65 -2.05 -0.02
C ASP F 62 -24.54 -2.39 -1.00
N ASN F 63 -23.76 -3.40 -0.63
CA ASN F 63 -22.72 -3.94 -1.49
C ASN F 63 -22.67 -5.45 -1.41
N ALA F 64 -23.82 -6.08 -1.17
CA ALA F 64 -23.86 -7.53 -1.01
C ALA F 64 -23.64 -8.27 -2.33
N ARG F 65 -23.83 -7.61 -3.46
CA ARG F 65 -23.74 -8.26 -4.76
C ARG F 65 -22.58 -7.79 -5.61
N GLY F 66 -21.84 -6.77 -5.18
CA GLY F 66 -20.72 -6.28 -5.94
C GLY F 66 -20.41 -4.84 -5.64
N PRO F 67 -19.81 -4.13 -6.59
CA PRO F 67 -19.55 -2.71 -6.40
C PRO F 67 -20.84 -1.92 -6.30
N MET F 68 -20.70 -0.66 -5.90
CA MET F 68 -21.84 0.23 -5.77
C MET F 68 -21.91 1.14 -6.98
N LYS F 69 -23.12 1.49 -7.38
CA LYS F 69 -23.35 2.30 -8.56
C LYS F 69 -24.34 3.40 -8.22
N GLY F 70 -24.09 4.61 -8.73
CA GLY F 70 -24.98 5.71 -8.43
C GLY F 70 -24.48 7.00 -9.04
N GLY F 71 -25.36 7.99 -9.05
CA GLY F 71 -25.11 9.24 -9.73
C GLY F 71 -24.70 10.38 -8.82
N ILE F 72 -24.02 11.35 -9.42
CA ILE F 72 -23.58 12.57 -8.75
C ILE F 72 -24.48 13.71 -9.19
N ARG F 73 -25.09 14.40 -8.23
CA ARG F 73 -26.10 15.42 -8.51
C ARG F 73 -25.63 16.78 -8.03
N TYR F 74 -25.75 17.79 -8.89
CA TYR F 74 -25.41 19.17 -8.59
C TYR F 74 -26.69 19.98 -8.52
N HIS F 75 -27.32 20.00 -7.34
CA HIS F 75 -28.57 20.73 -7.17
C HIS F 75 -28.54 21.49 -5.86
N PRO F 76 -29.04 22.73 -5.84
CA PRO F 76 -28.96 23.54 -4.61
C PRO F 76 -29.69 22.95 -3.42
N GLU F 77 -30.82 22.28 -3.61
CA GLU F 77 -31.65 21.82 -2.51
C GLU F 77 -31.50 20.31 -2.35
N VAL F 78 -31.24 19.87 -1.12
CA VAL F 78 -30.99 18.47 -0.81
C VAL F 78 -31.85 18.07 0.38
N ASP F 79 -32.05 16.77 0.51
CA ASP F 79 -32.82 16.20 1.61
C ASP F 79 -32.33 14.78 1.89
N PRO F 80 -31.93 14.48 3.13
CA PRO F 80 -31.41 13.13 3.41
C PRO F 80 -32.40 12.02 3.13
N ASP F 81 -33.70 12.25 3.37
CA ASP F 81 -34.69 11.21 3.11
C ASP F 81 -34.80 10.90 1.62
N GLU F 82 -34.81 11.94 0.79
CA GLU F 82 -34.86 11.73 -0.66
C GLU F 82 -33.63 10.98 -1.15
N VAL F 83 -32.45 11.33 -0.63
CA VAL F 83 -31.22 10.69 -1.07
C VAL F 83 -31.21 9.22 -0.66
N ASN F 84 -31.63 8.93 0.57
CA ASN F 84 -31.70 7.54 1.00
C ASN F 84 -32.67 6.75 0.15
N ALA F 85 -33.83 7.33 -0.16
CA ALA F 85 -34.82 6.65 -0.99
C ALA F 85 -34.26 6.36 -2.38
N LEU F 86 -33.55 7.33 -2.96
CA LEU F 86 -32.99 7.13 -4.28
C LEU F 86 -31.92 6.04 -4.28
N ALA F 87 -31.08 6.01 -3.24
CA ALA F 87 -30.08 4.95 -3.16
C ALA F 87 -30.72 3.58 -3.05
N GLN F 88 -31.75 3.47 -2.21
CA GLN F 88 -32.45 2.19 -2.07
C GLN F 88 -33.11 1.77 -3.38
N LEU F 89 -33.71 2.71 -4.09
CA LEU F 89 -34.33 2.40 -5.37
C LEU F 89 -33.30 1.92 -6.37
N MET F 90 -32.11 2.53 -6.38
CA MET F 90 -31.06 2.05 -7.27
C MET F 90 -30.65 0.62 -6.92
N THR F 91 -30.58 0.31 -5.63
CA THR F 91 -30.26 -1.07 -5.23
C THR F 91 -31.27 -2.05 -5.81
N TRP F 92 -32.57 -1.78 -5.62
CA TRP F 92 -33.58 -2.71 -6.13
C TRP F 92 -33.56 -2.79 -7.64
N LYS F 93 -33.40 -1.65 -8.32
CA LYS F 93 -33.41 -1.64 -9.78
C LYS F 93 -32.25 -2.44 -10.34
N THR F 94 -31.06 -2.29 -9.75
CA THR F 94 -29.92 -3.11 -10.17
C THR F 94 -30.17 -4.58 -9.92
N ALA F 95 -30.80 -4.92 -8.79
CA ALA F 95 -31.11 -6.32 -8.52
C ALA F 95 -32.06 -6.89 -9.56
N VAL F 96 -33.01 -6.08 -10.03
CA VAL F 96 -33.97 -6.57 -11.02
C VAL F 96 -33.28 -6.86 -12.34
N ALA F 97 -32.48 -5.92 -12.84
CA ALA F 97 -31.85 -6.08 -14.14
C ALA F 97 -30.79 -7.18 -14.16
N ASP F 98 -30.39 -7.69 -13.00
CA ASP F 98 -29.43 -8.78 -12.87
C ASP F 98 -28.05 -8.39 -13.40
N ILE F 99 -27.52 -7.29 -12.85
CA ILE F 99 -26.14 -6.90 -13.09
C ILE F 99 -25.45 -6.83 -11.74
N PRO F 100 -24.18 -7.18 -11.63
CA PRO F 100 -23.54 -7.30 -10.30
C PRO F 100 -23.11 -5.96 -9.72
N TYR F 101 -24.09 -5.20 -9.21
CA TYR F 101 -23.86 -3.88 -8.65
C TYR F 101 -24.68 -3.71 -7.38
N GLY F 102 -24.43 -2.60 -6.68
CA GLY F 102 -25.22 -2.21 -5.53
C GLY F 102 -25.92 -0.89 -5.75
N GLY F 103 -26.08 -0.08 -4.69
CA GLY F 103 -26.72 1.20 -4.85
C GLY F 103 -26.07 2.33 -4.12
N ALA F 104 -26.04 3.51 -4.72
CA ALA F 104 -25.44 4.68 -4.09
C ALA F 104 -26.03 5.93 -4.72
N LYS F 105 -25.73 7.07 -4.10
CA LYS F 105 -26.17 8.37 -4.60
C LYS F 105 -25.42 9.49 -3.91
N GLY F 106 -24.90 10.46 -4.66
CA GLY F 106 -24.15 11.52 -4.02
C GLY F 106 -24.35 12.82 -4.74
N GLY F 107 -23.71 13.87 -4.24
CA GLY F 107 -23.77 15.14 -4.93
C GLY F 107 -23.19 16.27 -4.10
N ILE F 108 -23.37 17.47 -4.64
CA ILE F 108 -22.92 18.71 -4.02
C ILE F 108 -24.10 19.67 -3.97
N GLY F 109 -24.26 20.37 -2.86
CA GLY F 109 -25.34 21.33 -2.73
C GLY F 109 -25.00 22.70 -3.27
N CYS F 110 -24.89 22.82 -4.59
CA CYS F 110 -24.55 24.07 -5.23
C CYS F 110 -25.40 24.25 -6.48
N SER F 111 -25.45 25.49 -6.97
CA SER F 111 -26.17 25.79 -8.20
C SER F 111 -25.18 26.01 -9.32
N PRO F 112 -25.08 25.10 -10.30
CA PRO F 112 -24.05 25.22 -11.33
C PRO F 112 -24.30 26.32 -12.34
N ARG F 113 -25.44 27.00 -12.28
CA ARG F 113 -25.72 28.09 -13.21
C ARG F 113 -25.05 29.39 -12.81
N ASP F 114 -24.43 29.44 -11.64
CA ASP F 114 -23.78 30.65 -11.15
C ASP F 114 -22.25 30.57 -11.21
N LEU F 115 -21.69 29.40 -11.47
CA LEU F 115 -20.25 29.21 -11.51
C LEU F 115 -19.78 29.13 -12.95
N SER F 116 -18.61 29.73 -13.22
CA SER F 116 -18.02 29.63 -14.54
C SER F 116 -17.47 28.23 -14.76
N LEU F 117 -16.79 28.04 -15.88
CA LEU F 117 -16.24 26.72 -16.18
C LEU F 117 -15.08 26.37 -15.27
N SER F 118 -14.16 27.32 -15.06
CA SER F 118 -12.99 27.06 -14.23
C SER F 118 -13.38 26.77 -12.79
N GLU F 119 -14.32 27.54 -12.25
CA GLU F 119 -14.76 27.30 -10.87
C GLU F 119 -15.43 25.95 -10.75
N LEU F 120 -16.19 25.55 -11.77
CA LEU F 120 -16.85 24.25 -11.74
C LEU F 120 -15.84 23.12 -11.76
N GLU F 121 -14.78 23.27 -12.56
CA GLU F 121 -13.70 22.27 -12.56
C GLU F 121 -13.01 22.21 -11.21
N ARG F 122 -12.73 23.36 -10.60
CA ARG F 122 -12.10 23.36 -9.29
C ARG F 122 -12.96 22.67 -8.25
N LEU F 123 -14.26 22.92 -8.28
CA LEU F 123 -15.18 22.27 -7.35
C LEU F 123 -15.16 20.76 -7.53
N THR F 124 -15.21 20.30 -8.77
CA THR F 124 -15.20 18.86 -9.01
C THR F 124 -13.92 18.22 -8.52
N ARG F 125 -12.77 18.85 -8.79
CA ARG F 125 -11.50 18.28 -8.38
C ARG F 125 -11.37 18.25 -6.86
N VAL F 126 -11.83 19.28 -6.17
CA VAL F 126 -11.74 19.29 -4.72
C VAL F 126 -12.65 18.21 -4.12
N PHE F 127 -13.87 18.07 -4.64
CA PHE F 127 -14.75 17.00 -4.18
C PHE F 127 -14.08 15.64 -4.34
N THR F 128 -13.46 15.40 -5.50
CA THR F 128 -12.80 14.13 -5.73
C THR F 128 -11.65 13.92 -4.75
N GLN F 129 -10.86 14.96 -4.48
CA GLN F 129 -9.78 14.83 -3.50
C GLN F 129 -10.32 14.47 -2.14
N LYS F 130 -11.49 15.00 -1.77
CA LYS F 130 -12.02 14.71 -0.44
C LYS F 130 -12.63 13.32 -0.34
N ILE F 131 -13.17 12.76 -1.42
CA ILE F 131 -13.78 11.44 -1.30
C ILE F 131 -13.00 10.36 -2.05
N HIS F 132 -11.69 10.56 -2.24
CA HIS F 132 -10.97 9.65 -3.13
C HIS F 132 -10.79 8.27 -2.54
N ASP F 133 -10.73 8.14 -1.21
CA ASP F 133 -10.47 6.85 -0.58
C ASP F 133 -11.73 6.06 -0.29
N LEU F 134 -12.89 6.55 -0.71
CA LEU F 134 -14.14 5.86 -0.49
C LEU F 134 -14.79 5.39 -1.80
N ILE F 135 -14.16 5.61 -2.94
CA ILE F 135 -14.62 5.11 -4.23
C ILE F 135 -13.51 4.26 -4.82
N GLY F 136 -13.82 3.62 -5.94
CA GLY F 136 -12.82 2.78 -6.58
C GLY F 136 -13.46 1.95 -7.68
N ILE F 137 -12.61 1.13 -8.30
CA ILE F 137 -13.07 0.30 -9.40
C ILE F 137 -14.00 -0.80 -8.91
N HIS F 138 -13.63 -1.45 -7.80
CA HIS F 138 -14.43 -2.50 -7.21
C HIS F 138 -15.09 -2.08 -5.92
N THR F 139 -15.19 -0.77 -5.68
CA THR F 139 -15.81 -0.25 -4.46
C THR F 139 -17.04 0.60 -4.74
N ASP F 140 -16.92 1.60 -5.62
CA ASP F 140 -18.02 2.52 -5.90
C ASP F 140 -17.75 3.30 -7.18
N VAL F 141 -18.68 3.27 -8.12
CA VAL F 141 -18.48 3.80 -9.46
C VAL F 141 -19.48 4.93 -9.68
N PRO F 142 -19.03 6.18 -9.63
CA PRO F 142 -19.94 7.30 -9.88
C PRO F 142 -20.38 7.37 -11.35
N ALA F 143 -21.52 8.01 -11.55
CA ALA F 143 -22.10 8.21 -12.87
C ALA F 143 -22.68 9.61 -12.94
N PRO F 144 -22.85 10.16 -14.14
CA PRO F 144 -23.43 11.51 -14.26
C PRO F 144 -24.93 11.51 -13.99
N ASP F 145 -25.42 12.68 -13.61
CA ASP F 145 -26.83 12.86 -13.30
C ASP F 145 -27.20 14.28 -13.70
N MET F 146 -28.32 14.79 -13.19
CA MET F 146 -28.76 16.12 -13.59
C MET F 146 -27.87 17.17 -12.95
N GLY F 147 -27.52 18.19 -13.72
CA GLY F 147 -26.49 19.13 -13.35
C GLY F 147 -25.08 18.67 -13.64
N THR F 148 -24.92 17.49 -14.24
CA THR F 148 -23.62 16.89 -14.50
C THR F 148 -23.62 16.28 -15.90
N ASN F 149 -22.45 16.27 -16.54
CA ASN F 149 -22.32 15.72 -17.88
C ASN F 149 -20.98 15.00 -17.97
N ALA F 150 -20.56 14.67 -19.20
CA ALA F 150 -19.39 13.83 -19.40
C ALA F 150 -18.10 14.55 -19.02
N GLN F 151 -18.05 15.88 -19.16
CA GLN F 151 -16.84 16.62 -18.81
C GLN F 151 -16.52 16.47 -17.32
N THR F 152 -17.55 16.46 -16.48
CA THR F 152 -17.34 16.26 -15.05
C THR F 152 -16.73 14.89 -14.78
N MET F 153 -17.20 13.87 -15.48
CA MET F 153 -16.59 12.55 -15.34
C MET F 153 -15.14 12.55 -15.79
N ALA F 154 -14.81 13.32 -16.84
CA ALA F 154 -13.41 13.42 -17.24
C ALA F 154 -12.56 14.04 -16.14
N TRP F 155 -13.06 15.08 -15.49
CA TRP F 155 -12.29 15.71 -14.42
C TRP F 155 -12.13 14.78 -13.23
N ILE F 156 -13.19 14.05 -12.86
CA ILE F 156 -13.10 13.09 -11.76
C ILE F 156 -12.08 12.02 -12.09
N LEU F 157 -12.11 11.50 -13.32
CA LEU F 157 -11.13 10.50 -13.73
C LEU F 157 -9.71 11.03 -13.62
N ASP F 158 -9.50 12.28 -14.05
CA ASP F 158 -8.16 12.86 -13.99
C ASP F 158 -7.64 12.92 -12.56
N GLU F 159 -8.45 13.43 -11.63
CA GLU F 159 -7.99 13.55 -10.24
C GLU F 159 -7.75 12.18 -9.60
N TYR F 160 -8.70 11.25 -9.79
CA TYR F 160 -8.51 9.93 -9.21
C TYR F 160 -7.29 9.24 -9.79
N SER F 161 -6.99 9.48 -11.07
CA SER F 161 -5.78 8.93 -11.66
C SER F 161 -4.53 9.53 -11.02
N LYS F 162 -4.56 10.84 -10.75
CA LYS F 162 -3.45 11.45 -10.01
C LYS F 162 -3.21 10.71 -8.71
N PHE F 163 -4.28 10.26 -8.05
CA PHE F 163 -4.09 9.64 -6.75
C PHE F 163 -3.66 8.17 -6.86
N HIS F 164 -4.40 7.36 -7.63
CA HIS F 164 -4.22 5.91 -7.64
C HIS F 164 -3.70 5.36 -8.97
N GLY F 165 -3.15 6.20 -9.84
CA GLY F 165 -2.72 5.75 -11.14
C GLY F 165 -3.87 5.64 -12.11
N HIS F 166 -3.53 5.36 -13.37
CA HIS F 166 -4.53 5.36 -14.44
C HIS F 166 -5.60 4.31 -14.21
N SER F 167 -6.82 4.75 -13.91
CA SER F 167 -7.95 3.86 -13.61
C SER F 167 -9.14 4.31 -14.44
N PRO F 168 -9.21 3.91 -15.72
CA PRO F 168 -10.29 4.39 -16.58
C PRO F 168 -11.66 3.86 -16.18
N ALA F 169 -11.75 2.81 -15.39
CA ALA F 169 -13.01 2.16 -15.07
C ALA F 169 -13.64 2.67 -13.78
N VAL F 170 -13.11 3.76 -13.22
CA VAL F 170 -13.66 4.28 -11.98
C VAL F 170 -14.96 5.04 -12.19
N VAL F 171 -15.19 5.56 -13.39
CA VAL F 171 -16.41 6.30 -13.70
C VAL F 171 -16.99 5.75 -15.00
N THR F 172 -18.28 5.99 -15.20
CA THR F 172 -18.96 5.65 -16.43
C THR F 172 -19.63 6.89 -16.99
N GLY F 173 -19.80 6.91 -18.30
CA GLY F 173 -20.30 8.09 -18.98
C GLY F 173 -19.23 9.02 -19.51
N LYS F 174 -18.01 8.53 -19.66
CA LYS F 174 -16.91 9.35 -20.15
C LYS F 174 -17.11 9.67 -21.63
N PRO F 175 -16.41 10.70 -22.13
CA PRO F 175 -16.41 10.93 -23.58
C PRO F 175 -15.90 9.73 -24.35
N ILE F 176 -16.14 9.74 -25.66
CA ILE F 176 -15.81 8.58 -26.48
C ILE F 176 -14.30 8.40 -26.58
N ASP F 177 -13.55 9.49 -26.68
CA ASP F 177 -12.11 9.40 -26.85
C ASP F 177 -11.37 9.22 -25.53
N LEU F 178 -12.06 9.24 -24.39
CA LEU F 178 -11.45 8.93 -23.11
C LEU F 178 -11.81 7.54 -22.62
N GLY F 179 -12.48 6.74 -23.44
CA GLY F 179 -12.83 5.38 -23.05
C GLY F 179 -14.31 5.14 -22.93
N GLY F 180 -15.11 5.94 -23.60
CA GLY F 180 -16.55 5.79 -23.57
C GLY F 180 -17.03 4.62 -24.40
N SER F 181 -18.32 4.36 -24.32
CA SER F 181 -18.95 3.22 -24.98
C SER F 181 -19.88 3.70 -26.09
N LEU F 182 -19.96 2.91 -27.14
CA LEU F 182 -20.87 3.21 -28.25
C LEU F 182 -22.28 2.75 -27.92
N GLY F 183 -23.26 3.51 -28.42
CA GLY F 183 -24.65 3.18 -28.19
C GLY F 183 -25.23 3.70 -26.90
N ARG F 184 -24.63 4.73 -26.30
CA ARG F 184 -25.15 5.27 -25.04
C ARG F 184 -26.40 6.12 -25.25
N GLU F 185 -26.45 6.88 -26.34
CA GLU F 185 -27.53 7.86 -26.50
C GLU F 185 -28.87 7.17 -26.76
N ALA F 186 -28.86 6.01 -27.39
CA ALA F 186 -30.07 5.31 -27.77
C ALA F 186 -30.39 4.13 -26.86
N ALA F 187 -29.75 4.06 -25.69
CA ALA F 187 -29.90 2.88 -24.84
C ALA F 187 -31.32 2.76 -24.28
N THR F 188 -31.87 3.87 -23.78
CA THR F 188 -33.16 3.80 -23.10
C THR F 188 -34.30 3.51 -24.07
N GLY F 189 -34.28 4.12 -25.25
CA GLY F 189 -35.30 3.81 -26.24
C GLY F 189 -35.22 2.37 -26.73
N ARG F 190 -34.01 1.89 -26.97
CA ARG F 190 -33.83 0.48 -27.31
C ARG F 190 -34.41 -0.42 -26.22
N GLY F 191 -34.13 -0.09 -24.95
CA GLY F 191 -34.65 -0.90 -23.87
C GLY F 191 -36.17 -0.90 -23.81
N VAL F 192 -36.78 0.28 -24.00
CA VAL F 192 -38.23 0.36 -23.97
C VAL F 192 -38.84 -0.46 -25.09
N VAL F 193 -38.25 -0.39 -26.29
CA VAL F 193 -38.76 -1.17 -27.41
C VAL F 193 -38.64 -2.66 -27.14
N PHE F 194 -37.49 -3.10 -26.61
CA PHE F 194 -37.31 -4.52 -26.32
C PHE F 194 -38.31 -5.01 -25.27
N ALA F 195 -38.52 -4.21 -24.22
CA ALA F 195 -39.47 -4.58 -23.19
C ALA F 195 -40.89 -4.67 -23.75
N THR F 196 -41.27 -3.69 -24.58
CA THR F 196 -42.60 -3.71 -25.18
C THR F 196 -42.78 -4.93 -26.08
N GLU F 197 -41.75 -5.26 -26.85
CA GLU F 197 -41.83 -6.44 -27.71
C GLU F 197 -42.02 -7.70 -26.90
N ALA F 198 -41.27 -7.84 -25.80
CA ALA F 198 -41.42 -9.02 -24.96
C ALA F 198 -42.80 -9.10 -24.35
N LEU F 199 -43.31 -7.97 -23.84
CA LEU F 199 -44.64 -7.96 -23.23
C LEU F 199 -45.71 -8.34 -24.25
N LEU F 200 -45.62 -7.81 -25.47
CA LEU F 200 -46.59 -8.15 -26.49
C LEU F 200 -46.51 -9.62 -26.87
N ALA F 201 -45.29 -10.13 -27.07
CA ALA F 201 -45.13 -11.52 -27.45
C ALA F 201 -45.57 -12.47 -26.35
N GLU F 202 -45.66 -11.99 -25.12
CA GLU F 202 -46.21 -12.82 -24.05
C GLU F 202 -47.64 -13.26 -24.36
N TYR F 203 -48.47 -12.34 -24.86
CA TYR F 203 -49.88 -12.62 -25.12
C TYR F 203 -50.13 -13.15 -26.53
N GLY F 204 -49.11 -13.24 -27.37
CA GLY F 204 -49.26 -13.78 -28.71
C GLY F 204 -49.31 -12.76 -29.82
N LYS F 205 -49.40 -11.48 -29.49
CA LYS F 205 -49.42 -10.43 -30.52
C LYS F 205 -48.01 -10.09 -30.95
N SER F 206 -47.88 -9.01 -31.73
CA SER F 206 -46.58 -8.53 -32.16
C SER F 206 -46.70 -7.04 -32.45
N ILE F 207 -45.53 -6.38 -32.54
CA ILE F 207 -45.51 -4.94 -32.76
C ILE F 207 -46.06 -4.60 -34.13
N GLN F 208 -45.77 -5.43 -35.13
CA GLN F 208 -46.20 -5.15 -36.49
C GLN F 208 -47.73 -5.14 -36.59
N GLY F 209 -48.29 -3.96 -36.80
CA GLY F 209 -49.73 -3.85 -36.99
C GLY F 209 -50.50 -3.45 -35.75
N LEU F 210 -49.92 -2.61 -34.88
CA LEU F 210 -50.60 -2.13 -33.70
C LEU F 210 -50.55 -0.61 -33.67
N THR F 211 -51.19 -0.02 -32.67
CA THR F 211 -51.35 1.43 -32.55
C THR F 211 -50.67 1.91 -31.29
N PHE F 212 -49.86 2.97 -31.42
CA PHE F 212 -49.06 3.48 -30.31
C PHE F 212 -49.31 4.97 -30.12
N VAL F 213 -49.40 5.40 -28.87
CA VAL F 213 -49.53 6.81 -28.51
C VAL F 213 -48.40 7.16 -27.57
N ILE F 214 -47.52 8.07 -28.01
CA ILE F 214 -46.29 8.40 -27.30
C ILE F 214 -46.37 9.82 -26.80
N GLN F 215 -46.07 10.03 -25.52
CA GLN F 215 -46.16 11.35 -24.90
C GLN F 215 -44.75 11.88 -24.67
N GLY F 216 -44.27 12.70 -25.60
CA GLY F 216 -43.02 13.43 -25.42
C GLY F 216 -41.92 13.08 -26.41
N PHE F 217 -41.06 14.05 -26.68
CA PHE F 217 -39.84 13.87 -27.48
C PHE F 217 -38.56 14.26 -26.76
N GLY F 218 -38.33 13.74 -25.57
CA GLY F 218 -36.99 13.69 -25.06
C GLY F 218 -36.20 12.65 -25.84
N ASN F 219 -35.00 12.28 -25.39
CA ASN F 219 -34.25 11.25 -26.09
C ASN F 219 -35.05 9.94 -26.13
N VAL F 220 -35.64 9.57 -25.00
CA VAL F 220 -36.39 8.32 -24.90
C VAL F 220 -37.53 8.31 -25.90
N GLY F 221 -38.31 9.39 -25.93
CA GLY F 221 -39.48 9.41 -26.79
C GLY F 221 -39.14 9.33 -28.26
N THR F 222 -38.19 10.14 -28.70
CA THR F 222 -37.86 10.14 -30.13
C THR F 222 -37.24 8.82 -30.54
N TRP F 223 -36.37 8.24 -29.72
CA TRP F 223 -35.74 6.98 -30.09
C TRP F 223 -36.75 5.85 -30.11
N ALA F 224 -37.65 5.80 -29.11
CA ALA F 224 -38.67 4.77 -29.11
C ALA F 224 -39.60 4.90 -30.31
N ALA F 225 -39.98 6.13 -30.66
CA ALA F 225 -40.86 6.32 -31.81
C ALA F 225 -40.18 5.87 -33.09
N LYS F 226 -38.91 6.26 -33.28
CA LYS F 226 -38.20 5.87 -34.49
C LYS F 226 -38.07 4.37 -34.59
N LEU F 227 -37.68 3.71 -33.50
CA LEU F 227 -37.51 2.26 -33.52
C LEU F 227 -38.83 1.55 -33.78
N ILE F 228 -39.91 2.02 -33.14
CA ILE F 228 -41.21 1.40 -33.35
C ILE F 228 -41.66 1.55 -34.80
N HIS F 229 -41.50 2.74 -35.37
CA HIS F 229 -41.89 2.94 -36.76
C HIS F 229 -41.06 2.07 -37.69
N GLU F 230 -39.77 1.91 -37.39
CA GLU F 230 -38.93 1.03 -38.20
C GLU F 230 -39.40 -0.42 -38.11
N LYS F 231 -39.81 -0.85 -36.91
CA LYS F 231 -40.18 -2.25 -36.72
C LYS F 231 -41.40 -2.63 -37.57
N GLY F 232 -42.34 -1.72 -37.71
CA GLY F 232 -43.52 -2.01 -38.52
C GLY F 232 -44.83 -1.51 -37.93
N GLY F 233 -44.75 -0.84 -36.78
CA GLY F 233 -45.94 -0.29 -36.17
C GLY F 233 -46.28 1.09 -36.70
N LYS F 234 -47.43 1.59 -36.30
CA LYS F 234 -47.91 2.92 -36.70
C LYS F 234 -48.24 3.73 -35.46
N VAL F 235 -47.73 4.96 -35.42
CA VAL F 235 -47.98 5.88 -34.31
C VAL F 235 -49.00 6.91 -34.76
N VAL F 236 -49.98 7.19 -33.90
CA VAL F 236 -51.12 8.01 -34.28
C VAL F 236 -51.27 9.27 -33.45
N ALA F 237 -50.40 9.52 -32.47
CA ALA F 237 -50.52 10.71 -31.66
C ALA F 237 -49.16 11.02 -31.04
N VAL F 238 -48.78 12.29 -31.06
CA VAL F 238 -47.51 12.73 -30.52
C VAL F 238 -47.72 14.02 -29.75
N SER F 239 -47.08 14.14 -28.59
CA SER F 239 -47.15 15.33 -27.76
C SER F 239 -45.79 15.98 -27.67
N ASP F 240 -45.74 17.05 -26.88
CA ASP F 240 -44.52 17.80 -26.59
C ASP F 240 -44.85 18.79 -25.48
N ILE F 241 -43.86 19.58 -25.08
CA ILE F 241 -44.13 20.65 -24.13
C ILE F 241 -44.98 21.74 -24.78
N THR F 242 -44.85 21.91 -26.10
CA THR F 242 -45.57 22.94 -26.84
C THR F 242 -46.18 22.30 -28.09
N GLY F 243 -47.41 21.84 -27.98
CA GLY F 243 -48.12 21.33 -29.14
C GLY F 243 -48.30 19.82 -29.10
N ALA F 244 -49.21 19.35 -29.95
CA ALA F 244 -49.53 17.93 -30.06
C ALA F 244 -50.26 17.69 -31.38
N ILE F 245 -49.91 16.60 -32.05
CA ILE F 245 -50.47 16.30 -33.36
C ILE F 245 -51.01 14.88 -33.39
N ARG F 246 -51.85 14.62 -34.38
CA ARG F 246 -52.54 13.34 -34.51
C ARG F 246 -52.63 12.97 -35.99
N ASN F 247 -52.64 11.67 -36.27
CA ASN F 247 -52.90 11.15 -37.61
C ASN F 247 -53.43 9.73 -37.51
N PRO F 248 -54.66 9.47 -37.95
CA PRO F 248 -55.25 8.14 -37.74
C PRO F 248 -54.55 7.02 -38.49
N GLU F 249 -53.83 7.30 -39.57
CA GLU F 249 -53.20 6.25 -40.36
C GLU F 249 -51.68 6.19 -40.19
N GLY F 250 -51.12 6.93 -39.24
CA GLY F 250 -49.69 6.84 -38.99
C GLY F 250 -48.98 8.13 -39.36
N ILE F 251 -47.98 8.49 -38.55
CA ILE F 251 -47.21 9.71 -38.74
C ILE F 251 -45.81 9.32 -39.20
N ASP F 252 -45.32 10.01 -40.23
CA ASP F 252 -43.96 9.79 -40.71
C ASP F 252 -43.00 10.36 -39.69
N ILE F 253 -42.43 9.49 -38.84
CA ILE F 253 -41.52 9.94 -37.81
C ILE F 253 -40.23 10.48 -38.43
N ASN F 254 -39.74 9.84 -39.48
CA ASN F 254 -38.51 10.28 -40.11
C ASN F 254 -38.63 11.70 -40.65
N ALA F 255 -39.82 12.07 -41.13
CA ALA F 255 -40.05 13.45 -41.55
C ALA F 255 -40.26 14.38 -40.36
N LEU F 256 -40.92 13.88 -39.31
CA LEU F 256 -41.21 14.73 -38.17
C LEU F 256 -39.93 15.12 -37.43
N ILE F 257 -38.95 14.23 -37.39
CA ILE F 257 -37.70 14.53 -36.71
C ILE F 257 -36.99 15.70 -37.38
N LYS F 258 -36.91 15.70 -38.71
CA LYS F 258 -36.27 16.82 -39.39
C LYS F 258 -37.16 18.06 -39.37
N HIS F 259 -38.48 17.90 -39.29
CA HIS F 259 -39.34 19.07 -39.12
C HIS F 259 -39.06 19.76 -37.79
N LYS F 260 -38.90 18.98 -36.71
CA LYS F 260 -38.60 19.56 -35.41
C LYS F 260 -37.21 20.18 -35.39
N ASP F 261 -36.31 19.70 -36.24
CA ASP F 261 -34.96 20.25 -36.28
C ASP F 261 -34.96 21.71 -36.69
N ALA F 262 -35.76 22.06 -37.69
CA ALA F 262 -35.79 23.43 -38.21
C ALA F 262 -36.82 24.29 -37.47
N THR F 263 -38.09 23.87 -37.51
CA THR F 263 -39.15 24.65 -36.88
C THR F 263 -38.96 24.75 -35.38
N GLY F 264 -38.56 23.64 -34.74
CA GLY F 264 -38.45 23.61 -33.30
C GLY F 264 -39.72 23.33 -32.56
N SER F 265 -40.79 22.95 -33.27
CA SER F 265 -42.07 22.66 -32.64
C SER F 265 -42.75 21.55 -33.43
N LEU F 266 -44.00 21.28 -33.11
CA LEU F 266 -44.82 20.35 -33.86
C LEU F 266 -45.98 21.02 -34.57
N ASN F 267 -45.96 22.35 -34.66
CA ASN F 267 -47.05 23.08 -35.30
C ASN F 267 -46.86 23.09 -36.82
N ASP F 268 -47.99 23.05 -37.53
CA ASP F 268 -48.01 23.11 -39.00
C ASP F 268 -47.21 21.96 -39.62
N PHE F 269 -47.40 20.76 -39.09
CA PHE F 269 -46.83 19.58 -39.72
C PHE F 269 -47.64 19.21 -40.96
N ASN F 270 -47.01 18.43 -41.84
CA ASN F 270 -47.64 18.03 -43.09
C ASN F 270 -48.61 16.87 -42.90
N GLY F 271 -48.11 15.73 -42.43
CA GLY F 271 -48.94 14.54 -42.31
C GLY F 271 -49.59 14.35 -40.95
N GLY F 272 -50.39 15.32 -40.52
CA GLY F 272 -51.07 15.23 -39.26
C GLY F 272 -51.70 16.53 -38.83
N ASP F 273 -52.84 16.46 -38.16
CA ASP F 273 -53.56 17.66 -37.72
C ASP F 273 -53.34 17.91 -36.25
N ALA F 274 -53.30 19.19 -35.88
CA ALA F 274 -53.09 19.56 -34.49
C ALA F 274 -54.26 19.12 -33.63
N MET F 275 -53.96 18.84 -32.36
CA MET F 275 -54.96 18.36 -31.42
C MET F 275 -54.72 18.99 -30.05
N ASN F 276 -55.77 19.00 -29.24
CA ASN F 276 -55.65 19.51 -27.88
C ASN F 276 -54.66 18.69 -27.09
N SER F 277 -53.87 19.37 -26.26
CA SER F 277 -52.78 18.74 -25.52
C SER F 277 -53.24 18.05 -24.24
N ASP F 278 -54.54 17.80 -24.09
CA ASP F 278 -55.05 17.13 -22.90
C ASP F 278 -55.99 15.98 -23.25
N GLU F 279 -56.05 15.58 -24.52
CA GLU F 279 -56.96 14.52 -24.95
C GLU F 279 -56.24 13.29 -25.48
N LEU F 280 -54.98 13.42 -25.88
CA LEU F 280 -54.27 12.29 -26.49
C LEU F 280 -54.14 11.13 -25.53
N LEU F 281 -54.13 11.40 -24.22
CA LEU F 281 -54.09 10.31 -23.24
C LEU F 281 -55.34 9.46 -23.27
N ILE F 282 -56.41 9.91 -23.94
CA ILE F 282 -57.65 9.17 -24.02
C ILE F 282 -57.92 8.66 -25.43
N HIS F 283 -56.93 8.74 -26.33
CA HIS F 283 -57.12 8.26 -27.69
C HIS F 283 -57.30 6.75 -27.71
N GLU F 284 -57.99 6.26 -28.74
CA GLU F 284 -58.00 4.84 -29.02
C GLU F 284 -56.62 4.39 -29.47
N CYS F 285 -56.08 3.38 -28.81
CA CYS F 285 -54.74 2.90 -29.13
C CYS F 285 -54.55 1.51 -28.53
N ASP F 286 -53.44 0.88 -28.93
CA ASP F 286 -53.08 -0.40 -28.34
C ASP F 286 -52.08 -0.23 -27.21
N VAL F 287 -51.09 0.63 -27.39
CA VAL F 287 -50.04 0.86 -26.42
C VAL F 287 -49.94 2.35 -26.14
N LEU F 288 -49.82 2.71 -24.87
CA LEU F 288 -49.64 4.10 -24.44
C LEU F 288 -48.31 4.21 -23.72
N ILE F 289 -47.46 5.13 -24.16
CA ILE F 289 -46.11 5.27 -23.63
C ILE F 289 -45.88 6.69 -23.16
N PRO F 290 -46.04 6.97 -21.86
CA PRO F 290 -45.65 8.28 -21.32
C PRO F 290 -44.14 8.33 -21.10
N CYS F 291 -43.52 9.40 -21.59
CA CYS F 291 -42.06 9.51 -21.54
C CYS F 291 -41.55 10.83 -20.97
N ALA F 292 -42.42 11.73 -20.51
CA ALA F 292 -42.00 13.06 -20.13
C ALA F 292 -42.12 13.32 -18.64
N LEU F 293 -43.30 13.16 -18.06
CA LEU F 293 -43.55 13.54 -16.68
C LEU F 293 -44.13 12.36 -15.90
N GLY F 294 -44.12 12.51 -14.59
CA GLY F 294 -44.64 11.50 -13.68
C GLY F 294 -45.91 11.99 -12.99
N GLY F 295 -46.75 11.05 -12.61
CA GLY F 295 -48.02 11.37 -11.98
C GLY F 295 -49.09 11.86 -12.93
N VAL F 296 -48.91 11.70 -14.24
CA VAL F 296 -49.86 12.22 -15.19
C VAL F 296 -51.16 11.41 -15.23
N LEU F 297 -51.20 10.27 -14.55
CA LEU F 297 -52.41 9.46 -14.48
C LEU F 297 -52.91 9.46 -13.03
N ASN F 298 -54.17 9.84 -12.85
CA ASN F 298 -54.75 9.97 -11.52
C ASN F 298 -56.24 9.63 -11.61
N LYS F 299 -57.00 10.01 -10.58
CA LYS F 299 -58.38 9.57 -10.46
C LYS F 299 -59.24 10.06 -11.63
N GLU F 300 -59.06 11.32 -12.02
CA GLU F 300 -59.89 11.89 -13.08
C GLU F 300 -59.65 11.19 -14.42
N ASN F 301 -58.38 10.92 -14.75
CA ASN F 301 -58.07 10.30 -16.02
C ASN F 301 -58.21 8.78 -16.01
N ALA F 302 -58.31 8.18 -14.82
CA ALA F 302 -58.27 6.72 -14.71
C ALA F 302 -59.46 6.08 -15.42
N GLY F 303 -60.66 6.63 -15.24
CA GLY F 303 -61.83 6.03 -15.84
C GLY F 303 -61.96 6.23 -17.32
N ASP F 304 -61.30 7.25 -17.86
CA ASP F 304 -61.48 7.62 -19.27
C ASP F 304 -60.57 6.85 -20.21
N VAL F 305 -59.39 6.43 -19.76
CA VAL F 305 -58.44 5.77 -20.66
C VAL F 305 -59.03 4.48 -21.20
N LYS F 306 -58.70 4.18 -22.45
CA LYS F 306 -59.19 2.99 -23.15
C LYS F 306 -58.06 2.29 -23.88
N ALA F 307 -56.86 2.30 -23.30
CA ALA F 307 -55.74 1.56 -23.86
C ALA F 307 -55.73 0.13 -23.33
N LYS F 308 -54.95 -0.73 -23.98
CA LYS F 308 -54.81 -2.11 -23.56
C LYS F 308 -53.47 -2.44 -22.94
N PHE F 309 -52.46 -1.60 -23.13
CA PHE F 309 -51.13 -1.82 -22.55
C PHE F 309 -50.52 -0.47 -22.24
N ILE F 310 -49.95 -0.34 -21.04
CA ILE F 310 -49.26 0.89 -20.63
C ILE F 310 -47.83 0.52 -20.29
N VAL F 311 -46.88 1.25 -20.88
CA VAL F 311 -45.46 1.03 -20.65
C VAL F 311 -44.91 2.29 -20.00
N GLU F 312 -44.48 2.18 -18.74
CA GLU F 312 -44.06 3.33 -17.96
C GLU F 312 -42.59 3.60 -18.23
N ALA F 313 -42.30 4.38 -19.27
CA ALA F 313 -40.94 4.74 -19.60
C ALA F 313 -40.43 5.94 -18.82
N ALA F 314 -41.30 6.59 -18.05
CA ALA F 314 -40.92 7.74 -17.24
C ALA F 314 -40.75 7.31 -15.79
N ASN F 315 -40.58 8.27 -14.90
CA ASN F 315 -40.38 8.00 -13.48
C ASN F 315 -41.68 8.26 -12.73
N HIS F 316 -42.30 7.19 -12.23
CA HIS F 316 -43.52 7.22 -11.44
C HIS F 316 -44.66 7.94 -12.15
N PRO F 317 -45.19 7.41 -13.24
CA PRO F 317 -46.30 8.08 -13.94
C PRO F 317 -47.68 7.69 -13.44
N THR F 318 -47.76 6.70 -12.55
CA THR F 318 -49.04 6.14 -12.13
C THR F 318 -49.19 6.23 -10.62
N ASP F 319 -50.36 6.70 -10.17
CA ASP F 319 -50.74 6.76 -8.77
C ASP F 319 -51.40 5.46 -8.33
N PRO F 320 -51.39 5.15 -7.03
CA PRO F 320 -51.92 3.84 -6.59
C PRO F 320 -53.40 3.65 -6.86
N ASP F 321 -54.23 4.66 -6.56
CA ASP F 321 -55.66 4.54 -6.82
C ASP F 321 -55.95 4.36 -8.30
N ALA F 322 -55.25 5.11 -9.15
CA ALA F 322 -55.36 4.90 -10.58
C ALA F 322 -54.92 3.48 -10.95
N ASP F 323 -53.90 2.96 -10.27
CA ASP F 323 -53.44 1.61 -10.56
C ASP F 323 -54.52 0.58 -10.25
N GLU F 324 -55.22 0.74 -9.12
CA GLU F 324 -56.28 -0.21 -8.78
C GLU F 324 -57.47 -0.06 -9.72
N ILE F 325 -57.81 1.18 -10.10
CA ILE F 325 -58.87 1.40 -11.07
C ILE F 325 -58.56 0.69 -12.38
N LEU F 326 -57.31 0.84 -12.85
CA LEU F 326 -56.90 0.20 -14.10
C LEU F 326 -56.87 -1.31 -13.97
N SER F 327 -56.48 -1.83 -12.80
CA SER F 327 -56.52 -3.27 -12.59
C SER F 327 -57.95 -3.79 -12.69
N LYS F 328 -58.91 -3.08 -12.10
CA LYS F 328 -60.30 -3.49 -12.21
C LYS F 328 -60.80 -3.36 -13.65
N LYS F 329 -60.31 -2.37 -14.40
CA LYS F 329 -60.67 -2.27 -15.82
C LYS F 329 -60.19 -3.51 -16.58
N GLY F 330 -58.96 -3.93 -16.34
CA GLY F 330 -58.38 -5.07 -17.02
C GLY F 330 -57.20 -4.77 -17.92
N VAL F 331 -56.45 -3.70 -17.67
CA VAL F 331 -55.31 -3.35 -18.49
C VAL F 331 -54.03 -3.83 -17.80
N ILE F 332 -52.92 -3.83 -18.54
CA ILE F 332 -51.65 -4.34 -18.07
C ILE F 332 -50.65 -3.20 -18.06
N ILE F 333 -49.94 -3.05 -16.94
CA ILE F 333 -48.99 -1.96 -16.76
C ILE F 333 -47.61 -2.55 -16.51
N LEU F 334 -46.66 -2.21 -17.37
CA LEU F 334 -45.27 -2.60 -17.16
C LEU F 334 -44.59 -1.62 -16.21
N PRO F 335 -44.03 -2.08 -15.10
CA PRO F 335 -43.48 -1.15 -14.11
C PRO F 335 -42.28 -0.39 -14.65
N ASP F 336 -42.09 0.82 -14.12
CA ASP F 336 -40.96 1.65 -14.54
C ASP F 336 -39.64 1.17 -13.97
N ILE F 337 -39.66 0.33 -12.93
CA ILE F 337 -38.42 -0.21 -12.39
C ILE F 337 -37.72 -1.09 -13.40
N TYR F 338 -38.45 -1.61 -14.38
CA TYR F 338 -37.87 -2.49 -15.39
C TYR F 338 -37.86 -1.90 -16.79
N ALA F 339 -38.83 -1.04 -17.13
CA ALA F 339 -38.97 -0.58 -18.51
C ALA F 339 -37.77 0.26 -18.95
N ASN F 340 -37.29 1.16 -18.10
CA ASN F 340 -36.23 2.09 -18.48
C ASN F 340 -34.88 1.69 -17.91
N ALA F 341 -34.57 0.39 -17.91
CA ALA F 341 -33.32 -0.11 -17.37
C ALA F 341 -32.23 -0.25 -18.42
N GLY F 342 -32.41 0.36 -19.59
CA GLY F 342 -31.38 0.27 -20.61
C GLY F 342 -30.12 1.02 -20.24
N GLY F 343 -30.26 2.17 -19.59
CA GLY F 343 -29.11 3.00 -19.28
C GLY F 343 -28.12 2.31 -18.36
N VAL F 344 -28.63 1.71 -17.28
CA VAL F 344 -27.73 1.06 -16.34
C VAL F 344 -27.06 -0.15 -16.97
N THR F 345 -27.79 -0.87 -17.83
CA THR F 345 -27.18 -2.02 -18.50
C THR F 345 -26.05 -1.58 -19.42
N VAL F 346 -26.25 -0.50 -20.19
CA VAL F 346 -25.18 -0.05 -21.06
C VAL F 346 -24.00 0.49 -20.25
N SER F 347 -24.28 1.13 -19.11
CA SER F 347 -23.19 1.57 -18.25
C SER F 347 -22.39 0.38 -17.72
N TYR F 348 -23.07 -0.70 -17.37
CA TYR F 348 -22.39 -1.91 -16.97
C TYR F 348 -21.52 -2.46 -18.10
N PHE F 349 -22.03 -2.42 -19.33
CA PHE F 349 -21.24 -2.87 -20.46
C PHE F 349 -19.99 -2.03 -20.65
N GLU F 350 -20.11 -0.71 -20.46
CA GLU F 350 -18.94 0.16 -20.56
C GLU F 350 -17.92 -0.15 -19.48
N TRP F 351 -18.40 -0.41 -18.26
CA TRP F 351 -17.50 -0.81 -17.18
C TRP F 351 -16.76 -2.10 -17.53
N VAL F 352 -17.47 -3.06 -18.10
CA VAL F 352 -16.83 -4.33 -18.49
C VAL F 352 -15.78 -4.08 -19.56
N GLN F 353 -16.11 -3.27 -20.57
CA GLN F 353 -15.16 -3.00 -21.64
C GLN F 353 -13.91 -2.31 -21.11
N ASN F 354 -14.06 -1.41 -20.13
CA ASN F 354 -12.88 -0.76 -19.57
C ASN F 354 -12.07 -1.69 -18.70
N ILE F 355 -12.73 -2.63 -18.01
CA ILE F 355 -11.99 -3.63 -17.23
C ILE F 355 -11.17 -4.51 -18.16
N GLN F 356 -11.74 -4.92 -19.30
CA GLN F 356 -11.06 -5.82 -20.21
C GLN F 356 -9.99 -5.15 -21.04
N GLY F 357 -10.04 -3.83 -21.21
CA GLY F 357 -9.07 -3.12 -22.01
C GLY F 357 -9.34 -3.13 -23.50
N PHE F 358 -10.46 -3.69 -23.94
CA PHE F 358 -10.76 -3.88 -25.35
C PHE F 358 -12.20 -3.43 -25.61
N MET F 359 -12.40 -2.59 -26.62
CA MET F 359 -13.71 -2.03 -26.90
C MET F 359 -14.51 -2.92 -27.84
N TRP F 360 -15.82 -2.95 -27.62
CA TRP F 360 -16.76 -3.70 -28.45
C TRP F 360 -17.27 -2.83 -29.60
N GLU F 361 -17.92 -3.48 -30.56
CA GLU F 361 -18.65 -2.78 -31.60
C GLU F 361 -20.10 -2.59 -31.18
N GLU F 362 -20.83 -1.80 -31.97
CA GLU F 362 -22.20 -1.47 -31.59
C GLU F 362 -23.13 -2.67 -31.67
N GLU F 363 -22.91 -3.56 -32.63
CA GLU F 363 -23.77 -4.73 -32.78
C GLU F 363 -23.71 -5.60 -31.54
N LYS F 364 -22.51 -5.82 -30.99
CA LYS F 364 -22.37 -6.64 -29.80
C LYS F 364 -23.12 -6.02 -28.63
N VAL F 365 -23.02 -4.70 -28.49
CA VAL F 365 -23.72 -4.00 -27.42
C VAL F 365 -25.23 -4.22 -27.55
N ASN F 366 -25.76 -4.05 -28.76
CA ASN F 366 -27.20 -4.18 -28.95
C ASN F 366 -27.67 -5.61 -28.69
N LEU F 367 -26.93 -6.61 -29.17
CA LEU F 367 -27.31 -8.00 -28.91
C LEU F 367 -27.29 -8.31 -27.42
N GLU F 368 -26.26 -7.87 -26.70
CA GLU F 368 -26.21 -8.13 -25.27
C GLU F 368 -27.36 -7.45 -24.55
N LEU F 369 -27.68 -6.22 -24.94
CA LEU F 369 -28.79 -5.50 -24.32
C LEU F 369 -30.10 -6.25 -24.54
N GLN F 370 -30.33 -6.73 -25.76
CA GLN F 370 -31.55 -7.47 -26.04
C GLN F 370 -31.64 -8.73 -25.20
N LYS F 371 -30.53 -9.47 -25.10
CA LYS F 371 -30.54 -10.70 -24.31
C LYS F 371 -30.86 -10.42 -22.85
N TYR F 372 -30.23 -9.39 -22.29
CA TYR F 372 -30.45 -9.09 -20.88
C TYR F 372 -31.90 -8.68 -20.62
N MET F 373 -32.48 -7.84 -21.47
CA MET F 373 -33.86 -7.43 -21.24
C MET F 373 -34.83 -8.61 -21.37
N THR F 374 -34.63 -9.46 -22.38
CA THR F 374 -35.52 -10.61 -22.52
C THR F 374 -35.43 -11.54 -21.31
N ARG F 375 -34.21 -11.83 -20.85
CA ARG F 375 -34.06 -12.71 -19.70
C ARG F 375 -34.68 -12.10 -18.45
N ALA F 376 -34.53 -10.79 -18.26
CA ALA F 376 -35.13 -10.14 -17.11
C ALA F 376 -36.65 -10.27 -17.14
N PHE F 377 -37.26 -10.08 -18.32
CA PHE F 377 -38.71 -10.20 -18.39
C PHE F 377 -39.17 -11.63 -18.10
N HIS F 378 -38.43 -12.63 -18.61
CA HIS F 378 -38.85 -14.00 -18.33
C HIS F 378 -38.77 -14.30 -16.83
N ASN F 379 -37.71 -13.82 -16.17
CA ASN F 379 -37.61 -14.02 -14.72
C ASN F 379 -38.74 -13.34 -13.98
N ILE F 380 -39.08 -12.11 -14.37
CA ILE F 380 -40.13 -11.38 -13.67
C ILE F 380 -41.48 -12.07 -13.88
N LYS F 381 -41.72 -12.61 -15.07
CA LYS F 381 -42.97 -13.31 -15.33
C LYS F 381 -43.07 -14.58 -14.49
N THR F 382 -41.98 -15.34 -14.38
CA THR F 382 -42.00 -16.53 -13.55
C THR F 382 -42.27 -16.18 -12.10
N MET F 383 -41.60 -15.14 -11.58
CA MET F 383 -41.80 -14.80 -10.17
C MET F 383 -43.21 -14.27 -9.94
N CYS F 384 -43.77 -13.58 -10.92
CA CYS F 384 -45.16 -13.12 -10.82
C CYS F 384 -46.13 -14.28 -10.81
N HIS F 385 -45.86 -15.32 -11.60
CA HIS F 385 -46.72 -16.48 -11.62
C HIS F 385 -46.62 -17.29 -10.32
N THR F 386 -45.44 -17.30 -9.69
CA THR F 386 -45.27 -18.10 -8.48
C THR F 386 -46.15 -17.61 -7.34
N HIS F 387 -46.22 -16.29 -7.13
CA HIS F 387 -46.88 -15.72 -5.96
C HIS F 387 -48.26 -15.16 -6.25
N SER F 388 -48.70 -15.20 -7.51
CA SER F 388 -50.05 -14.74 -7.89
C SER F 388 -50.27 -13.28 -7.53
N CYS F 389 -49.49 -12.41 -8.18
CA CYS F 389 -49.63 -10.96 -8.02
C CYS F 389 -49.55 -10.33 -9.42
N ASN F 390 -49.41 -9.01 -9.46
CA ASN F 390 -49.25 -8.31 -10.73
C ASN F 390 -47.77 -8.14 -11.06
N LEU F 391 -47.49 -7.33 -12.08
CA LEU F 391 -46.11 -7.22 -12.57
C LEU F 391 -45.25 -6.38 -11.63
N ARG F 392 -45.78 -5.28 -11.10
CA ARG F 392 -44.98 -4.40 -10.25
C ARG F 392 -44.48 -5.14 -9.01
N MET F 393 -45.39 -5.83 -8.32
CA MET F 393 -44.99 -6.55 -7.13
C MET F 393 -44.13 -7.74 -7.48
N GLY F 394 -44.29 -8.31 -8.67
CA GLY F 394 -43.36 -9.33 -9.11
C GLY F 394 -41.94 -8.80 -9.22
N ALA F 395 -41.78 -7.62 -9.84
CA ALA F 395 -40.46 -7.01 -9.96
C ALA F 395 -39.85 -6.76 -8.60
N PHE F 396 -40.60 -6.11 -7.70
CA PHE F 396 -40.04 -5.76 -6.41
C PHE F 396 -39.74 -7.01 -5.58
N THR F 397 -40.60 -8.03 -5.66
CA THR F 397 -40.33 -9.28 -4.97
C THR F 397 -39.05 -9.92 -5.47
N LEU F 398 -38.86 -9.93 -6.80
CA LEU F 398 -37.64 -10.54 -7.35
C LEU F 398 -36.40 -9.81 -6.86
N GLY F 399 -36.41 -8.48 -6.91
CA GLY F 399 -35.25 -7.74 -6.45
C GLY F 399 -34.94 -7.97 -4.98
N VAL F 400 -35.97 -7.85 -4.13
CA VAL F 400 -35.75 -8.01 -2.70
C VAL F 400 -35.28 -9.42 -2.39
N ASN F 401 -35.85 -10.42 -3.07
CA ASN F 401 -35.44 -11.79 -2.83
C ASN F 401 -33.97 -12.02 -3.19
N ARG F 402 -33.54 -11.48 -4.34
CA ARG F 402 -32.13 -11.63 -4.72
C ARG F 402 -31.22 -11.01 -3.69
N VAL F 403 -31.52 -9.78 -3.26
CA VAL F 403 -30.63 -9.08 -2.34
C VAL F 403 -30.59 -9.80 -0.99
N ALA F 404 -31.75 -10.22 -0.47
CA ALA F 404 -31.78 -10.91 0.80
C ALA F 404 -31.04 -12.24 0.73
N ARG F 405 -31.21 -12.98 -0.37
CA ARG F 405 -30.52 -14.25 -0.51
C ARG F 405 -29.02 -14.07 -0.51
N ALA F 406 -28.52 -13.08 -1.25
CA ALA F 406 -27.08 -12.83 -1.24
C ALA F 406 -26.59 -12.43 0.15
N THR F 407 -27.34 -11.57 0.84
CA THR F 407 -26.93 -11.12 2.17
C THR F 407 -26.85 -12.28 3.15
N GLN F 408 -27.85 -13.16 3.17
CA GLN F 408 -27.80 -14.28 4.10
C GLN F 408 -26.76 -15.31 3.69
N LEU F 409 -26.49 -15.46 2.38
CA LEU F 409 -25.47 -16.39 1.96
C LEU F 409 -24.08 -15.93 2.32
N ARG F 410 -23.87 -14.61 2.36
CA ARG F 410 -22.52 -14.08 2.56
C ARG F 410 -22.05 -14.28 4.00
N GLY F 411 -22.95 -14.17 4.96
CA GLY F 411 -22.58 -14.45 6.35
C GLY F 411 -22.90 -13.34 7.33
N TRP F 412 -22.94 -13.67 8.62
CA TRP F 412 -23.29 -12.72 9.67
C TRP F 412 -22.26 -12.68 10.80
N GLU F 413 -21.01 -13.04 10.52
CA GLU F 413 -19.99 -13.21 11.57
C GLU F 413 -20.48 -14.18 12.64
N ALA F 414 -20.79 -15.39 12.17
CA ALA F 414 -21.37 -16.45 13.00
C ALA F 414 -22.68 -15.99 13.64
CA CA G . 26.77 6.74 -6.67
CA CA H . 0.00 -19.23 20.98
CA CA I . -13.91 23.31 8.49
CA CA J . 3.58 17.31 -22.36
CA CA K . 11.10 -25.57 -6.05
CA CA L . -27.85 -2.92 5.20
#